data_4N2S
# 
_entry.id   4N2S 
# 
_audit_conform.dict_name       mmcif_pdbx.dic 
_audit_conform.dict_version    5.389 
_audit_conform.dict_location   http://mmcif.pdb.org/dictionaries/ascii/mmcif_pdbx.dic 
# 
loop_
_database_2.database_id 
_database_2.database_code 
_database_2.pdbx_database_accession 
_database_2.pdbx_DOI 
PDB   4N2S         pdb_00004n2s 10.2210/pdb4n2s/pdb 
NDB   NA2714       ?            ?                   
RCSB  RCSB082679   ?            ?                   
WWPDB D_1000082679 ?            ?                   
# 
loop_
_pdbx_audit_revision_history.ordinal 
_pdbx_audit_revision_history.data_content_type 
_pdbx_audit_revision_history.major_revision 
_pdbx_audit_revision_history.minor_revision 
_pdbx_audit_revision_history.revision_date 
1 'Structure model' 1 0 2013-10-30 
2 'Structure model' 1 1 2013-11-20 
3 'Structure model' 1 2 2014-01-08 
4 'Structure model' 1 3 2024-02-28 
5 'Structure model' 1 4 2024-04-03 
# 
_pdbx_audit_revision_details.ordinal             1 
_pdbx_audit_revision_details.revision_ordinal    1 
_pdbx_audit_revision_details.data_content_type   'Structure model' 
_pdbx_audit_revision_details.provider            repository 
_pdbx_audit_revision_details.type                'Initial release' 
_pdbx_audit_revision_details.description         ? 
_pdbx_audit_revision_details.details             ? 
# 
loop_
_pdbx_audit_revision_group.ordinal 
_pdbx_audit_revision_group.revision_ordinal 
_pdbx_audit_revision_group.data_content_type 
_pdbx_audit_revision_group.group 
1 2 'Structure model' 'Database references'    
2 3 'Structure model' 'Database references'    
3 4 'Structure model' 'Data collection'        
4 4 'Structure model' 'Database references'    
5 5 'Structure model' 'Refinement description' 
# 
loop_
_pdbx_audit_revision_category.ordinal 
_pdbx_audit_revision_category.revision_ordinal 
_pdbx_audit_revision_category.data_content_type 
_pdbx_audit_revision_category.category 
1 4 'Structure model' chem_comp_atom                
2 4 'Structure model' chem_comp_bond                
3 4 'Structure model' database_2                    
4 5 'Structure model' pdbx_initial_refinement_model 
# 
loop_
_pdbx_audit_revision_item.ordinal 
_pdbx_audit_revision_item.revision_ordinal 
_pdbx_audit_revision_item.data_content_type 
_pdbx_audit_revision_item.item 
1 4 'Structure model' '_database_2.pdbx_DOI'                
2 4 'Structure model' '_database_2.pdbx_database_accession' 
# 
_pdbx_database_status.status_code                     REL 
_pdbx_database_status.entry_id                        4N2S 
_pdbx_database_status.recvd_initial_deposition_date   2013-10-06 
_pdbx_database_status.deposit_site                    RCSB 
_pdbx_database_status.process_site                    RCSB 
_pdbx_database_status.status_code_sf                  REL 
_pdbx_database_status.status_code_mr                  ? 
_pdbx_database_status.SG_entry                        ? 
_pdbx_database_status.status_code_cs                  ? 
_pdbx_database_status.methods_development_category    ? 
_pdbx_database_status.pdb_format_compatible           Y 
_pdbx_database_status.status_code_nmr_data            ? 
# 
loop_
_pdbx_database_related.db_name 
_pdbx_database_related.db_id 
_pdbx_database_related.details 
_pdbx_database_related.content_type 
PDB 4ME2 'Apo THA8 structure'                     unspecified 
PDB 4N2Q 'THA8 structure in complex with Zm4 RNA' unspecified 
# 
loop_
_audit_author.name 
_audit_author.pdbx_ordinal 
'Ke, J.'          1 
'Chen, R.Z.'      2 
'Ban, T.'         3 
'Zhou, X.E.'      4 
'Gu, X.'          5 
'Brunzelle, J.S.' 6 
'Zhu, J.K.'       7 
'Melcher, K.'     8 
'Xu, H.E.'        9 
# 
_citation.id                        primary 
_citation.title                     'Structural basis for RNA recognition by a dimeric PPR-protein complex.' 
_citation.journal_abbrev            Nat.Struct.Mol.Biol. 
_citation.journal_volume            20 
_citation.page_first                1377 
_citation.page_last                 1382 
_citation.year                      2013 
_citation.journal_id_ASTM           ? 
_citation.country                   US 
_citation.journal_id_ISSN           1545-9993 
_citation.journal_id_CSD            ? 
_citation.book_publisher            ? 
_citation.pdbx_database_id_PubMed   24186060 
_citation.pdbx_database_id_DOI      10.1038/nsmb.2710 
# 
loop_
_citation_author.citation_id 
_citation_author.name 
_citation_author.ordinal 
_citation_author.identifier_ORCID 
primary 'Ke, J.'          1  ? 
primary 'Chen, R.Z.'      2  ? 
primary 'Ban, T.'         3  ? 
primary 'Zhou, X.E.'      4  ? 
primary 'Gu, X.'          5  ? 
primary 'Tan, M.H.'       6  ? 
primary 'Chen, C.'        7  ? 
primary 'Kang, Y.'        8  ? 
primary 'Brunzelle, J.S.' 9  ? 
primary 'Zhu, J.K.'       10 ? 
primary 'Melcher, K.'     11 ? 
primary 'Xu, H.E.'        12 ? 
# 
loop_
_entity.id 
_entity.type 
_entity.src_method 
_entity.pdbx_description 
_entity.formula_weight 
_entity.pdbx_number_of_molecules 
_entity.pdbx_ec 
_entity.pdbx_mutation 
_entity.pdbx_fragment 
_entity.details 
1 polymer man 'THA8 RNA binding protein' 27752.734 1  ? ? ? ? 
2 polymer syn 'Zm1a-6 RNA'               3837.327  1  ? ? ? ? 
3 water   nat water                      18.015    15 ? ? ? ? 
# 
loop_
_entity_poly.entity_id 
_entity_poly.type 
_entity_poly.nstd_linkage 
_entity_poly.nstd_monomer 
_entity_poly.pdbx_seq_one_letter_code 
_entity_poly.pdbx_seq_one_letter_code_can 
_entity_poly.pdbx_strand_id 
_entity_poly.pdbx_target_identifier 
1 'polypeptide(L)'   no no 
;MASLLFLPHTTPAPTLRAKLLPGPRTIITCGPRDNRGPLQRGRSLSTEAIHAVQALKRLTAADRSPPAATAAASAALGRL
LRADLLAAMAELQRQGHWSLALAALHVARAEPWYRPDPELYATFVSSSPSNDPAAAAAVDALVEAFIEEKERGAAGGSSE
GVWVGEDVYKLTRLVRALVAKGRARAAWRVYEAAVRKGGCEVDEYMYRVMAKGMKRLGLDEEAAEVEADLADWEARHLPD
EMRPREKSKTAVTGSVV
;
;MASLLFLPHTTPAPTLRAKLLPGPRTIITCGPRDNRGPLQRGRSLSTEAIHAVQALKRLTAADRSPPAATAAASAALGRL
LRADLLAAMAELQRQGHWSLALAALHVARAEPWYRPDPELYATFVSSSPSNDPAAAAAVDALVEAFIEEKERGAAGGSSE
GVWVGEDVYKLTRLVRALVAKGRARAAWRVYEAAVRKGGCEVDEYMYRVMAKGMKRLGLDEEAAEVEADLADWEARHLPD
EMRPREKSKTAVTGSVV
;
A ? 
2 polyribonucleotide no no GAGGAAAUUUUC GAGGAAAUUUUC B ? 
# 
_pdbx_entity_nonpoly.entity_id   3 
_pdbx_entity_nonpoly.name        water 
_pdbx_entity_nonpoly.comp_id     HOH 
# 
loop_
_entity_poly_seq.entity_id 
_entity_poly_seq.num 
_entity_poly_seq.mon_id 
_entity_poly_seq.hetero 
1 1   MET n 
1 2   ALA n 
1 3   SER n 
1 4   LEU n 
1 5   LEU n 
1 6   PHE n 
1 7   LEU n 
1 8   PRO n 
1 9   HIS n 
1 10  THR n 
1 11  THR n 
1 12  PRO n 
1 13  ALA n 
1 14  PRO n 
1 15  THR n 
1 16  LEU n 
1 17  ARG n 
1 18  ALA n 
1 19  LYS n 
1 20  LEU n 
1 21  LEU n 
1 22  PRO n 
1 23  GLY n 
1 24  PRO n 
1 25  ARG n 
1 26  THR n 
1 27  ILE n 
1 28  ILE n 
1 29  THR n 
1 30  CYS n 
1 31  GLY n 
1 32  PRO n 
1 33  ARG n 
1 34  ASP n 
1 35  ASN n 
1 36  ARG n 
1 37  GLY n 
1 38  PRO n 
1 39  LEU n 
1 40  GLN n 
1 41  ARG n 
1 42  GLY n 
1 43  ARG n 
1 44  SER n 
1 45  LEU n 
1 46  SER n 
1 47  THR n 
1 48  GLU n 
1 49  ALA n 
1 50  ILE n 
1 51  HIS n 
1 52  ALA n 
1 53  VAL n 
1 54  GLN n 
1 55  ALA n 
1 56  LEU n 
1 57  LYS n 
1 58  ARG n 
1 59  LEU n 
1 60  THR n 
1 61  ALA n 
1 62  ALA n 
1 63  ASP n 
1 64  ARG n 
1 65  SER n 
1 66  PRO n 
1 67  PRO n 
1 68  ALA n 
1 69  ALA n 
1 70  THR n 
1 71  ALA n 
1 72  ALA n 
1 73  ALA n 
1 74  SER n 
1 75  ALA n 
1 76  ALA n 
1 77  LEU n 
1 78  GLY n 
1 79  ARG n 
1 80  LEU n 
1 81  LEU n 
1 82  ARG n 
1 83  ALA n 
1 84  ASP n 
1 85  LEU n 
1 86  LEU n 
1 87  ALA n 
1 88  ALA n 
1 89  MET n 
1 90  ALA n 
1 91  GLU n 
1 92  LEU n 
1 93  GLN n 
1 94  ARG n 
1 95  GLN n 
1 96  GLY n 
1 97  HIS n 
1 98  TRP n 
1 99  SER n 
1 100 LEU n 
1 101 ALA n 
1 102 LEU n 
1 103 ALA n 
1 104 ALA n 
1 105 LEU n 
1 106 HIS n 
1 107 VAL n 
1 108 ALA n 
1 109 ARG n 
1 110 ALA n 
1 111 GLU n 
1 112 PRO n 
1 113 TRP n 
1 114 TYR n 
1 115 ARG n 
1 116 PRO n 
1 117 ASP n 
1 118 PRO n 
1 119 GLU n 
1 120 LEU n 
1 121 TYR n 
1 122 ALA n 
1 123 THR n 
1 124 PHE n 
1 125 VAL n 
1 126 SER n 
1 127 SER n 
1 128 SER n 
1 129 PRO n 
1 130 SER n 
1 131 ASN n 
1 132 ASP n 
1 133 PRO n 
1 134 ALA n 
1 135 ALA n 
1 136 ALA n 
1 137 ALA n 
1 138 ALA n 
1 139 VAL n 
1 140 ASP n 
1 141 ALA n 
1 142 LEU n 
1 143 VAL n 
1 144 GLU n 
1 145 ALA n 
1 146 PHE n 
1 147 ILE n 
1 148 GLU n 
1 149 GLU n 
1 150 LYS n 
1 151 GLU n 
1 152 ARG n 
1 153 GLY n 
1 154 ALA n 
1 155 ALA n 
1 156 GLY n 
1 157 GLY n 
1 158 SER n 
1 159 SER n 
1 160 GLU n 
1 161 GLY n 
1 162 VAL n 
1 163 TRP n 
1 164 VAL n 
1 165 GLY n 
1 166 GLU n 
1 167 ASP n 
1 168 VAL n 
1 169 TYR n 
1 170 LYS n 
1 171 LEU n 
1 172 THR n 
1 173 ARG n 
1 174 LEU n 
1 175 VAL n 
1 176 ARG n 
1 177 ALA n 
1 178 LEU n 
1 179 VAL n 
1 180 ALA n 
1 181 LYS n 
1 182 GLY n 
1 183 ARG n 
1 184 ALA n 
1 185 ARG n 
1 186 ALA n 
1 187 ALA n 
1 188 TRP n 
1 189 ARG n 
1 190 VAL n 
1 191 TYR n 
1 192 GLU n 
1 193 ALA n 
1 194 ALA n 
1 195 VAL n 
1 196 ARG n 
1 197 LYS n 
1 198 GLY n 
1 199 GLY n 
1 200 CYS n 
1 201 GLU n 
1 202 VAL n 
1 203 ASP n 
1 204 GLU n 
1 205 TYR n 
1 206 MET n 
1 207 TYR n 
1 208 ARG n 
1 209 VAL n 
1 210 MET n 
1 211 ALA n 
1 212 LYS n 
1 213 GLY n 
1 214 MET n 
1 215 LYS n 
1 216 ARG n 
1 217 LEU n 
1 218 GLY n 
1 219 LEU n 
1 220 ASP n 
1 221 GLU n 
1 222 GLU n 
1 223 ALA n 
1 224 ALA n 
1 225 GLU n 
1 226 VAL n 
1 227 GLU n 
1 228 ALA n 
1 229 ASP n 
1 230 LEU n 
1 231 ALA n 
1 232 ASP n 
1 233 TRP n 
1 234 GLU n 
1 235 ALA n 
1 236 ARG n 
1 237 HIS n 
1 238 LEU n 
1 239 PRO n 
1 240 ASP n 
1 241 GLU n 
1 242 MET n 
1 243 ARG n 
1 244 PRO n 
1 245 ARG n 
1 246 GLU n 
1 247 LYS n 
1 248 SER n 
1 249 LYS n 
1 250 THR n 
1 251 ALA n 
1 252 VAL n 
1 253 THR n 
1 254 GLY n 
1 255 SER n 
1 256 VAL n 
1 257 VAL n 
2 1   G   n 
2 2   A   n 
2 3   G   n 
2 4   G   n 
2 5   A   n 
2 6   A   n 
2 7   A   n 
2 8   U   n 
2 9   U   n 
2 10  U   n 
2 11  U   n 
2 12  C   n 
# 
_entity_src_gen.entity_id                          1 
_entity_src_gen.pdbx_src_id                        1 
_entity_src_gen.pdbx_alt_source_flag               sample 
_entity_src_gen.pdbx_seq_type                      ? 
_entity_src_gen.pdbx_beg_seq_num                   ? 
_entity_src_gen.pdbx_end_seq_num                   ? 
_entity_src_gen.gene_src_common_name               'Purple false brome' 
_entity_src_gen.gene_src_genus                     ? 
_entity_src_gen.pdbx_gene_src_gene                 'BRADI2G00245, BRADI2G00270' 
_entity_src_gen.gene_src_species                   ? 
_entity_src_gen.gene_src_strain                    ? 
_entity_src_gen.gene_src_tissue                    ? 
_entity_src_gen.gene_src_tissue_fraction           ? 
_entity_src_gen.gene_src_details                   ? 
_entity_src_gen.pdbx_gene_src_fragment             ? 
_entity_src_gen.pdbx_gene_src_scientific_name      'Brachypodium distachyon' 
_entity_src_gen.pdbx_gene_src_ncbi_taxonomy_id     15368 
_entity_src_gen.pdbx_gene_src_variant              ? 
_entity_src_gen.pdbx_gene_src_cell_line            ? 
_entity_src_gen.pdbx_gene_src_atcc                 ? 
_entity_src_gen.pdbx_gene_src_organ                ? 
_entity_src_gen.pdbx_gene_src_organelle            ? 
_entity_src_gen.pdbx_gene_src_cell                 ? 
_entity_src_gen.pdbx_gene_src_cellular_location    ? 
_entity_src_gen.host_org_common_name               ? 
_entity_src_gen.pdbx_host_org_scientific_name      'Escherichia coli' 
_entity_src_gen.pdbx_host_org_ncbi_taxonomy_id     511693 
_entity_src_gen.host_org_genus                     ? 
_entity_src_gen.pdbx_host_org_gene                 ? 
_entity_src_gen.pdbx_host_org_organ                ? 
_entity_src_gen.host_org_species                   ? 
_entity_src_gen.pdbx_host_org_tissue               ? 
_entity_src_gen.pdbx_host_org_tissue_fraction      ? 
_entity_src_gen.pdbx_host_org_strain               BL21 
_entity_src_gen.pdbx_host_org_variant              ? 
_entity_src_gen.pdbx_host_org_cell_line            ? 
_entity_src_gen.pdbx_host_org_atcc                 ? 
_entity_src_gen.pdbx_host_org_culture_collection   ? 
_entity_src_gen.pdbx_host_org_cell                 ? 
_entity_src_gen.pdbx_host_org_organelle            ? 
_entity_src_gen.pdbx_host_org_cellular_location    ? 
_entity_src_gen.pdbx_host_org_vector_type          Plasmid 
_entity_src_gen.pdbx_host_org_vector               ? 
_entity_src_gen.host_org_details                   ? 
_entity_src_gen.expression_system_id               ? 
_entity_src_gen.plasmid_name                       pET24a 
_entity_src_gen.plasmid_details                    ? 
_entity_src_gen.pdbx_description                   ? 
# 
_pdbx_entity_src_syn.entity_id              2 
_pdbx_entity_src_syn.pdbx_src_id            1 
_pdbx_entity_src_syn.pdbx_alt_source_flag   sample 
_pdbx_entity_src_syn.pdbx_beg_seq_num       ? 
_pdbx_entity_src_syn.pdbx_end_seq_num       ? 
_pdbx_entity_src_syn.organism_scientific    ? 
_pdbx_entity_src_syn.organism_common_name   ? 
_pdbx_entity_src_syn.ncbi_taxonomy_id       ? 
_pdbx_entity_src_syn.details                'Zm1a-6 RNA sequence is chemically synthesized.' 
# 
loop_
_chem_comp.id 
_chem_comp.type 
_chem_comp.mon_nstd_flag 
_chem_comp.name 
_chem_comp.pdbx_synonyms 
_chem_comp.formula 
_chem_comp.formula_weight 
A   'RNA linking'       y "ADENOSINE-5'-MONOPHOSPHATE" ? 'C10 H14 N5 O7 P' 347.221 
ALA 'L-peptide linking' y ALANINE                      ? 'C3 H7 N O2'      89.093  
ARG 'L-peptide linking' y ARGININE                     ? 'C6 H15 N4 O2 1'  175.209 
ASN 'L-peptide linking' y ASPARAGINE                   ? 'C4 H8 N2 O3'     132.118 
ASP 'L-peptide linking' y 'ASPARTIC ACID'              ? 'C4 H7 N O4'      133.103 
C   'RNA linking'       y "CYTIDINE-5'-MONOPHOSPHATE"  ? 'C9 H14 N3 O8 P'  323.197 
CYS 'L-peptide linking' y CYSTEINE                     ? 'C3 H7 N O2 S'    121.158 
G   'RNA linking'       y "GUANOSINE-5'-MONOPHOSPHATE" ? 'C10 H14 N5 O8 P' 363.221 
GLN 'L-peptide linking' y GLUTAMINE                    ? 'C5 H10 N2 O3'    146.144 
GLU 'L-peptide linking' y 'GLUTAMIC ACID'              ? 'C5 H9 N O4'      147.129 
GLY 'peptide linking'   y GLYCINE                      ? 'C2 H5 N O2'      75.067  
HIS 'L-peptide linking' y HISTIDINE                    ? 'C6 H10 N3 O2 1'  156.162 
HOH non-polymer         . WATER                        ? 'H2 O'            18.015  
ILE 'L-peptide linking' y ISOLEUCINE                   ? 'C6 H13 N O2'     131.173 
LEU 'L-peptide linking' y LEUCINE                      ? 'C6 H13 N O2'     131.173 
LYS 'L-peptide linking' y LYSINE                       ? 'C6 H15 N2 O2 1'  147.195 
MET 'L-peptide linking' y METHIONINE                   ? 'C5 H11 N O2 S'   149.211 
PHE 'L-peptide linking' y PHENYLALANINE                ? 'C9 H11 N O2'     165.189 
PRO 'L-peptide linking' y PROLINE                      ? 'C5 H9 N O2'      115.130 
SER 'L-peptide linking' y SERINE                       ? 'C3 H7 N O3'      105.093 
THR 'L-peptide linking' y THREONINE                    ? 'C4 H9 N O3'      119.119 
TRP 'L-peptide linking' y TRYPTOPHAN                   ? 'C11 H12 N2 O2'   204.225 
TYR 'L-peptide linking' y TYROSINE                     ? 'C9 H11 N O3'     181.189 
U   'RNA linking'       y "URIDINE-5'-MONOPHOSPHATE"   ? 'C9 H13 N2 O9 P'  324.181 
VAL 'L-peptide linking' y VALINE                       ? 'C5 H11 N O2'     117.146 
# 
loop_
_pdbx_poly_seq_scheme.asym_id 
_pdbx_poly_seq_scheme.entity_id 
_pdbx_poly_seq_scheme.seq_id 
_pdbx_poly_seq_scheme.mon_id 
_pdbx_poly_seq_scheme.ndb_seq_num 
_pdbx_poly_seq_scheme.pdb_seq_num 
_pdbx_poly_seq_scheme.auth_seq_num 
_pdbx_poly_seq_scheme.pdb_mon_id 
_pdbx_poly_seq_scheme.auth_mon_id 
_pdbx_poly_seq_scheme.pdb_strand_id 
_pdbx_poly_seq_scheme.pdb_ins_code 
_pdbx_poly_seq_scheme.hetero 
A 1 1   MET 1   1   ?   ?   ?   A . n 
A 1 2   ALA 2   2   ?   ?   ?   A . n 
A 1 3   SER 3   3   ?   ?   ?   A . n 
A 1 4   LEU 4   4   ?   ?   ?   A . n 
A 1 5   LEU 5   5   ?   ?   ?   A . n 
A 1 6   PHE 6   6   ?   ?   ?   A . n 
A 1 7   LEU 7   7   ?   ?   ?   A . n 
A 1 8   PRO 8   8   ?   ?   ?   A . n 
A 1 9   HIS 9   9   ?   ?   ?   A . n 
A 1 10  THR 10  10  ?   ?   ?   A . n 
A 1 11  THR 11  11  ?   ?   ?   A . n 
A 1 12  PRO 12  12  ?   ?   ?   A . n 
A 1 13  ALA 13  13  ?   ?   ?   A . n 
A 1 14  PRO 14  14  ?   ?   ?   A . n 
A 1 15  THR 15  15  ?   ?   ?   A . n 
A 1 16  LEU 16  16  ?   ?   ?   A . n 
A 1 17  ARG 17  17  ?   ?   ?   A . n 
A 1 18  ALA 18  18  ?   ?   ?   A . n 
A 1 19  LYS 19  19  ?   ?   ?   A . n 
A 1 20  LEU 20  20  ?   ?   ?   A . n 
A 1 21  LEU 21  21  ?   ?   ?   A . n 
A 1 22  PRO 22  22  ?   ?   ?   A . n 
A 1 23  GLY 23  23  ?   ?   ?   A . n 
A 1 24  PRO 24  24  ?   ?   ?   A . n 
A 1 25  ARG 25  25  ?   ?   ?   A . n 
A 1 26  THR 26  26  ?   ?   ?   A . n 
A 1 27  ILE 27  27  ?   ?   ?   A . n 
A 1 28  ILE 28  28  ?   ?   ?   A . n 
A 1 29  THR 29  29  ?   ?   ?   A . n 
A 1 30  CYS 30  30  ?   ?   ?   A . n 
A 1 31  GLY 31  31  ?   ?   ?   A . n 
A 1 32  PRO 32  32  ?   ?   ?   A . n 
A 1 33  ARG 33  33  ?   ?   ?   A . n 
A 1 34  ASP 34  34  ?   ?   ?   A . n 
A 1 35  ASN 35  35  ?   ?   ?   A . n 
A 1 36  ARG 36  36  ?   ?   ?   A . n 
A 1 37  GLY 37  37  ?   ?   ?   A . n 
A 1 38  PRO 38  38  ?   ?   ?   A . n 
A 1 39  LEU 39  39  ?   ?   ?   A . n 
A 1 40  GLN 40  40  ?   ?   ?   A . n 
A 1 41  ARG 41  41  ?   ?   ?   A . n 
A 1 42  GLY 42  42  ?   ?   ?   A . n 
A 1 43  ARG 43  43  ?   ?   ?   A . n 
A 1 44  SER 44  44  44  SER SER A . n 
A 1 45  LEU 45  45  45  LEU LEU A . n 
A 1 46  SER 46  46  46  SER SER A . n 
A 1 47  THR 47  47  47  THR THR A . n 
A 1 48  GLU 48  48  48  GLU GLU A . n 
A 1 49  ALA 49  49  49  ALA ALA A . n 
A 1 50  ILE 50  50  50  ILE ILE A . n 
A 1 51  HIS 51  51  51  HIS HIS A . n 
A 1 52  ALA 52  52  52  ALA ALA A . n 
A 1 53  VAL 53  53  53  VAL VAL A . n 
A 1 54  GLN 54  54  54  GLN GLN A . n 
A 1 55  ALA 55  55  55  ALA ALA A . n 
A 1 56  LEU 56  56  56  LEU LEU A . n 
A 1 57  LYS 57  57  57  LYS LYS A . n 
A 1 58  ARG 58  58  58  ARG ARG A . n 
A 1 59  LEU 59  59  59  LEU LEU A . n 
A 1 60  THR 60  60  60  THR THR A . n 
A 1 61  ALA 61  61  61  ALA ALA A . n 
A 1 62  ALA 62  62  62  ALA ALA A . n 
A 1 63  ASP 63  63  63  ASP ASP A . n 
A 1 64  ARG 64  64  64  ARG ARG A . n 
A 1 65  SER 65  65  65  SER SER A . n 
A 1 66  PRO 66  66  66  PRO PRO A . n 
A 1 67  PRO 67  67  67  PRO PRO A . n 
A 1 68  ALA 68  68  68  ALA ALA A . n 
A 1 69  ALA 69  69  69  ALA ALA A . n 
A 1 70  THR 70  70  70  THR THR A . n 
A 1 71  ALA 71  71  71  ALA ALA A . n 
A 1 72  ALA 72  72  72  ALA ALA A . n 
A 1 73  ALA 73  73  73  ALA ALA A . n 
A 1 74  SER 74  74  74  SER SER A . n 
A 1 75  ALA 75  75  75  ALA ALA A . n 
A 1 76  ALA 76  76  76  ALA ALA A . n 
A 1 77  LEU 77  77  77  LEU LEU A . n 
A 1 78  GLY 78  78  78  GLY GLY A . n 
A 1 79  ARG 79  79  79  ARG ARG A . n 
A 1 80  LEU 80  80  80  LEU LEU A . n 
A 1 81  LEU 81  81  81  LEU LEU A . n 
A 1 82  ARG 82  82  82  ARG ARG A . n 
A 1 83  ALA 83  83  83  ALA ALA A . n 
A 1 84  ASP 84  84  84  ASP ASP A . n 
A 1 85  LEU 85  85  85  LEU LEU A . n 
A 1 86  LEU 86  86  86  LEU LEU A . n 
A 1 87  ALA 87  87  87  ALA ALA A . n 
A 1 88  ALA 88  88  88  ALA ALA A . n 
A 1 89  MET 89  89  89  MET MET A . n 
A 1 90  ALA 90  90  90  ALA ALA A . n 
A 1 91  GLU 91  91  91  GLU GLU A . n 
A 1 92  LEU 92  92  92  LEU LEU A . n 
A 1 93  GLN 93  93  93  GLN GLN A . n 
A 1 94  ARG 94  94  94  ARG ARG A . n 
A 1 95  GLN 95  95  95  GLN GLN A . n 
A 1 96  GLY 96  96  96  GLY GLY A . n 
A 1 97  HIS 97  97  97  HIS HIS A . n 
A 1 98  TRP 98  98  98  TRP TRP A . n 
A 1 99  SER 99  99  99  SER SER A . n 
A 1 100 LEU 100 100 100 LEU LEU A . n 
A 1 101 ALA 101 101 101 ALA ALA A . n 
A 1 102 LEU 102 102 102 LEU LEU A . n 
A 1 103 ALA 103 103 103 ALA ALA A . n 
A 1 104 ALA 104 104 104 ALA ALA A . n 
A 1 105 LEU 105 105 105 LEU LEU A . n 
A 1 106 HIS 106 106 106 HIS HIS A . n 
A 1 107 VAL 107 107 107 VAL VAL A . n 
A 1 108 ALA 108 108 108 ALA ALA A . n 
A 1 109 ARG 109 109 109 ARG ARG A . n 
A 1 110 ALA 110 110 110 ALA ALA A . n 
A 1 111 GLU 111 111 111 GLU GLU A . n 
A 1 112 PRO 112 112 112 PRO PRO A . n 
A 1 113 TRP 113 113 113 TRP TRP A . n 
A 1 114 TYR 114 114 114 TYR TYR A . n 
A 1 115 ARG 115 115 115 ARG ARG A . n 
A 1 116 PRO 116 116 116 PRO PRO A . n 
A 1 117 ASP 117 117 117 ASP ASP A . n 
A 1 118 PRO 118 118 118 PRO PRO A . n 
A 1 119 GLU 119 119 119 GLU GLU A . n 
A 1 120 LEU 120 120 120 LEU LEU A . n 
A 1 121 TYR 121 121 121 TYR TYR A . n 
A 1 122 ALA 122 122 122 ALA ALA A . n 
A 1 123 THR 123 123 123 THR THR A . n 
A 1 124 PHE 124 124 124 PHE PHE A . n 
A 1 125 VAL 125 125 125 VAL VAL A . n 
A 1 126 SER 126 126 126 SER SER A . n 
A 1 127 SER 127 127 127 SER SER A . n 
A 1 128 SER 128 128 128 SER SER A . n 
A 1 129 PRO 129 129 129 PRO PRO A . n 
A 1 130 SER 130 130 130 SER SER A . n 
A 1 131 ASN 131 131 131 ASN ASN A . n 
A 1 132 ASP 132 132 132 ASP ASP A . n 
A 1 133 PRO 133 133 133 PRO PRO A . n 
A 1 134 ALA 134 134 134 ALA ALA A . n 
A 1 135 ALA 135 135 135 ALA ALA A . n 
A 1 136 ALA 136 136 136 ALA ALA A . n 
A 1 137 ALA 137 137 137 ALA ALA A . n 
A 1 138 ALA 138 138 138 ALA ALA A . n 
A 1 139 VAL 139 139 139 VAL VAL A . n 
A 1 140 ASP 140 140 140 ASP ASP A . n 
A 1 141 ALA 141 141 141 ALA ALA A . n 
A 1 142 LEU 142 142 142 LEU LEU A . n 
A 1 143 VAL 143 143 143 VAL VAL A . n 
A 1 144 GLU 144 144 144 GLU GLU A . n 
A 1 145 ALA 145 145 145 ALA ALA A . n 
A 1 146 PHE 146 146 146 PHE PHE A . n 
A 1 147 ILE 147 147 147 ILE ILE A . n 
A 1 148 GLU 148 148 148 GLU GLU A . n 
A 1 149 GLU 149 149 149 GLU GLU A . n 
A 1 150 LYS 150 150 150 LYS LYS A . n 
A 1 151 GLU 151 151 151 GLU GLU A . n 
A 1 152 ARG 152 152 152 ARG ARG A . n 
A 1 153 GLY 153 153 153 GLY GLY A . n 
A 1 154 ALA 154 154 154 ALA ALA A . n 
A 1 155 ALA 155 155 155 ALA ALA A . n 
A 1 156 GLY 156 156 156 GLY GLY A . n 
A 1 157 GLY 157 157 157 GLY GLY A . n 
A 1 158 SER 158 158 158 SER SER A . n 
A 1 159 SER 159 159 159 SER SER A . n 
A 1 160 GLU 160 160 160 GLU GLU A . n 
A 1 161 GLY 161 161 161 GLY GLY A . n 
A 1 162 VAL 162 162 162 VAL VAL A . n 
A 1 163 TRP 163 163 163 TRP TRP A . n 
A 1 164 VAL 164 164 164 VAL VAL A . n 
A 1 165 GLY 165 165 165 GLY GLY A . n 
A 1 166 GLU 166 166 166 GLU GLU A . n 
A 1 167 ASP 167 167 167 ASP ASP A . n 
A 1 168 VAL 168 168 168 VAL VAL A . n 
A 1 169 TYR 169 169 169 TYR TYR A . n 
A 1 170 LYS 170 170 170 LYS LYS A . n 
A 1 171 LEU 171 171 171 LEU LEU A . n 
A 1 172 THR 172 172 172 THR THR A . n 
A 1 173 ARG 173 173 173 ARG ARG A . n 
A 1 174 LEU 174 174 174 LEU LEU A . n 
A 1 175 VAL 175 175 175 VAL VAL A . n 
A 1 176 ARG 176 176 176 ARG ARG A . n 
A 1 177 ALA 177 177 177 ALA ALA A . n 
A 1 178 LEU 178 178 178 LEU LEU A . n 
A 1 179 VAL 179 179 179 VAL VAL A . n 
A 1 180 ALA 180 180 180 ALA ALA A . n 
A 1 181 LYS 181 181 181 LYS LYS A . n 
A 1 182 GLY 182 182 182 GLY GLY A . n 
A 1 183 ARG 183 183 183 ARG ARG A . n 
A 1 184 ALA 184 184 184 ALA ALA A . n 
A 1 185 ARG 185 185 185 ARG ARG A . n 
A 1 186 ALA 186 186 186 ALA ALA A . n 
A 1 187 ALA 187 187 187 ALA ALA A . n 
A 1 188 TRP 188 188 188 TRP TRP A . n 
A 1 189 ARG 189 189 189 ARG ARG A . n 
A 1 190 VAL 190 190 190 VAL VAL A . n 
A 1 191 TYR 191 191 191 TYR TYR A . n 
A 1 192 GLU 192 192 192 GLU GLU A . n 
A 1 193 ALA 193 193 193 ALA ALA A . n 
A 1 194 ALA 194 194 194 ALA ALA A . n 
A 1 195 VAL 195 195 195 VAL VAL A . n 
A 1 196 ARG 196 196 196 ARG ARG A . n 
A 1 197 LYS 197 197 197 LYS LYS A . n 
A 1 198 GLY 198 198 198 GLY GLY A . n 
A 1 199 GLY 199 199 199 GLY GLY A . n 
A 1 200 CYS 200 200 200 CYS CYS A . n 
A 1 201 GLU 201 201 201 GLU GLU A . n 
A 1 202 VAL 202 202 202 VAL VAL A . n 
A 1 203 ASP 203 203 203 ASP ASP A . n 
A 1 204 GLU 204 204 204 GLU GLU A . n 
A 1 205 TYR 205 205 205 TYR TYR A . n 
A 1 206 MET 206 206 206 MET MET A . n 
A 1 207 TYR 207 207 207 TYR TYR A . n 
A 1 208 ARG 208 208 208 ARG ARG A . n 
A 1 209 VAL 209 209 209 VAL VAL A . n 
A 1 210 MET 210 210 210 MET MET A . n 
A 1 211 ALA 211 211 211 ALA ALA A . n 
A 1 212 LYS 212 212 212 LYS LYS A . n 
A 1 213 GLY 213 213 213 GLY GLY A . n 
A 1 214 MET 214 214 214 MET MET A . n 
A 1 215 LYS 215 215 215 LYS LYS A . n 
A 1 216 ARG 216 216 216 ARG ARG A . n 
A 1 217 LEU 217 217 217 LEU LEU A . n 
A 1 218 GLY 218 218 218 GLY GLY A . n 
A 1 219 LEU 219 219 219 LEU LEU A . n 
A 1 220 ASP 220 220 220 ASP ASP A . n 
A 1 221 GLU 221 221 221 GLU GLU A . n 
A 1 222 GLU 222 222 222 GLU GLU A . n 
A 1 223 ALA 223 223 223 ALA ALA A . n 
A 1 224 ALA 224 224 224 ALA ALA A . n 
A 1 225 GLU 225 225 225 GLU GLU A . n 
A 1 226 VAL 226 226 226 VAL VAL A . n 
A 1 227 GLU 227 227 227 GLU GLU A . n 
A 1 228 ALA 228 228 228 ALA ALA A . n 
A 1 229 ASP 229 229 229 ASP ASP A . n 
A 1 230 LEU 230 230 230 LEU LEU A . n 
A 1 231 ALA 231 231 231 ALA ALA A . n 
A 1 232 ASP 232 232 232 ASP ASP A . n 
A 1 233 TRP 233 233 233 TRP TRP A . n 
A 1 234 GLU 234 234 234 GLU GLU A . n 
A 1 235 ALA 235 235 235 ALA ALA A . n 
A 1 236 ARG 236 236 236 ARG ARG A . n 
A 1 237 HIS 237 237 237 HIS HIS A . n 
A 1 238 LEU 238 238 238 LEU LEU A . n 
A 1 239 PRO 239 239 239 PRO PRO A . n 
A 1 240 ASP 240 240 240 ASP ASP A . n 
A 1 241 GLU 241 241 ?   ?   ?   A . n 
A 1 242 MET 242 242 ?   ?   ?   A . n 
A 1 243 ARG 243 243 ?   ?   ?   A . n 
A 1 244 PRO 244 244 ?   ?   ?   A . n 
A 1 245 ARG 245 245 ?   ?   ?   A . n 
A 1 246 GLU 246 246 ?   ?   ?   A . n 
A 1 247 LYS 247 247 ?   ?   ?   A . n 
A 1 248 SER 248 248 ?   ?   ?   A . n 
A 1 249 LYS 249 249 ?   ?   ?   A . n 
A 1 250 THR 250 250 ?   ?   ?   A . n 
A 1 251 ALA 251 251 ?   ?   ?   A . n 
A 1 252 VAL 252 252 ?   ?   ?   A . n 
A 1 253 THR 253 253 ?   ?   ?   A . n 
A 1 254 GLY 254 254 ?   ?   ?   A . n 
A 1 255 SER 255 255 ?   ?   ?   A . n 
A 1 256 VAL 256 256 ?   ?   ?   A . n 
A 1 257 VAL 257 257 ?   ?   ?   A . n 
B 2 1   G   1   1   ?   ?   ?   B . n 
B 2 2   A   2   2   ?   ?   ?   B . n 
B 2 3   G   3   3   3   G   G   B . n 
B 2 4   G   4   4   4   G   G   B . n 
B 2 5   A   5   5   5   A   A   B . n 
B 2 6   A   6   6   6   A   A   B . n 
B 2 7   A   7   7   ?   ?   ?   B . n 
B 2 8   U   8   8   ?   ?   ?   B . n 
B 2 9   U   9   9   ?   ?   ?   B . n 
B 2 10  U   10  10  ?   ?   ?   B . n 
B 2 11  U   11  11  ?   ?   ?   B . n 
B 2 12  C   12  12  ?   ?   ?   B . n 
# 
loop_
_pdbx_nonpoly_scheme.asym_id 
_pdbx_nonpoly_scheme.entity_id 
_pdbx_nonpoly_scheme.mon_id 
_pdbx_nonpoly_scheme.ndb_seq_num 
_pdbx_nonpoly_scheme.pdb_seq_num 
_pdbx_nonpoly_scheme.auth_seq_num 
_pdbx_nonpoly_scheme.pdb_mon_id 
_pdbx_nonpoly_scheme.auth_mon_id 
_pdbx_nonpoly_scheme.pdb_strand_id 
_pdbx_nonpoly_scheme.pdb_ins_code 
C 3 HOH 1  301 1  HOH HOH A . 
C 3 HOH 2  302 2  HOH HOH A . 
C 3 HOH 3  303 3  HOH HOH A . 
C 3 HOH 4  304 4  HOH HOH A . 
C 3 HOH 5  305 6  HOH HOH A . 
C 3 HOH 6  306 7  HOH HOH A . 
C 3 HOH 7  307 9  HOH HOH A . 
C 3 HOH 8  308 10 HOH HOH A . 
C 3 HOH 9  309 11 HOH HOH A . 
C 3 HOH 10 310 12 HOH HOH A . 
C 3 HOH 11 311 13 HOH HOH A . 
C 3 HOH 12 312 15 HOH HOH A . 
D 3 HOH 1  101 5  HOH HOH B . 
D 3 HOH 2  102 8  HOH HOH B . 
D 3 HOH 3  103 14 HOH HOH B . 
# 
loop_
_software.name 
_software.classification 
_software.version 
_software.citation_id 
_software.pdbx_ordinal 
HKL-2000 'data collection' .        ? 1 
PHASER   phasing           .        ? 2 
REFMAC   refinement        5.6.0117 ? 3 
HKL-2000 'data reduction'  .        ? 4 
HKL-2000 'data scaling'    .        ? 5 
# 
_cell.entry_id           4N2S 
_cell.length_a           88.250 
_cell.length_b           88.250 
_cell.length_c           78.927 
_cell.angle_alpha        90.00 
_cell.angle_beta         90.00 
_cell.angle_gamma        90.00 
_cell.Z_PDB              8 
_cell.pdbx_unique_axis   ? 
_cell.length_a_esd       ? 
_cell.length_b_esd       ? 
_cell.length_c_esd       ? 
_cell.angle_alpha_esd    ? 
_cell.angle_beta_esd     ? 
_cell.angle_gamma_esd    ? 
# 
_symmetry.entry_id                         4N2S 
_symmetry.space_group_name_H-M             'P 41 21 2' 
_symmetry.pdbx_full_space_group_name_H-M   ? 
_symmetry.cell_setting                     ? 
_symmetry.Int_Tables_number                92 
_symmetry.space_group_name_Hall            ? 
# 
_exptl.entry_id          4N2S 
_exptl.method            'X-RAY DIFFRACTION' 
_exptl.crystals_number   1 
# 
_exptl_crystal.id                    1 
_exptl_crystal.density_meas          ? 
_exptl_crystal.density_Matthews      2.43 
_exptl_crystal.density_percent_sol   49.43 
_exptl_crystal.description           ? 
_exptl_crystal.F_000                 ? 
_exptl_crystal.preparation           ? 
# 
_exptl_crystal_grow.crystal_id      1 
_exptl_crystal_grow.method          'VAPOR DIFFUSION, HANGING DROP' 
_exptl_crystal_grow.temp            295 
_exptl_crystal_grow.temp_details    ? 
_exptl_crystal_grow.pH              6.0 
_exptl_crystal_grow.pdbx_pH_range   ? 
_exptl_crystal_grow.pdbx_details    '14% PEG 4000 and 0.1 M MES, pH 6.0, VAPOR DIFFUSION, HANGING DROP, temperature 295K' 
# 
_diffrn.id                     1 
_diffrn.ambient_temp           100 
_diffrn.ambient_temp_details   ? 
_diffrn.crystal_id             1 
# 
_diffrn_detector.diffrn_id              1 
_diffrn_detector.detector               CCD 
_diffrn_detector.type                   'MARMOSAIC 225 mm CCD' 
_diffrn_detector.pdbx_collection_date   2013-03-22 
_diffrn_detector.details                ? 
# 
_diffrn_radiation.diffrn_id                        1 
_diffrn_radiation.wavelength_id                    1 
_diffrn_radiation.pdbx_monochromatic_or_laue_m_l   M 
_diffrn_radiation.monochromator                    'Ni FILTER' 
_diffrn_radiation.pdbx_diffrn_protocol             'SINGLE WAVELENGTH' 
_diffrn_radiation.pdbx_scattering_type             x-ray 
# 
_diffrn_radiation_wavelength.id           1 
_diffrn_radiation_wavelength.wavelength   .97872 
_diffrn_radiation_wavelength.wt           1.0 
# 
_diffrn_source.diffrn_id                   1 
_diffrn_source.source                      SYNCHROTRON 
_diffrn_source.type                        'APS BEAMLINE 21-ID-F' 
_diffrn_source.pdbx_synchrotron_site       APS 
_diffrn_source.pdbx_synchrotron_beamline   21-ID-F 
_diffrn_source.pdbx_wavelength             ? 
_diffrn_source.pdbx_wavelength_list        .97872 
# 
_reflns.pdbx_diffrn_id               1 
_reflns.pdbx_ordinal                 1 
_reflns.entry_id                     4N2S 
_reflns.observed_criterion_sigma_I   ? 
_reflns.observed_criterion_sigma_F   ? 
_reflns.d_resolution_low             50 
_reflns.d_resolution_high            3.0 
_reflns.number_obs                   6677 
_reflns.number_all                   6677 
_reflns.percent_possible_obs         100 
_reflns.pdbx_Rmerge_I_obs            0.114 
_reflns.pdbx_Rsym_value              ? 
_reflns.pdbx_netI_over_sigmaI        19.2 
_reflns.B_iso_Wilson_estimate        ? 
_reflns.pdbx_redundancy              10.2 
_reflns.R_free_details               ? 
_reflns.pdbx_chi_squared             ? 
_reflns.pdbx_scaling_rejects         ? 
# 
_reflns_shell.pdbx_diffrn_id         1 
_reflns_shell.pdbx_ordinal           1 
_reflns_shell.d_res_high             3.0 
_reflns_shell.d_res_low              3.16 
_reflns_shell.percent_possible_all   100 
_reflns_shell.Rmerge_I_obs           1.19 
_reflns_shell.pdbx_Rsym_value        ? 
_reflns_shell.meanI_over_sigI_obs    2.2 
_reflns_shell.pdbx_redundancy        10.5 
_reflns_shell.percent_possible_obs   ? 
_reflns_shell.number_unique_all      ? 
_reflns_shell.number_measured_all    ? 
_reflns_shell.number_measured_obs    ? 
_reflns_shell.number_unique_obs      ? 
_reflns_shell.pdbx_chi_squared       ? 
# 
_refine.pdbx_refine_id                           'X-RAY DIFFRACTION' 
_refine.entry_id                                 4N2S 
_refine.pdbx_diffrn_id                           1 
_refine.pdbx_TLS_residual_ADP_flag               ? 
_refine.ls_number_reflns_obs                     6334 
_refine.ls_number_reflns_all                     6340 
_refine.pdbx_ls_sigma_I                          ? 
_refine.pdbx_ls_sigma_F                          . 
_refine.pdbx_data_cutoff_high_absF               ? 
_refine.pdbx_data_cutoff_low_absF                ? 
_refine.pdbx_data_cutoff_high_rms_absF           ? 
_refine.ls_d_res_low                             50.00 
_refine.ls_d_res_high                            3.00 
_refine.ls_percent_reflns_obs                    99.91 
_refine.ls_R_factor_obs                          0.20651 
_refine.ls_R_factor_all                          ? 
_refine.ls_R_factor_R_work                       0.20521 
_refine.ls_R_factor_R_free                       0.23151 
_refine.ls_R_factor_R_free_error                 ? 
_refine.ls_R_factor_R_free_error_details         ? 
_refine.ls_percent_reflns_R_free                 4.7 
_refine.ls_number_reflns_R_free                  315 
_refine.ls_number_parameters                     ? 
_refine.ls_number_restraints                     ? 
_refine.occupancy_min                            ? 
_refine.occupancy_max                            ? 
_refine.correlation_coeff_Fo_to_Fc               0.946 
_refine.correlation_coeff_Fo_to_Fc_free          0.935 
_refine.B_iso_mean                               79.625 
_refine.aniso_B[1][1]                            -1.16 
_refine.aniso_B[2][2]                            -1.16 
_refine.aniso_B[3][3]                            2.31 
_refine.aniso_B[1][2]                            0.00 
_refine.aniso_B[1][3]                            0.00 
_refine.aniso_B[2][3]                            0.00 
_refine.solvent_model_details                    MASK 
_refine.solvent_model_param_ksol                 ? 
_refine.solvent_model_param_bsol                 ? 
_refine.pdbx_solvent_vdw_probe_radii             1.20 
_refine.pdbx_solvent_ion_probe_radii             0.80 
_refine.pdbx_solvent_shrinkage_radii             0.80 
_refine.pdbx_ls_cross_valid_method               THROUGHOUT 
_refine.details                                  'HYDROGENS HAVE BEEN USED IF PRESENT IN THE INPUT' 
_refine.pdbx_starting_model                      'THA8 Apo structure' 
_refine.pdbx_method_to_determine_struct          'MOLECULAR REPLACEMENT' 
_refine.pdbx_isotropic_thermal_model             ? 
_refine.pdbx_stereochemistry_target_values       'MAXIMUM LIKELIHOOD' 
_refine.pdbx_stereochem_target_val_spec_case     ? 
_refine.pdbx_R_Free_selection_details            RANDOM 
_refine.pdbx_overall_ESU_R                       ? 
_refine.pdbx_overall_ESU_R_Free                  0.354 
_refine.overall_SU_ML                            0.295 
_refine.pdbx_overall_phase_error                 ? 
_refine.overall_SU_B                             17.639 
_refine.overall_SU_R_Cruickshank_DPI             ? 
_refine.pdbx_overall_SU_R_free_Cruickshank_DPI   ? 
_refine.pdbx_overall_SU_R_Blow_DPI               ? 
_refine.pdbx_overall_SU_R_free_Blow_DPI          ? 
_refine.ls_redundancy_reflns_obs                 ? 
_refine.overall_SU_R_free                        ? 
_refine.ls_wR_factor_R_free                      ? 
_refine.ls_wR_factor_R_work                      ? 
_refine.overall_FOM_free_R_set                   ? 
_refine.overall_FOM_work_R_set                   ? 
# 
_refine_hist.pdbx_refine_id                   'X-RAY DIFFRACTION' 
_refine_hist.cycle_id                         LAST 
_refine_hist.pdbx_number_atoms_protein        1491 
_refine_hist.pdbx_number_atoms_nucleic_acid   90 
_refine_hist.pdbx_number_atoms_ligand         0 
_refine_hist.number_atoms_solvent             15 
_refine_hist.number_atoms_total               1596 
_refine_hist.d_res_high                       3.00 
_refine_hist.d_res_low                        50.00 
# 
loop_
_refine_ls_restr.type 
_refine_ls_restr.dev_ideal 
_refine_ls_restr.dev_ideal_target 
_refine_ls_restr.weight 
_refine_ls_restr.number 
_refine_ls_restr.pdbx_refine_id 
_refine_ls_restr.pdbx_restraint_function 
r_bond_refined_d             0.010  0.019  ? 1621 'X-RAY DIFFRACTION' ? 
r_bond_other_d               ?      ?      ? ?    'X-RAY DIFFRACTION' ? 
r_angle_refined_deg          1.077  1.917  ? 2220 'X-RAY DIFFRACTION' ? 
r_angle_other_deg            ?      ?      ? ?    'X-RAY DIFFRACTION' ? 
r_dihedral_angle_1_deg       1.593  5.000  ? 196  'X-RAY DIFFRACTION' ? 
r_dihedral_angle_2_deg       38.720 22.388 ? 67   'X-RAY DIFFRACTION' ? 
r_dihedral_angle_3_deg       16.434 15.000 ? 240  'X-RAY DIFFRACTION' ? 
r_dihedral_angle_4_deg       16.243 15.000 ? 17   'X-RAY DIFFRACTION' ? 
r_chiral_restr               0.059  0.200  ? 244  'X-RAY DIFFRACTION' ? 
r_gen_planes_refined         0.005  0.021  ? 1215 'X-RAY DIFFRACTION' ? 
r_gen_planes_other           ?      ?      ? ?    'X-RAY DIFFRACTION' ? 
r_nbd_refined                ?      ?      ? ?    'X-RAY DIFFRACTION' ? 
r_nbd_other                  ?      ?      ? ?    'X-RAY DIFFRACTION' ? 
r_nbtor_refined              ?      ?      ? ?    'X-RAY DIFFRACTION' ? 
r_nbtor_other                ?      ?      ? ?    'X-RAY DIFFRACTION' ? 
r_xyhbond_nbd_refined        ?      ?      ? ?    'X-RAY DIFFRACTION' ? 
r_xyhbond_nbd_other          ?      ?      ? ?    'X-RAY DIFFRACTION' ? 
r_metal_ion_refined          ?      ?      ? ?    'X-RAY DIFFRACTION' ? 
r_metal_ion_other            ?      ?      ? ?    'X-RAY DIFFRACTION' ? 
r_symmetry_vdw_refined       ?      ?      ? ?    'X-RAY DIFFRACTION' ? 
r_symmetry_vdw_other         ?      ?      ? ?    'X-RAY DIFFRACTION' ? 
r_symmetry_hbond_refined     ?      ?      ? ?    'X-RAY DIFFRACTION' ? 
r_symmetry_hbond_other       ?      ?      ? ?    'X-RAY DIFFRACTION' ? 
r_symmetry_metal_ion_refined ?      ?      ? ?    'X-RAY DIFFRACTION' ? 
r_symmetry_metal_ion_other   ?      ?      ? ?    'X-RAY DIFFRACTION' ? 
r_mcbond_it                  ?      ?      ? ?    'X-RAY DIFFRACTION' ? 
r_mcbond_other               ?      ?      ? ?    'X-RAY DIFFRACTION' ? 
r_mcangle_it                 ?      ?      ? ?    'X-RAY DIFFRACTION' ? 
r_mcangle_other              ?      ?      ? ?    'X-RAY DIFFRACTION' ? 
r_scbond_it                  ?      ?      ? ?    'X-RAY DIFFRACTION' ? 
r_scbond_other               ?      ?      ? ?    'X-RAY DIFFRACTION' ? 
r_scangle_it                 ?      ?      ? ?    'X-RAY DIFFRACTION' ? 
r_scangle_other              ?      ?      ? ?    'X-RAY DIFFRACTION' ? 
r_long_range_B_refined       ?      ?      ? ?    'X-RAY DIFFRACTION' ? 
r_long_range_B_other         ?      ?      ? ?    'X-RAY DIFFRACTION' ? 
r_rigid_bond_restr           ?      ?      ? ?    'X-RAY DIFFRACTION' ? 
r_sphericity_free            ?      ?      ? ?    'X-RAY DIFFRACTION' ? 
r_sphericity_bonded          ?      ?      ? ?    'X-RAY DIFFRACTION' ? 
# 
_refine_ls_shell.pdbx_refine_id                   'X-RAY DIFFRACTION' 
_refine_ls_shell.pdbx_total_number_of_bins_used   20 
_refine_ls_shell.d_res_high                       3.000 
_refine_ls_shell.d_res_low                        3.078 
_refine_ls_shell.number_reflns_R_work             390 
_refine_ls_shell.R_factor_R_work                  0.373 
_refine_ls_shell.percent_reflns_obs               100.00 
_refine_ls_shell.R_factor_R_free                  0.429 
_refine_ls_shell.R_factor_R_free_error            ? 
_refine_ls_shell.percent_reflns_R_free            ? 
_refine_ls_shell.number_reflns_R_free             24 
_refine_ls_shell.number_reflns_all                ? 
_refine_ls_shell.R_factor_all                     ? 
_refine_ls_shell.redundancy_reflns_obs            ? 
_refine_ls_shell.number_reflns_obs                ? 
# 
_struct.entry_id                  4N2S 
_struct.title                     'Crystal Structure of THA8 in complex with Zm1a-6 RNA' 
_struct.pdbx_model_details        ? 
_struct.pdbx_CASP_flag            ? 
_struct.pdbx_model_type_details   ? 
# 
_struct_keywords.entry_id        4N2S 
_struct_keywords.pdbx_keywords   SPLICING/RNA 
_struct_keywords.text            
'Pentatricopeptide repeat (PPR) protein, small intron RNA binding, Group II intron RNA splicing, chloroplast, SPLICING-RNA complex' 
# 
loop_
_struct_asym.id 
_struct_asym.pdbx_blank_PDB_chainid_flag 
_struct_asym.pdbx_modified 
_struct_asym.entity_id 
_struct_asym.details 
A N N 1 ? 
B N N 2 ? 
C N N 3 ? 
D N N 3 ? 
# 
loop_
_struct_ref.id 
_struct_ref.db_name 
_struct_ref.db_code 
_struct_ref.pdbx_db_accession 
_struct_ref.entity_id 
_struct_ref.pdbx_seq_one_letter_code 
_struct_ref.pdbx_align_begin 
_struct_ref.pdbx_db_isoform 
1 UNP I1HB13_BRADI I1HB13 1 
;MASLLFLPHTTPAPTLRAKLLPGPRTIITCGPRDNRGPLQRGRSLSTEAIHAVQALKRLTAADRSPPAATAAASAALGRL
LRADLLAAMAELQRQGHWSLALAALHVARAEPWYRPDPELYATFVSSSPSNDPAAAAAVDALVEAFIEEKERGAAGGSSE
GVWVGEDVYKLTRLVRALVAKGRARAAWRVYEAAVRKGGCEVDEYMYRVMAKGMKRLGLDEEAAEVEADLADWEARHLPD
EMRPREKSKTAVTGSVV
;
1 ? 
2 PDB 4N2S         4N2S   2 GAGGAAAUUUUC ? ? 
# 
loop_
_struct_ref_seq.align_id 
_struct_ref_seq.ref_id 
_struct_ref_seq.pdbx_PDB_id_code 
_struct_ref_seq.pdbx_strand_id 
_struct_ref_seq.seq_align_beg 
_struct_ref_seq.pdbx_seq_align_beg_ins_code 
_struct_ref_seq.seq_align_end 
_struct_ref_seq.pdbx_seq_align_end_ins_code 
_struct_ref_seq.pdbx_db_accession 
_struct_ref_seq.db_align_beg 
_struct_ref_seq.pdbx_db_align_beg_ins_code 
_struct_ref_seq.db_align_end 
_struct_ref_seq.pdbx_db_align_end_ins_code 
_struct_ref_seq.pdbx_auth_seq_align_beg 
_struct_ref_seq.pdbx_auth_seq_align_end 
1 1 4N2S A 1 ? 257 ? I1HB13 1 ? 257 ? 1 257 
2 2 4N2S B 1 ? 12  ? 4N2S   1 ? 12  ? 1 12  
# 
_pdbx_struct_assembly.id                   1 
_pdbx_struct_assembly.details              author_defined_assembly 
_pdbx_struct_assembly.method_details       ? 
_pdbx_struct_assembly.oligomeric_details   tetrameric 
_pdbx_struct_assembly.oligomeric_count     4 
# 
_pdbx_struct_assembly_gen.assembly_id       1 
_pdbx_struct_assembly_gen.oper_expression   1,2 
_pdbx_struct_assembly_gen.asym_id_list      A,B,C,D 
# 
loop_
_pdbx_struct_oper_list.id 
_pdbx_struct_oper_list.type 
_pdbx_struct_oper_list.name 
_pdbx_struct_oper_list.symmetry_operation 
_pdbx_struct_oper_list.matrix[1][1] 
_pdbx_struct_oper_list.matrix[1][2] 
_pdbx_struct_oper_list.matrix[1][3] 
_pdbx_struct_oper_list.vector[1] 
_pdbx_struct_oper_list.matrix[2][1] 
_pdbx_struct_oper_list.matrix[2][2] 
_pdbx_struct_oper_list.matrix[2][3] 
_pdbx_struct_oper_list.vector[2] 
_pdbx_struct_oper_list.matrix[3][1] 
_pdbx_struct_oper_list.matrix[3][2] 
_pdbx_struct_oper_list.matrix[3][3] 
_pdbx_struct_oper_list.vector[3] 
1 'identity operation'         1_555 x,y,z              1.0000000000 0.0000000000  0.0000000000  0.0000000000 0.0000000000 1.0000000000 0.0000000000 0.0000000000  0.0000000000  0.0000000000  1.0000000000 0.0000000000  
2 'crystal symmetry operation' 3_555 -y+1/2,x+1/2,z+1/4 0.4244510805 -0.8136139732 -0.3973330880 2.2946535764 0.6921957216 0.0086832102 0.7216575953 31.7636530110 -0.5837005767 -0.5813406097 0.5668657093 24.2618422323 
# 
_struct_biol.id        1 
_struct_biol.details   'THIS IS A HETEROTETRAMER COMPOSED OF TWO PROTEIN CHAINS AND TWO RNA CHAINS' 
# 
loop_
_struct_conf.conf_type_id 
_struct_conf.id 
_struct_conf.pdbx_PDB_helix_id 
_struct_conf.beg_label_comp_id 
_struct_conf.beg_label_asym_id 
_struct_conf.beg_label_seq_id 
_struct_conf.pdbx_beg_PDB_ins_code 
_struct_conf.end_label_comp_id 
_struct_conf.end_label_asym_id 
_struct_conf.end_label_seq_id 
_struct_conf.pdbx_end_PDB_ins_code 
_struct_conf.beg_auth_comp_id 
_struct_conf.beg_auth_asym_id 
_struct_conf.beg_auth_seq_id 
_struct_conf.end_auth_comp_id 
_struct_conf.end_auth_asym_id 
_struct_conf.end_auth_seq_id 
_struct_conf.pdbx_PDB_helix_class 
_struct_conf.details 
_struct_conf.pdbx_PDB_helix_length 
HELX_P HELX_P1  1  SER A 46  ? ASP A 63  ? SER A 46  ASP A 63  1 ? 18 
HELX_P HELX_P2  2  SER A 65  ? LEU A 77  ? SER A 65  LEU A 77  1 ? 13 
HELX_P HELX_P3  3  LEU A 81  ? GLY A 96  ? LEU A 81  GLY A 96  1 ? 16 
HELX_P HELX_P4  4  HIS A 97  ? ALA A 110 ? HIS A 97  ALA A 110 1 ? 14 
HELX_P HELX_P5  5  ASP A 117 ? SER A 127 ? ASP A 117 SER A 127 1 ? 11 
HELX_P HELX_P6  6  ASP A 132 ? GLY A 153 ? ASP A 132 GLY A 153 1 ? 22 
HELX_P HELX_P7  7  ASP A 167 ? LYS A 181 ? ASP A 167 LYS A 181 1 ? 15 
HELX_P HELX_P8  8  ARG A 183 ? VAL A 195 ? ARG A 183 VAL A 195 1 ? 13 
HELX_P HELX_P9  9  ASP A 203 ? LEU A 217 ? ASP A 203 LEU A 217 1 ? 15 
HELX_P HELX_P10 10 LEU A 219 ? LEU A 238 ? LEU A 219 LEU A 238 1 ? 20 
# 
_struct_conf_type.id          HELX_P 
_struct_conf_type.criteria    ? 
_struct_conf_type.reference   ? 
# 
_struct_mon_prot_cis.pdbx_id                1 
_struct_mon_prot_cis.label_comp_id          SER 
_struct_mon_prot_cis.label_seq_id           159 
_struct_mon_prot_cis.label_asym_id          A 
_struct_mon_prot_cis.label_alt_id           . 
_struct_mon_prot_cis.pdbx_PDB_ins_code      ? 
_struct_mon_prot_cis.auth_comp_id           SER 
_struct_mon_prot_cis.auth_seq_id            159 
_struct_mon_prot_cis.auth_asym_id           A 
_struct_mon_prot_cis.pdbx_label_comp_id_2   GLU 
_struct_mon_prot_cis.pdbx_label_seq_id_2    160 
_struct_mon_prot_cis.pdbx_label_asym_id_2   A 
_struct_mon_prot_cis.pdbx_PDB_ins_code_2    ? 
_struct_mon_prot_cis.pdbx_auth_comp_id_2    GLU 
_struct_mon_prot_cis.pdbx_auth_seq_id_2     160 
_struct_mon_prot_cis.pdbx_auth_asym_id_2    A 
_struct_mon_prot_cis.pdbx_PDB_model_num     1 
_struct_mon_prot_cis.pdbx_omega_angle       2.82 
# 
_pdbx_validate_torsion.id              1 
_pdbx_validate_torsion.PDB_model_num   1 
_pdbx_validate_torsion.auth_comp_id    PRO 
_pdbx_validate_torsion.auth_asym_id    A 
_pdbx_validate_torsion.auth_seq_id     239 
_pdbx_validate_torsion.PDB_ins_code    ? 
_pdbx_validate_torsion.label_alt_id    ? 
_pdbx_validate_torsion.phi             -105.65 
_pdbx_validate_torsion.psi             -119.27 
# 
loop_
_pdbx_unobs_or_zero_occ_residues.id 
_pdbx_unobs_or_zero_occ_residues.PDB_model_num 
_pdbx_unobs_or_zero_occ_residues.polymer_flag 
_pdbx_unobs_or_zero_occ_residues.occupancy_flag 
_pdbx_unobs_or_zero_occ_residues.auth_asym_id 
_pdbx_unobs_or_zero_occ_residues.auth_comp_id 
_pdbx_unobs_or_zero_occ_residues.auth_seq_id 
_pdbx_unobs_or_zero_occ_residues.PDB_ins_code 
_pdbx_unobs_or_zero_occ_residues.label_asym_id 
_pdbx_unobs_or_zero_occ_residues.label_comp_id 
_pdbx_unobs_or_zero_occ_residues.label_seq_id 
1  1 Y 1 A MET 1   ? A MET 1   
2  1 Y 1 A ALA 2   ? A ALA 2   
3  1 Y 1 A SER 3   ? A SER 3   
4  1 Y 1 A LEU 4   ? A LEU 4   
5  1 Y 1 A LEU 5   ? A LEU 5   
6  1 Y 1 A PHE 6   ? A PHE 6   
7  1 Y 1 A LEU 7   ? A LEU 7   
8  1 Y 1 A PRO 8   ? A PRO 8   
9  1 Y 1 A HIS 9   ? A HIS 9   
10 1 Y 1 A THR 10  ? A THR 10  
11 1 Y 1 A THR 11  ? A THR 11  
12 1 Y 1 A PRO 12  ? A PRO 12  
13 1 Y 1 A ALA 13  ? A ALA 13  
14 1 Y 1 A PRO 14  ? A PRO 14  
15 1 Y 1 A THR 15  ? A THR 15  
16 1 Y 1 A LEU 16  ? A LEU 16  
17 1 Y 1 A ARG 17  ? A ARG 17  
18 1 Y 1 A ALA 18  ? A ALA 18  
19 1 Y 1 A LYS 19  ? A LYS 19  
20 1 Y 1 A LEU 20  ? A LEU 20  
21 1 Y 1 A LEU 21  ? A LEU 21  
22 1 Y 1 A PRO 22  ? A PRO 22  
23 1 Y 1 A GLY 23  ? A GLY 23  
24 1 Y 1 A PRO 24  ? A PRO 24  
25 1 Y 1 A ARG 25  ? A ARG 25  
26 1 Y 1 A THR 26  ? A THR 26  
27 1 Y 1 A ILE 27  ? A ILE 27  
28 1 Y 1 A ILE 28  ? A ILE 28  
29 1 Y 1 A THR 29  ? A THR 29  
30 1 Y 1 A CYS 30  ? A CYS 30  
31 1 Y 1 A GLY 31  ? A GLY 31  
32 1 Y 1 A PRO 32  ? A PRO 32  
33 1 Y 1 A ARG 33  ? A ARG 33  
34 1 Y 1 A ASP 34  ? A ASP 34  
35 1 Y 1 A ASN 35  ? A ASN 35  
36 1 Y 1 A ARG 36  ? A ARG 36  
37 1 Y 1 A GLY 37  ? A GLY 37  
38 1 Y 1 A PRO 38  ? A PRO 38  
39 1 Y 1 A LEU 39  ? A LEU 39  
40 1 Y 1 A GLN 40  ? A GLN 40  
41 1 Y 1 A ARG 41  ? A ARG 41  
42 1 Y 1 A GLY 42  ? A GLY 42  
43 1 Y 1 A ARG 43  ? A ARG 43  
44 1 Y 1 A GLU 241 ? A GLU 241 
45 1 Y 1 A MET 242 ? A MET 242 
46 1 Y 1 A ARG 243 ? A ARG 243 
47 1 Y 1 A PRO 244 ? A PRO 244 
48 1 Y 1 A ARG 245 ? A ARG 245 
49 1 Y 1 A GLU 246 ? A GLU 246 
50 1 Y 1 A LYS 247 ? A LYS 247 
51 1 Y 1 A SER 248 ? A SER 248 
52 1 Y 1 A LYS 249 ? A LYS 249 
53 1 Y 1 A THR 250 ? A THR 250 
54 1 Y 1 A ALA 251 ? A ALA 251 
55 1 Y 1 A VAL 252 ? A VAL 252 
56 1 Y 1 A THR 253 ? A THR 253 
57 1 Y 1 A GLY 254 ? A GLY 254 
58 1 Y 1 A SER 255 ? A SER 255 
59 1 Y 1 A VAL 256 ? A VAL 256 
60 1 Y 1 A VAL 257 ? A VAL 257 
61 1 Y 1 B G   1   ? B G   1   
62 1 Y 1 B A   2   ? B A   2   
63 1 Y 1 B A   7   ? B A   7   
64 1 Y 1 B U   8   ? B U   8   
65 1 Y 1 B U   9   ? B U   9   
66 1 Y 1 B U   10  ? B U   10  
67 1 Y 1 B U   11  ? B U   11  
68 1 Y 1 B C   12  ? B C   12  
# 
loop_
_chem_comp_atom.comp_id 
_chem_comp_atom.atom_id 
_chem_comp_atom.type_symbol 
_chem_comp_atom.pdbx_aromatic_flag 
_chem_comp_atom.pdbx_stereo_config 
_chem_comp_atom.pdbx_ordinal 
A   OP3    O N N 1   
A   P      P N N 2   
A   OP1    O N N 3   
A   OP2    O N N 4   
A   "O5'"  O N N 5   
A   "C5'"  C N N 6   
A   "C4'"  C N R 7   
A   "O4'"  O N N 8   
A   "C3'"  C N S 9   
A   "O3'"  O N N 10  
A   "C2'"  C N R 11  
A   "O2'"  O N N 12  
A   "C1'"  C N R 13  
A   N9     N Y N 14  
A   C8     C Y N 15  
A   N7     N Y N 16  
A   C5     C Y N 17  
A   C6     C Y N 18  
A   N6     N N N 19  
A   N1     N Y N 20  
A   C2     C Y N 21  
A   N3     N Y N 22  
A   C4     C Y N 23  
A   HOP3   H N N 24  
A   HOP2   H N N 25  
A   "H5'"  H N N 26  
A   "H5''" H N N 27  
A   "H4'"  H N N 28  
A   "H3'"  H N N 29  
A   "HO3'" H N N 30  
A   "H2'"  H N N 31  
A   "HO2'" H N N 32  
A   "H1'"  H N N 33  
A   H8     H N N 34  
A   H61    H N N 35  
A   H62    H N N 36  
A   H2     H N N 37  
ALA N      N N N 38  
ALA CA     C N S 39  
ALA C      C N N 40  
ALA O      O N N 41  
ALA CB     C N N 42  
ALA OXT    O N N 43  
ALA H      H N N 44  
ALA H2     H N N 45  
ALA HA     H N N 46  
ALA HB1    H N N 47  
ALA HB2    H N N 48  
ALA HB3    H N N 49  
ALA HXT    H N N 50  
ARG N      N N N 51  
ARG CA     C N S 52  
ARG C      C N N 53  
ARG O      O N N 54  
ARG CB     C N N 55  
ARG CG     C N N 56  
ARG CD     C N N 57  
ARG NE     N N N 58  
ARG CZ     C N N 59  
ARG NH1    N N N 60  
ARG NH2    N N N 61  
ARG OXT    O N N 62  
ARG H      H N N 63  
ARG H2     H N N 64  
ARG HA     H N N 65  
ARG HB2    H N N 66  
ARG HB3    H N N 67  
ARG HG2    H N N 68  
ARG HG3    H N N 69  
ARG HD2    H N N 70  
ARG HD3    H N N 71  
ARG HE     H N N 72  
ARG HH11   H N N 73  
ARG HH12   H N N 74  
ARG HH21   H N N 75  
ARG HH22   H N N 76  
ARG HXT    H N N 77  
ASN N      N N N 78  
ASN CA     C N S 79  
ASN C      C N N 80  
ASN O      O N N 81  
ASN CB     C N N 82  
ASN CG     C N N 83  
ASN OD1    O N N 84  
ASN ND2    N N N 85  
ASN OXT    O N N 86  
ASN H      H N N 87  
ASN H2     H N N 88  
ASN HA     H N N 89  
ASN HB2    H N N 90  
ASN HB3    H N N 91  
ASN HD21   H N N 92  
ASN HD22   H N N 93  
ASN HXT    H N N 94  
ASP N      N N N 95  
ASP CA     C N S 96  
ASP C      C N N 97  
ASP O      O N N 98  
ASP CB     C N N 99  
ASP CG     C N N 100 
ASP OD1    O N N 101 
ASP OD2    O N N 102 
ASP OXT    O N N 103 
ASP H      H N N 104 
ASP H2     H N N 105 
ASP HA     H N N 106 
ASP HB2    H N N 107 
ASP HB3    H N N 108 
ASP HD2    H N N 109 
ASP HXT    H N N 110 
C   OP3    O N N 111 
C   P      P N N 112 
C   OP1    O N N 113 
C   OP2    O N N 114 
C   "O5'"  O N N 115 
C   "C5'"  C N N 116 
C   "C4'"  C N R 117 
C   "O4'"  O N N 118 
C   "C3'"  C N S 119 
C   "O3'"  O N N 120 
C   "C2'"  C N R 121 
C   "O2'"  O N N 122 
C   "C1'"  C N R 123 
C   N1     N N N 124 
C   C2     C N N 125 
C   O2     O N N 126 
C   N3     N N N 127 
C   C4     C N N 128 
C   N4     N N N 129 
C   C5     C N N 130 
C   C6     C N N 131 
C   HOP3   H N N 132 
C   HOP2   H N N 133 
C   "H5'"  H N N 134 
C   "H5''" H N N 135 
C   "H4'"  H N N 136 
C   "H3'"  H N N 137 
C   "HO3'" H N N 138 
C   "H2'"  H N N 139 
C   "HO2'" H N N 140 
C   "H1'"  H N N 141 
C   H41    H N N 142 
C   H42    H N N 143 
C   H5     H N N 144 
C   H6     H N N 145 
CYS N      N N N 146 
CYS CA     C N R 147 
CYS C      C N N 148 
CYS O      O N N 149 
CYS CB     C N N 150 
CYS SG     S N N 151 
CYS OXT    O N N 152 
CYS H      H N N 153 
CYS H2     H N N 154 
CYS HA     H N N 155 
CYS HB2    H N N 156 
CYS HB3    H N N 157 
CYS HG     H N N 158 
CYS HXT    H N N 159 
G   OP3    O N N 160 
G   P      P N N 161 
G   OP1    O N N 162 
G   OP2    O N N 163 
G   "O5'"  O N N 164 
G   "C5'"  C N N 165 
G   "C4'"  C N R 166 
G   "O4'"  O N N 167 
G   "C3'"  C N S 168 
G   "O3'"  O N N 169 
G   "C2'"  C N R 170 
G   "O2'"  O N N 171 
G   "C1'"  C N R 172 
G   N9     N Y N 173 
G   C8     C Y N 174 
G   N7     N Y N 175 
G   C5     C Y N 176 
G   C6     C N N 177 
G   O6     O N N 178 
G   N1     N N N 179 
G   C2     C N N 180 
G   N2     N N N 181 
G   N3     N N N 182 
G   C4     C Y N 183 
G   HOP3   H N N 184 
G   HOP2   H N N 185 
G   "H5'"  H N N 186 
G   "H5''" H N N 187 
G   "H4'"  H N N 188 
G   "H3'"  H N N 189 
G   "HO3'" H N N 190 
G   "H2'"  H N N 191 
G   "HO2'" H N N 192 
G   "H1'"  H N N 193 
G   H8     H N N 194 
G   H1     H N N 195 
G   H21    H N N 196 
G   H22    H N N 197 
GLN N      N N N 198 
GLN CA     C N S 199 
GLN C      C N N 200 
GLN O      O N N 201 
GLN CB     C N N 202 
GLN CG     C N N 203 
GLN CD     C N N 204 
GLN OE1    O N N 205 
GLN NE2    N N N 206 
GLN OXT    O N N 207 
GLN H      H N N 208 
GLN H2     H N N 209 
GLN HA     H N N 210 
GLN HB2    H N N 211 
GLN HB3    H N N 212 
GLN HG2    H N N 213 
GLN HG3    H N N 214 
GLN HE21   H N N 215 
GLN HE22   H N N 216 
GLN HXT    H N N 217 
GLU N      N N N 218 
GLU CA     C N S 219 
GLU C      C N N 220 
GLU O      O N N 221 
GLU CB     C N N 222 
GLU CG     C N N 223 
GLU CD     C N N 224 
GLU OE1    O N N 225 
GLU OE2    O N N 226 
GLU OXT    O N N 227 
GLU H      H N N 228 
GLU H2     H N N 229 
GLU HA     H N N 230 
GLU HB2    H N N 231 
GLU HB3    H N N 232 
GLU HG2    H N N 233 
GLU HG3    H N N 234 
GLU HE2    H N N 235 
GLU HXT    H N N 236 
GLY N      N N N 237 
GLY CA     C N N 238 
GLY C      C N N 239 
GLY O      O N N 240 
GLY OXT    O N N 241 
GLY H      H N N 242 
GLY H2     H N N 243 
GLY HA2    H N N 244 
GLY HA3    H N N 245 
GLY HXT    H N N 246 
HIS N      N N N 247 
HIS CA     C N S 248 
HIS C      C N N 249 
HIS O      O N N 250 
HIS CB     C N N 251 
HIS CG     C Y N 252 
HIS ND1    N Y N 253 
HIS CD2    C Y N 254 
HIS CE1    C Y N 255 
HIS NE2    N Y N 256 
HIS OXT    O N N 257 
HIS H      H N N 258 
HIS H2     H N N 259 
HIS HA     H N N 260 
HIS HB2    H N N 261 
HIS HB3    H N N 262 
HIS HD1    H N N 263 
HIS HD2    H N N 264 
HIS HE1    H N N 265 
HIS HE2    H N N 266 
HIS HXT    H N N 267 
HOH O      O N N 268 
HOH H1     H N N 269 
HOH H2     H N N 270 
ILE N      N N N 271 
ILE CA     C N S 272 
ILE C      C N N 273 
ILE O      O N N 274 
ILE CB     C N S 275 
ILE CG1    C N N 276 
ILE CG2    C N N 277 
ILE CD1    C N N 278 
ILE OXT    O N N 279 
ILE H      H N N 280 
ILE H2     H N N 281 
ILE HA     H N N 282 
ILE HB     H N N 283 
ILE HG12   H N N 284 
ILE HG13   H N N 285 
ILE HG21   H N N 286 
ILE HG22   H N N 287 
ILE HG23   H N N 288 
ILE HD11   H N N 289 
ILE HD12   H N N 290 
ILE HD13   H N N 291 
ILE HXT    H N N 292 
LEU N      N N N 293 
LEU CA     C N S 294 
LEU C      C N N 295 
LEU O      O N N 296 
LEU CB     C N N 297 
LEU CG     C N N 298 
LEU CD1    C N N 299 
LEU CD2    C N N 300 
LEU OXT    O N N 301 
LEU H      H N N 302 
LEU H2     H N N 303 
LEU HA     H N N 304 
LEU HB2    H N N 305 
LEU HB3    H N N 306 
LEU HG     H N N 307 
LEU HD11   H N N 308 
LEU HD12   H N N 309 
LEU HD13   H N N 310 
LEU HD21   H N N 311 
LEU HD22   H N N 312 
LEU HD23   H N N 313 
LEU HXT    H N N 314 
LYS N      N N N 315 
LYS CA     C N S 316 
LYS C      C N N 317 
LYS O      O N N 318 
LYS CB     C N N 319 
LYS CG     C N N 320 
LYS CD     C N N 321 
LYS CE     C N N 322 
LYS NZ     N N N 323 
LYS OXT    O N N 324 
LYS H      H N N 325 
LYS H2     H N N 326 
LYS HA     H N N 327 
LYS HB2    H N N 328 
LYS HB3    H N N 329 
LYS HG2    H N N 330 
LYS HG3    H N N 331 
LYS HD2    H N N 332 
LYS HD3    H N N 333 
LYS HE2    H N N 334 
LYS HE3    H N N 335 
LYS HZ1    H N N 336 
LYS HZ2    H N N 337 
LYS HZ3    H N N 338 
LYS HXT    H N N 339 
MET N      N N N 340 
MET CA     C N S 341 
MET C      C N N 342 
MET O      O N N 343 
MET CB     C N N 344 
MET CG     C N N 345 
MET SD     S N N 346 
MET CE     C N N 347 
MET OXT    O N N 348 
MET H      H N N 349 
MET H2     H N N 350 
MET HA     H N N 351 
MET HB2    H N N 352 
MET HB3    H N N 353 
MET HG2    H N N 354 
MET HG3    H N N 355 
MET HE1    H N N 356 
MET HE2    H N N 357 
MET HE3    H N N 358 
MET HXT    H N N 359 
PHE N      N N N 360 
PHE CA     C N S 361 
PHE C      C N N 362 
PHE O      O N N 363 
PHE CB     C N N 364 
PHE CG     C Y N 365 
PHE CD1    C Y N 366 
PHE CD2    C Y N 367 
PHE CE1    C Y N 368 
PHE CE2    C Y N 369 
PHE CZ     C Y N 370 
PHE OXT    O N N 371 
PHE H      H N N 372 
PHE H2     H N N 373 
PHE HA     H N N 374 
PHE HB2    H N N 375 
PHE HB3    H N N 376 
PHE HD1    H N N 377 
PHE HD2    H N N 378 
PHE HE1    H N N 379 
PHE HE2    H N N 380 
PHE HZ     H N N 381 
PHE HXT    H N N 382 
PRO N      N N N 383 
PRO CA     C N S 384 
PRO C      C N N 385 
PRO O      O N N 386 
PRO CB     C N N 387 
PRO CG     C N N 388 
PRO CD     C N N 389 
PRO OXT    O N N 390 
PRO H      H N N 391 
PRO HA     H N N 392 
PRO HB2    H N N 393 
PRO HB3    H N N 394 
PRO HG2    H N N 395 
PRO HG3    H N N 396 
PRO HD2    H N N 397 
PRO HD3    H N N 398 
PRO HXT    H N N 399 
SER N      N N N 400 
SER CA     C N S 401 
SER C      C N N 402 
SER O      O N N 403 
SER CB     C N N 404 
SER OG     O N N 405 
SER OXT    O N N 406 
SER H      H N N 407 
SER H2     H N N 408 
SER HA     H N N 409 
SER HB2    H N N 410 
SER HB3    H N N 411 
SER HG     H N N 412 
SER HXT    H N N 413 
THR N      N N N 414 
THR CA     C N S 415 
THR C      C N N 416 
THR O      O N N 417 
THR CB     C N R 418 
THR OG1    O N N 419 
THR CG2    C N N 420 
THR OXT    O N N 421 
THR H      H N N 422 
THR H2     H N N 423 
THR HA     H N N 424 
THR HB     H N N 425 
THR HG1    H N N 426 
THR HG21   H N N 427 
THR HG22   H N N 428 
THR HG23   H N N 429 
THR HXT    H N N 430 
TRP N      N N N 431 
TRP CA     C N S 432 
TRP C      C N N 433 
TRP O      O N N 434 
TRP CB     C N N 435 
TRP CG     C Y N 436 
TRP CD1    C Y N 437 
TRP CD2    C Y N 438 
TRP NE1    N Y N 439 
TRP CE2    C Y N 440 
TRP CE3    C Y N 441 
TRP CZ2    C Y N 442 
TRP CZ3    C Y N 443 
TRP CH2    C Y N 444 
TRP OXT    O N N 445 
TRP H      H N N 446 
TRP H2     H N N 447 
TRP HA     H N N 448 
TRP HB2    H N N 449 
TRP HB3    H N N 450 
TRP HD1    H N N 451 
TRP HE1    H N N 452 
TRP HE3    H N N 453 
TRP HZ2    H N N 454 
TRP HZ3    H N N 455 
TRP HH2    H N N 456 
TRP HXT    H N N 457 
TYR N      N N N 458 
TYR CA     C N S 459 
TYR C      C N N 460 
TYR O      O N N 461 
TYR CB     C N N 462 
TYR CG     C Y N 463 
TYR CD1    C Y N 464 
TYR CD2    C Y N 465 
TYR CE1    C Y N 466 
TYR CE2    C Y N 467 
TYR CZ     C Y N 468 
TYR OH     O N N 469 
TYR OXT    O N N 470 
TYR H      H N N 471 
TYR H2     H N N 472 
TYR HA     H N N 473 
TYR HB2    H N N 474 
TYR HB3    H N N 475 
TYR HD1    H N N 476 
TYR HD2    H N N 477 
TYR HE1    H N N 478 
TYR HE2    H N N 479 
TYR HH     H N N 480 
TYR HXT    H N N 481 
U   OP3    O N N 482 
U   P      P N N 483 
U   OP1    O N N 484 
U   OP2    O N N 485 
U   "O5'"  O N N 486 
U   "C5'"  C N N 487 
U   "C4'"  C N R 488 
U   "O4'"  O N N 489 
U   "C3'"  C N S 490 
U   "O3'"  O N N 491 
U   "C2'"  C N R 492 
U   "O2'"  O N N 493 
U   "C1'"  C N R 494 
U   N1     N N N 495 
U   C2     C N N 496 
U   O2     O N N 497 
U   N3     N N N 498 
U   C4     C N N 499 
U   O4     O N N 500 
U   C5     C N N 501 
U   C6     C N N 502 
U   HOP3   H N N 503 
U   HOP2   H N N 504 
U   "H5'"  H N N 505 
U   "H5''" H N N 506 
U   "H4'"  H N N 507 
U   "H3'"  H N N 508 
U   "HO3'" H N N 509 
U   "H2'"  H N N 510 
U   "HO2'" H N N 511 
U   "H1'"  H N N 512 
U   H3     H N N 513 
U   H5     H N N 514 
U   H6     H N N 515 
VAL N      N N N 516 
VAL CA     C N S 517 
VAL C      C N N 518 
VAL O      O N N 519 
VAL CB     C N N 520 
VAL CG1    C N N 521 
VAL CG2    C N N 522 
VAL OXT    O N N 523 
VAL H      H N N 524 
VAL H2     H N N 525 
VAL HA     H N N 526 
VAL HB     H N N 527 
VAL HG11   H N N 528 
VAL HG12   H N N 529 
VAL HG13   H N N 530 
VAL HG21   H N N 531 
VAL HG22   H N N 532 
VAL HG23   H N N 533 
VAL HXT    H N N 534 
# 
loop_
_chem_comp_bond.comp_id 
_chem_comp_bond.atom_id_1 
_chem_comp_bond.atom_id_2 
_chem_comp_bond.value_order 
_chem_comp_bond.pdbx_aromatic_flag 
_chem_comp_bond.pdbx_stereo_config 
_chem_comp_bond.pdbx_ordinal 
A   OP3   P      sing N N 1   
A   OP3   HOP3   sing N N 2   
A   P     OP1    doub N N 3   
A   P     OP2    sing N N 4   
A   P     "O5'"  sing N N 5   
A   OP2   HOP2   sing N N 6   
A   "O5'" "C5'"  sing N N 7   
A   "C5'" "C4'"  sing N N 8   
A   "C5'" "H5'"  sing N N 9   
A   "C5'" "H5''" sing N N 10  
A   "C4'" "O4'"  sing N N 11  
A   "C4'" "C3'"  sing N N 12  
A   "C4'" "H4'"  sing N N 13  
A   "O4'" "C1'"  sing N N 14  
A   "C3'" "O3'"  sing N N 15  
A   "C3'" "C2'"  sing N N 16  
A   "C3'" "H3'"  sing N N 17  
A   "O3'" "HO3'" sing N N 18  
A   "C2'" "O2'"  sing N N 19  
A   "C2'" "C1'"  sing N N 20  
A   "C2'" "H2'"  sing N N 21  
A   "O2'" "HO2'" sing N N 22  
A   "C1'" N9     sing N N 23  
A   "C1'" "H1'"  sing N N 24  
A   N9    C8     sing Y N 25  
A   N9    C4     sing Y N 26  
A   C8    N7     doub Y N 27  
A   C8    H8     sing N N 28  
A   N7    C5     sing Y N 29  
A   C5    C6     sing Y N 30  
A   C5    C4     doub Y N 31  
A   C6    N6     sing N N 32  
A   C6    N1     doub Y N 33  
A   N6    H61    sing N N 34  
A   N6    H62    sing N N 35  
A   N1    C2     sing Y N 36  
A   C2    N3     doub Y N 37  
A   C2    H2     sing N N 38  
A   N3    C4     sing Y N 39  
ALA N     CA     sing N N 40  
ALA N     H      sing N N 41  
ALA N     H2     sing N N 42  
ALA CA    C      sing N N 43  
ALA CA    CB     sing N N 44  
ALA CA    HA     sing N N 45  
ALA C     O      doub N N 46  
ALA C     OXT    sing N N 47  
ALA CB    HB1    sing N N 48  
ALA CB    HB2    sing N N 49  
ALA CB    HB3    sing N N 50  
ALA OXT   HXT    sing N N 51  
ARG N     CA     sing N N 52  
ARG N     H      sing N N 53  
ARG N     H2     sing N N 54  
ARG CA    C      sing N N 55  
ARG CA    CB     sing N N 56  
ARG CA    HA     sing N N 57  
ARG C     O      doub N N 58  
ARG C     OXT    sing N N 59  
ARG CB    CG     sing N N 60  
ARG CB    HB2    sing N N 61  
ARG CB    HB3    sing N N 62  
ARG CG    CD     sing N N 63  
ARG CG    HG2    sing N N 64  
ARG CG    HG3    sing N N 65  
ARG CD    NE     sing N N 66  
ARG CD    HD2    sing N N 67  
ARG CD    HD3    sing N N 68  
ARG NE    CZ     sing N N 69  
ARG NE    HE     sing N N 70  
ARG CZ    NH1    sing N N 71  
ARG CZ    NH2    doub N N 72  
ARG NH1   HH11   sing N N 73  
ARG NH1   HH12   sing N N 74  
ARG NH2   HH21   sing N N 75  
ARG NH2   HH22   sing N N 76  
ARG OXT   HXT    sing N N 77  
ASN N     CA     sing N N 78  
ASN N     H      sing N N 79  
ASN N     H2     sing N N 80  
ASN CA    C      sing N N 81  
ASN CA    CB     sing N N 82  
ASN CA    HA     sing N N 83  
ASN C     O      doub N N 84  
ASN C     OXT    sing N N 85  
ASN CB    CG     sing N N 86  
ASN CB    HB2    sing N N 87  
ASN CB    HB3    sing N N 88  
ASN CG    OD1    doub N N 89  
ASN CG    ND2    sing N N 90  
ASN ND2   HD21   sing N N 91  
ASN ND2   HD22   sing N N 92  
ASN OXT   HXT    sing N N 93  
ASP N     CA     sing N N 94  
ASP N     H      sing N N 95  
ASP N     H2     sing N N 96  
ASP CA    C      sing N N 97  
ASP CA    CB     sing N N 98  
ASP CA    HA     sing N N 99  
ASP C     O      doub N N 100 
ASP C     OXT    sing N N 101 
ASP CB    CG     sing N N 102 
ASP CB    HB2    sing N N 103 
ASP CB    HB3    sing N N 104 
ASP CG    OD1    doub N N 105 
ASP CG    OD2    sing N N 106 
ASP OD2   HD2    sing N N 107 
ASP OXT   HXT    sing N N 108 
C   OP3   P      sing N N 109 
C   OP3   HOP3   sing N N 110 
C   P     OP1    doub N N 111 
C   P     OP2    sing N N 112 
C   P     "O5'"  sing N N 113 
C   OP2   HOP2   sing N N 114 
C   "O5'" "C5'"  sing N N 115 
C   "C5'" "C4'"  sing N N 116 
C   "C5'" "H5'"  sing N N 117 
C   "C5'" "H5''" sing N N 118 
C   "C4'" "O4'"  sing N N 119 
C   "C4'" "C3'"  sing N N 120 
C   "C4'" "H4'"  sing N N 121 
C   "O4'" "C1'"  sing N N 122 
C   "C3'" "O3'"  sing N N 123 
C   "C3'" "C2'"  sing N N 124 
C   "C3'" "H3'"  sing N N 125 
C   "O3'" "HO3'" sing N N 126 
C   "C2'" "O2'"  sing N N 127 
C   "C2'" "C1'"  sing N N 128 
C   "C2'" "H2'"  sing N N 129 
C   "O2'" "HO2'" sing N N 130 
C   "C1'" N1     sing N N 131 
C   "C1'" "H1'"  sing N N 132 
C   N1    C2     sing N N 133 
C   N1    C6     sing N N 134 
C   C2    O2     doub N N 135 
C   C2    N3     sing N N 136 
C   N3    C4     doub N N 137 
C   C4    N4     sing N N 138 
C   C4    C5     sing N N 139 
C   N4    H41    sing N N 140 
C   N4    H42    sing N N 141 
C   C5    C6     doub N N 142 
C   C5    H5     sing N N 143 
C   C6    H6     sing N N 144 
CYS N     CA     sing N N 145 
CYS N     H      sing N N 146 
CYS N     H2     sing N N 147 
CYS CA    C      sing N N 148 
CYS CA    CB     sing N N 149 
CYS CA    HA     sing N N 150 
CYS C     O      doub N N 151 
CYS C     OXT    sing N N 152 
CYS CB    SG     sing N N 153 
CYS CB    HB2    sing N N 154 
CYS CB    HB3    sing N N 155 
CYS SG    HG     sing N N 156 
CYS OXT   HXT    sing N N 157 
G   OP3   P      sing N N 158 
G   OP3   HOP3   sing N N 159 
G   P     OP1    doub N N 160 
G   P     OP2    sing N N 161 
G   P     "O5'"  sing N N 162 
G   OP2   HOP2   sing N N 163 
G   "O5'" "C5'"  sing N N 164 
G   "C5'" "C4'"  sing N N 165 
G   "C5'" "H5'"  sing N N 166 
G   "C5'" "H5''" sing N N 167 
G   "C4'" "O4'"  sing N N 168 
G   "C4'" "C3'"  sing N N 169 
G   "C4'" "H4'"  sing N N 170 
G   "O4'" "C1'"  sing N N 171 
G   "C3'" "O3'"  sing N N 172 
G   "C3'" "C2'"  sing N N 173 
G   "C3'" "H3'"  sing N N 174 
G   "O3'" "HO3'" sing N N 175 
G   "C2'" "O2'"  sing N N 176 
G   "C2'" "C1'"  sing N N 177 
G   "C2'" "H2'"  sing N N 178 
G   "O2'" "HO2'" sing N N 179 
G   "C1'" N9     sing N N 180 
G   "C1'" "H1'"  sing N N 181 
G   N9    C8     sing Y N 182 
G   N9    C4     sing Y N 183 
G   C8    N7     doub Y N 184 
G   C8    H8     sing N N 185 
G   N7    C5     sing Y N 186 
G   C5    C6     sing N N 187 
G   C5    C4     doub Y N 188 
G   C6    O6     doub N N 189 
G   C6    N1     sing N N 190 
G   N1    C2     sing N N 191 
G   N1    H1     sing N N 192 
G   C2    N2     sing N N 193 
G   C2    N3     doub N N 194 
G   N2    H21    sing N N 195 
G   N2    H22    sing N N 196 
G   N3    C4     sing N N 197 
GLN N     CA     sing N N 198 
GLN N     H      sing N N 199 
GLN N     H2     sing N N 200 
GLN CA    C      sing N N 201 
GLN CA    CB     sing N N 202 
GLN CA    HA     sing N N 203 
GLN C     O      doub N N 204 
GLN C     OXT    sing N N 205 
GLN CB    CG     sing N N 206 
GLN CB    HB2    sing N N 207 
GLN CB    HB3    sing N N 208 
GLN CG    CD     sing N N 209 
GLN CG    HG2    sing N N 210 
GLN CG    HG3    sing N N 211 
GLN CD    OE1    doub N N 212 
GLN CD    NE2    sing N N 213 
GLN NE2   HE21   sing N N 214 
GLN NE2   HE22   sing N N 215 
GLN OXT   HXT    sing N N 216 
GLU N     CA     sing N N 217 
GLU N     H      sing N N 218 
GLU N     H2     sing N N 219 
GLU CA    C      sing N N 220 
GLU CA    CB     sing N N 221 
GLU CA    HA     sing N N 222 
GLU C     O      doub N N 223 
GLU C     OXT    sing N N 224 
GLU CB    CG     sing N N 225 
GLU CB    HB2    sing N N 226 
GLU CB    HB3    sing N N 227 
GLU CG    CD     sing N N 228 
GLU CG    HG2    sing N N 229 
GLU CG    HG3    sing N N 230 
GLU CD    OE1    doub N N 231 
GLU CD    OE2    sing N N 232 
GLU OE2   HE2    sing N N 233 
GLU OXT   HXT    sing N N 234 
GLY N     CA     sing N N 235 
GLY N     H      sing N N 236 
GLY N     H2     sing N N 237 
GLY CA    C      sing N N 238 
GLY CA    HA2    sing N N 239 
GLY CA    HA3    sing N N 240 
GLY C     O      doub N N 241 
GLY C     OXT    sing N N 242 
GLY OXT   HXT    sing N N 243 
HIS N     CA     sing N N 244 
HIS N     H      sing N N 245 
HIS N     H2     sing N N 246 
HIS CA    C      sing N N 247 
HIS CA    CB     sing N N 248 
HIS CA    HA     sing N N 249 
HIS C     O      doub N N 250 
HIS C     OXT    sing N N 251 
HIS CB    CG     sing N N 252 
HIS CB    HB2    sing N N 253 
HIS CB    HB3    sing N N 254 
HIS CG    ND1    sing Y N 255 
HIS CG    CD2    doub Y N 256 
HIS ND1   CE1    doub Y N 257 
HIS ND1   HD1    sing N N 258 
HIS CD2   NE2    sing Y N 259 
HIS CD2   HD2    sing N N 260 
HIS CE1   NE2    sing Y N 261 
HIS CE1   HE1    sing N N 262 
HIS NE2   HE2    sing N N 263 
HIS OXT   HXT    sing N N 264 
HOH O     H1     sing N N 265 
HOH O     H2     sing N N 266 
ILE N     CA     sing N N 267 
ILE N     H      sing N N 268 
ILE N     H2     sing N N 269 
ILE CA    C      sing N N 270 
ILE CA    CB     sing N N 271 
ILE CA    HA     sing N N 272 
ILE C     O      doub N N 273 
ILE C     OXT    sing N N 274 
ILE CB    CG1    sing N N 275 
ILE CB    CG2    sing N N 276 
ILE CB    HB     sing N N 277 
ILE CG1   CD1    sing N N 278 
ILE CG1   HG12   sing N N 279 
ILE CG1   HG13   sing N N 280 
ILE CG2   HG21   sing N N 281 
ILE CG2   HG22   sing N N 282 
ILE CG2   HG23   sing N N 283 
ILE CD1   HD11   sing N N 284 
ILE CD1   HD12   sing N N 285 
ILE CD1   HD13   sing N N 286 
ILE OXT   HXT    sing N N 287 
LEU N     CA     sing N N 288 
LEU N     H      sing N N 289 
LEU N     H2     sing N N 290 
LEU CA    C      sing N N 291 
LEU CA    CB     sing N N 292 
LEU CA    HA     sing N N 293 
LEU C     O      doub N N 294 
LEU C     OXT    sing N N 295 
LEU CB    CG     sing N N 296 
LEU CB    HB2    sing N N 297 
LEU CB    HB3    sing N N 298 
LEU CG    CD1    sing N N 299 
LEU CG    CD2    sing N N 300 
LEU CG    HG     sing N N 301 
LEU CD1   HD11   sing N N 302 
LEU CD1   HD12   sing N N 303 
LEU CD1   HD13   sing N N 304 
LEU CD2   HD21   sing N N 305 
LEU CD2   HD22   sing N N 306 
LEU CD2   HD23   sing N N 307 
LEU OXT   HXT    sing N N 308 
LYS N     CA     sing N N 309 
LYS N     H      sing N N 310 
LYS N     H2     sing N N 311 
LYS CA    C      sing N N 312 
LYS CA    CB     sing N N 313 
LYS CA    HA     sing N N 314 
LYS C     O      doub N N 315 
LYS C     OXT    sing N N 316 
LYS CB    CG     sing N N 317 
LYS CB    HB2    sing N N 318 
LYS CB    HB3    sing N N 319 
LYS CG    CD     sing N N 320 
LYS CG    HG2    sing N N 321 
LYS CG    HG3    sing N N 322 
LYS CD    CE     sing N N 323 
LYS CD    HD2    sing N N 324 
LYS CD    HD3    sing N N 325 
LYS CE    NZ     sing N N 326 
LYS CE    HE2    sing N N 327 
LYS CE    HE3    sing N N 328 
LYS NZ    HZ1    sing N N 329 
LYS NZ    HZ2    sing N N 330 
LYS NZ    HZ3    sing N N 331 
LYS OXT   HXT    sing N N 332 
MET N     CA     sing N N 333 
MET N     H      sing N N 334 
MET N     H2     sing N N 335 
MET CA    C      sing N N 336 
MET CA    CB     sing N N 337 
MET CA    HA     sing N N 338 
MET C     O      doub N N 339 
MET C     OXT    sing N N 340 
MET CB    CG     sing N N 341 
MET CB    HB2    sing N N 342 
MET CB    HB3    sing N N 343 
MET CG    SD     sing N N 344 
MET CG    HG2    sing N N 345 
MET CG    HG3    sing N N 346 
MET SD    CE     sing N N 347 
MET CE    HE1    sing N N 348 
MET CE    HE2    sing N N 349 
MET CE    HE3    sing N N 350 
MET OXT   HXT    sing N N 351 
PHE N     CA     sing N N 352 
PHE N     H      sing N N 353 
PHE N     H2     sing N N 354 
PHE CA    C      sing N N 355 
PHE CA    CB     sing N N 356 
PHE CA    HA     sing N N 357 
PHE C     O      doub N N 358 
PHE C     OXT    sing N N 359 
PHE CB    CG     sing N N 360 
PHE CB    HB2    sing N N 361 
PHE CB    HB3    sing N N 362 
PHE CG    CD1    doub Y N 363 
PHE CG    CD2    sing Y N 364 
PHE CD1   CE1    sing Y N 365 
PHE CD1   HD1    sing N N 366 
PHE CD2   CE2    doub Y N 367 
PHE CD2   HD2    sing N N 368 
PHE CE1   CZ     doub Y N 369 
PHE CE1   HE1    sing N N 370 
PHE CE2   CZ     sing Y N 371 
PHE CE2   HE2    sing N N 372 
PHE CZ    HZ     sing N N 373 
PHE OXT   HXT    sing N N 374 
PRO N     CA     sing N N 375 
PRO N     CD     sing N N 376 
PRO N     H      sing N N 377 
PRO CA    C      sing N N 378 
PRO CA    CB     sing N N 379 
PRO CA    HA     sing N N 380 
PRO C     O      doub N N 381 
PRO C     OXT    sing N N 382 
PRO CB    CG     sing N N 383 
PRO CB    HB2    sing N N 384 
PRO CB    HB3    sing N N 385 
PRO CG    CD     sing N N 386 
PRO CG    HG2    sing N N 387 
PRO CG    HG3    sing N N 388 
PRO CD    HD2    sing N N 389 
PRO CD    HD3    sing N N 390 
PRO OXT   HXT    sing N N 391 
SER N     CA     sing N N 392 
SER N     H      sing N N 393 
SER N     H2     sing N N 394 
SER CA    C      sing N N 395 
SER CA    CB     sing N N 396 
SER CA    HA     sing N N 397 
SER C     O      doub N N 398 
SER C     OXT    sing N N 399 
SER CB    OG     sing N N 400 
SER CB    HB2    sing N N 401 
SER CB    HB3    sing N N 402 
SER OG    HG     sing N N 403 
SER OXT   HXT    sing N N 404 
THR N     CA     sing N N 405 
THR N     H      sing N N 406 
THR N     H2     sing N N 407 
THR CA    C      sing N N 408 
THR CA    CB     sing N N 409 
THR CA    HA     sing N N 410 
THR C     O      doub N N 411 
THR C     OXT    sing N N 412 
THR CB    OG1    sing N N 413 
THR CB    CG2    sing N N 414 
THR CB    HB     sing N N 415 
THR OG1   HG1    sing N N 416 
THR CG2   HG21   sing N N 417 
THR CG2   HG22   sing N N 418 
THR CG2   HG23   sing N N 419 
THR OXT   HXT    sing N N 420 
TRP N     CA     sing N N 421 
TRP N     H      sing N N 422 
TRP N     H2     sing N N 423 
TRP CA    C      sing N N 424 
TRP CA    CB     sing N N 425 
TRP CA    HA     sing N N 426 
TRP C     O      doub N N 427 
TRP C     OXT    sing N N 428 
TRP CB    CG     sing N N 429 
TRP CB    HB2    sing N N 430 
TRP CB    HB3    sing N N 431 
TRP CG    CD1    doub Y N 432 
TRP CG    CD2    sing Y N 433 
TRP CD1   NE1    sing Y N 434 
TRP CD1   HD1    sing N N 435 
TRP CD2   CE2    doub Y N 436 
TRP CD2   CE3    sing Y N 437 
TRP NE1   CE2    sing Y N 438 
TRP NE1   HE1    sing N N 439 
TRP CE2   CZ2    sing Y N 440 
TRP CE3   CZ3    doub Y N 441 
TRP CE3   HE3    sing N N 442 
TRP CZ2   CH2    doub Y N 443 
TRP CZ2   HZ2    sing N N 444 
TRP CZ3   CH2    sing Y N 445 
TRP CZ3   HZ3    sing N N 446 
TRP CH2   HH2    sing N N 447 
TRP OXT   HXT    sing N N 448 
TYR N     CA     sing N N 449 
TYR N     H      sing N N 450 
TYR N     H2     sing N N 451 
TYR CA    C      sing N N 452 
TYR CA    CB     sing N N 453 
TYR CA    HA     sing N N 454 
TYR C     O      doub N N 455 
TYR C     OXT    sing N N 456 
TYR CB    CG     sing N N 457 
TYR CB    HB2    sing N N 458 
TYR CB    HB3    sing N N 459 
TYR CG    CD1    doub Y N 460 
TYR CG    CD2    sing Y N 461 
TYR CD1   CE1    sing Y N 462 
TYR CD1   HD1    sing N N 463 
TYR CD2   CE2    doub Y N 464 
TYR CD2   HD2    sing N N 465 
TYR CE1   CZ     doub Y N 466 
TYR CE1   HE1    sing N N 467 
TYR CE2   CZ     sing Y N 468 
TYR CE2   HE2    sing N N 469 
TYR CZ    OH     sing N N 470 
TYR OH    HH     sing N N 471 
TYR OXT   HXT    sing N N 472 
U   OP3   P      sing N N 473 
U   OP3   HOP3   sing N N 474 
U   P     OP1    doub N N 475 
U   P     OP2    sing N N 476 
U   P     "O5'"  sing N N 477 
U   OP2   HOP2   sing N N 478 
U   "O5'" "C5'"  sing N N 479 
U   "C5'" "C4'"  sing N N 480 
U   "C5'" "H5'"  sing N N 481 
U   "C5'" "H5''" sing N N 482 
U   "C4'" "O4'"  sing N N 483 
U   "C4'" "C3'"  sing N N 484 
U   "C4'" "H4'"  sing N N 485 
U   "O4'" "C1'"  sing N N 486 
U   "C3'" "O3'"  sing N N 487 
U   "C3'" "C2'"  sing N N 488 
U   "C3'" "H3'"  sing N N 489 
U   "O3'" "HO3'" sing N N 490 
U   "C2'" "O2'"  sing N N 491 
U   "C2'" "C1'"  sing N N 492 
U   "C2'" "H2'"  sing N N 493 
U   "O2'" "HO2'" sing N N 494 
U   "C1'" N1     sing N N 495 
U   "C1'" "H1'"  sing N N 496 
U   N1    C2     sing N N 497 
U   N1    C6     sing N N 498 
U   C2    O2     doub N N 499 
U   C2    N3     sing N N 500 
U   N3    C4     sing N N 501 
U   N3    H3     sing N N 502 
U   C4    O4     doub N N 503 
U   C4    C5     sing N N 504 
U   C5    C6     doub N N 505 
U   C5    H5     sing N N 506 
U   C6    H6     sing N N 507 
VAL N     CA     sing N N 508 
VAL N     H      sing N N 509 
VAL N     H2     sing N N 510 
VAL CA    C      sing N N 511 
VAL CA    CB     sing N N 512 
VAL CA    HA     sing N N 513 
VAL C     O      doub N N 514 
VAL C     OXT    sing N N 515 
VAL CB    CG1    sing N N 516 
VAL CB    CG2    sing N N 517 
VAL CB    HB     sing N N 518 
VAL CG1   HG11   sing N N 519 
VAL CG1   HG12   sing N N 520 
VAL CG1   HG13   sing N N 521 
VAL CG2   HG21   sing N N 522 
VAL CG2   HG22   sing N N 523 
VAL CG2   HG23   sing N N 524 
VAL OXT   HXT    sing N N 525 
# 
_pdbx_initial_refinement_model.accession_code   ? 
_pdbx_initial_refinement_model.id               1 
_pdbx_initial_refinement_model.entity_id_list   ? 
_pdbx_initial_refinement_model.type             'experimental model' 
_pdbx_initial_refinement_model.source_name      Other 
_pdbx_initial_refinement_model.details          'THA8 Apo structure' 
# 
_atom_sites.entry_id                    4N2S 
_atom_sites.fract_transf_matrix[1][1]   0.00783169 
_atom_sites.fract_transf_matrix[1][2]   0.00546225 
_atom_sites.fract_transf_matrix[1][3]   0.00610083 
_atom_sites.fract_transf_matrix[2][1]   -0.00354405 
_atom_sites.fract_transf_matrix[2][2]   0.00987120 
_atom_sites.fract_transf_matrix[2][3]   -0.00428843 
_atom_sites.fract_transf_matrix[3][1]   -0.00825449 
_atom_sites.fract_transf_matrix[3][2]   0.00118064 
_atom_sites.fract_transf_matrix[3][3]   0.00953930 
_atom_sites.fract_transf_vector[1]      -0.069061 
_atom_sites.fract_transf_vector[2]      0.229552 
_atom_sites.fract_transf_vector[3]      0.545141 
# 
loop_
_atom_type.symbol 
C 
N 
O 
P 
S 
# 
loop_
_atom_site.group_PDB 
_atom_site.id 
_atom_site.type_symbol 
_atom_site.label_atom_id 
_atom_site.label_alt_id 
_atom_site.label_comp_id 
_atom_site.label_asym_id 
_atom_site.label_entity_id 
_atom_site.label_seq_id 
_atom_site.pdbx_PDB_ins_code 
_atom_site.Cartn_x 
_atom_site.Cartn_y 
_atom_site.Cartn_z 
_atom_site.occupancy 
_atom_site.B_iso_or_equiv 
_atom_site.pdbx_formal_charge 
_atom_site.auth_seq_id 
_atom_site.auth_comp_id 
_atom_site.auth_asym_id 
_atom_site.auth_atom_id 
_atom_site.pdbx_PDB_model_num 
ATOM   1    N N     . SER A 1 44  ? 13.902  7.430   -13.335 1.00 100.74 ? 44  SER A N     1 
ATOM   2    C CA    . SER A 1 44  ? 13.529  7.259   -14.786 1.00 101.60 ? 44  SER A CA    1 
ATOM   3    C C     . SER A 1 44  ? 13.482  5.776   -15.205 1.00 94.96  ? 44  SER A C     1 
ATOM   4    O O     . SER A 1 44  ? 13.799  4.861   -14.414 1.00 97.78  ? 44  SER A O     1 
ATOM   5    C CB    . SER A 1 44  ? 14.469  8.051   -15.725 1.00 98.54  ? 44  SER A CB    1 
ATOM   6    O OG    . SER A 1 44  ? 13.953  8.110   -17.048 1.00 99.44  ? 44  SER A OG    1 
ATOM   7    N N     . LEU A 1 45  ? 13.047  5.545   -16.439 1.00 82.99  ? 45  LEU A N     1 
ATOM   8    C CA    . LEU A 1 45  ? 12.900  4.174   -16.926 1.00 84.74  ? 45  LEU A CA    1 
ATOM   9    C C     . LEU A 1 45  ? 14.068  3.730   -17.782 1.00 87.76  ? 45  LEU A C     1 
ATOM   10   O O     . LEU A 1 45  ? 14.488  4.480   -18.656 1.00 91.43  ? 45  LEU A O     1 
ATOM   11   C CB    . LEU A 1 45  ? 11.596  3.983   -17.712 1.00 76.52  ? 45  LEU A CB    1 
ATOM   12   C CG    . LEU A 1 45  ? 10.306  3.975   -16.925 1.00 75.46  ? 45  LEU A CG    1 
ATOM   13   C CD1   . LEU A 1 45  ? 9.160   4.181   -17.889 1.00 75.45  ? 45  LEU A CD1   1 
ATOM   14   C CD2   . LEU A 1 45  ? 10.179  2.675   -16.149 1.00 81.16  ? 45  LEU A CD2   1 
ATOM   15   N N     . SER A 1 46  ? 14.574  2.517   -17.556 1.00 83.59  ? 46  SER A N     1 
ATOM   16   C CA    . SER A 1 46  ? 15.636  2.005   -18.402 1.00 81.87  ? 46  SER A CA    1 
ATOM   17   C C     . SER A 1 46  ? 15.000  1.586   -19.715 1.00 83.25  ? 46  SER A C     1 
ATOM   18   O O     . SER A 1 46  ? 13.820  1.297   -19.760 1.00 77.38  ? 46  SER A O     1 
ATOM   19   C CB    . SER A 1 46  ? 16.348  0.825   -17.752 1.00 82.32  ? 46  SER A CB    1 
ATOM   20   O OG    . SER A 1 46  ? 15.632  -0.373  -17.979 1.00 76.79  ? 46  SER A OG    1 
ATOM   21   N N     . THR A 1 47  ? 15.772  1.559   -20.792 1.00 85.81  ? 47  THR A N     1 
ATOM   22   C CA    . THR A 1 47  ? 15.223  1.133   -22.063 1.00 82.33  ? 47  THR A CA    1 
ATOM   23   C C     . THR A 1 47  ? 14.603  -0.261  -21.908 1.00 82.28  ? 47  THR A C     1 
ATOM   24   O O     . THR A 1 47  ? 13.751  -0.650  -22.707 1.00 91.61  ? 47  THR A O     1 
ATOM   25   C CB    . THR A 1 47  ? 16.279  1.139   -23.154 1.00 85.57  ? 47  THR A CB    1 
ATOM   26   O OG1   . THR A 1 47  ? 17.167  0.040   -22.928 1.00 106.81 ? 47  THR A OG1   1 
ATOM   27   C CG2   . THR A 1 47  ? 17.035  2.480   -23.129 1.00 80.45  ? 47  THR A CG2   1 
ATOM   28   N N     . GLU A 1 48  ? 15.014  -0.998  -20.876 1.00 81.70  ? 48  GLU A N     1 
ATOM   29   C CA    . GLU A 1 48  ? 14.446  -2.325  -20.612 1.00 81.89  ? 48  GLU A CA    1 
ATOM   30   C C     . GLU A 1 48  ? 13.062  -2.249  -20.044 1.00 77.76  ? 48  GLU A C     1 
ATOM   31   O O     . GLU A 1 48  ? 12.250  -3.137  -20.256 1.00 80.27  ? 48  GLU A O     1 
ATOM   32   C CB    . GLU A 1 48  ? 15.300  -3.119  -19.618 1.00 87.95  ? 48  GLU A CB    1 
ATOM   33   C CG    . GLU A 1 48  ? 16.648  -3.538  -20.134 1.00 99.60  ? 48  GLU A CG    1 
ATOM   34   C CD    . GLU A 1 48  ? 17.055  -4.901  -19.563 1.00 110.70 ? 48  GLU A CD    1 
ATOM   35   O OE1   . GLU A 1 48  ? 18.149  -5.382  -19.960 1.00 115.86 ? 48  GLU A OE1   1 
ATOM   36   O OE2   . GLU A 1 48  ? 16.290  -5.473  -18.724 1.00 99.05  ? 48  GLU A OE2   1 
ATOM   37   N N     . ALA A 1 49  ? 12.809  -1.185  -19.299 1.00 79.47  ? 49  ALA A N     1 
ATOM   38   C CA    . ALA A 1 49  ? 11.524  -0.987  -18.666 1.00 77.79  ? 49  ALA A CA    1 
ATOM   39   C C     . ALA A 1 49  ? 10.545  -0.347  -19.630 1.00 77.77  ? 49  ALA A C     1 
ATOM   40   O O     . ALA A 1 49  ? 9.431   -0.845  -19.797 1.00 82.00  ? 49  ALA A O     1 
ATOM   41   C CB    . ALA A 1 49  ? 11.668  -0.143  -17.412 1.00 76.15  ? 49  ALA A CB    1 
ATOM   42   N N     . ILE A 1 50  ? 10.945  0.762   -20.257 1.00 77.53  ? 50  ILE A N     1 
ATOM   43   C CA    . ILE A 1 50  ? 10.081  1.462   -21.206 1.00 78.74  ? 50  ILE A CA    1 
ATOM   44   C C     . ILE A 1 50  ? 9.524   0.502   -22.228 1.00 73.42  ? 50  ILE A C     1 
ATOM   45   O O     . ILE A 1 50  ? 8.340   0.565   -22.569 1.00 79.14  ? 50  ILE A O     1 
ATOM   46   C CB    . ILE A 1 50  ? 10.821  2.574   -21.950 1.00 77.19  ? 50  ILE A CB    1 
ATOM   47   C CG1   . ILE A 1 50  ? 12.081  1.992   -22.590 1.00 92.24  ? 50  ILE A CG1   1 
ATOM   48   C CG2   . ILE A 1 50  ? 11.145  3.725   -21.000 1.00 73.63  ? 50  ILE A CG2   1 
ATOM   49   C CD1   . ILE A 1 50  ? 12.708  2.858   -23.694 1.00 106.74 ? 50  ILE A CD1   1 
ATOM   50   N N     . HIS A 1 51  ? 10.371  -0.390  -22.712 1.00 68.31  ? 51  HIS A N     1 
ATOM   51   C CA    . HIS A 1 51  ? 9.939   -1.352  -23.708 1.00 74.55  ? 51  HIS A CA    1 
ATOM   52   C C     . HIS A 1 51  ? 9.054   -2.415  -23.107 1.00 70.42  ? 51  HIS A C     1 
ATOM   53   O O     . HIS A 1 51  ? 8.214   -3.004  -23.797 1.00 73.68  ? 51  HIS A O     1 
ATOM   54   C CB    . HIS A 1 51  ? 11.150  -1.978  -24.385 1.00 75.59  ? 51  HIS A CB    1 
ATOM   55   C CG    . HIS A 1 51  ? 11.910  -1.011  -25.257 1.00 91.42  ? 51  HIS A CG    1 
ATOM   56   N ND1   . HIS A 1 51  ? 13.250  -1.105  -25.475 1.00 97.68  ? 51  HIS A ND1   1 
ATOM   57   C CD2   . HIS A 1 51  ? 11.479  0.120   -25.947 1.00 90.88  ? 51  HIS A CD2   1 
ATOM   58   C CE1   . HIS A 1 51  ? 13.647  -0.089  -26.269 1.00 99.97  ? 51  HIS A CE1   1 
ATOM   59   N NE2   . HIS A 1 51  ? 12.564  0.657   -26.563 1.00 96.08  ? 51  HIS A NE2   1 
ATOM   60   N N     . ALA A 1 52  ? 9.224   -2.665  -21.816 1.00 67.52  ? 52  ALA A N     1 
ATOM   61   C CA    . ALA A 1 52  ? 8.399   -3.649  -21.121 1.00 67.42  ? 52  ALA A CA    1 
ATOM   62   C C     . ALA A 1 52  ? 6.963   -3.111  -21.028 1.00 72.61  ? 52  ALA A C     1 
ATOM   63   O O     . ALA A 1 52  ? 5.996   -3.863  -21.192 1.00 76.04  ? 52  ALA A O     1 
ATOM   64   C CB    . ALA A 1 52  ? 8.954   -3.931  -19.740 1.00 62.69  ? 52  ALA A CB    1 
ATOM   65   N N     . VAL A 1 53  ? 6.837   -1.814  -20.754 1.00 73.50  ? 53  VAL A N     1 
ATOM   66   C CA    . VAL A 1 53  ? 5.535   -1.156  -20.656 1.00 65.41  ? 53  VAL A CA    1 
ATOM   67   C C     . VAL A 1 53  ? 4.901   -1.112  -22.025 1.00 64.65  ? 53  VAL A C     1 
ATOM   68   O O     . VAL A 1 53  ? 3.720   -1.423  -22.180 1.00 60.86  ? 53  VAL A O     1 
ATOM   69   C CB    . VAL A 1 53  ? 5.669   0.289   -20.115 1.00 64.01  ? 53  VAL A CB    1 
ATOM   70   C CG1   . VAL A 1 53  ? 4.336   1.043   -20.186 1.00 58.30  ? 53  VAL A CG1   1 
ATOM   71   C CG2   . VAL A 1 53  ? 6.194   0.237   -18.692 1.00 61.30  ? 53  VAL A CG2   1 
ATOM   72   N N     . GLN A 1 54  ? 5.704   -0.724  -23.020 1.00 63.39  ? 54  GLN A N     1 
ATOM   73   C CA    . GLN A 1 54  ? 5.226   -0.655  -24.383 1.00 62.10  ? 54  GLN A CA    1 
ATOM   74   C C     . GLN A 1 54  ? 4.597   -1.981  -24.764 1.00 67.45  ? 54  GLN A C     1 
ATOM   75   O O     . GLN A 1 54  ? 3.460   -2.024  -25.233 1.00 73.09  ? 54  GLN A O     1 
ATOM   76   C CB    . GLN A 1 54  ? 6.377   -0.385  -25.317 1.00 64.56  ? 54  GLN A CB    1 
ATOM   77   C CG    . GLN A 1 54  ? 6.890   1.036   -25.311 1.00 62.22  ? 54  GLN A CG    1 
ATOM   78   C CD    . GLN A 1 54  ? 8.051   1.202   -26.260 1.00 78.81  ? 54  GLN A CD    1 
ATOM   79   O OE1   . GLN A 1 54  ? 8.041   0.653   -27.362 1.00 99.27  ? 54  GLN A OE1   1 
ATOM   80   N NE2   . GLN A 1 54  ? 9.059   1.955   -25.846 1.00 83.21  ? 54  GLN A NE2   1 
ATOM   81   N N     . ALA A 1 55  ? 5.348   -3.063  -24.559 1.00 64.79  ? 55  ALA A N     1 
ATOM   82   C CA    . ALA A 1 55  ? 4.866   -4.396  -24.876 1.00 65.62  ? 55  ALA A CA    1 
ATOM   83   C C     . ALA A 1 55  ? 3.528   -4.725  -24.210 1.00 64.76  ? 55  ALA A C     1 
ATOM   84   O O     . ALA A 1 55  ? 2.544   -5.004  -24.886 1.00 65.73  ? 55  ALA A O     1 
ATOM   85   C CB    . ALA A 1 55  ? 5.906   -5.421  -24.473 1.00 68.57  ? 55  ALA A CB    1 
ATOM   86   N N     . LEU A 1 56  ? 3.506   -4.704  -22.883 1.00 67.96  ? 56  LEU A N     1 
ATOM   87   C CA    . LEU A 1 56  ? 2.300   -5.007  -22.125 1.00 67.21  ? 56  LEU A CA    1 
ATOM   88   C C     . LEU A 1 56  ? 1.071   -4.295  -22.688 1.00 74.80  ? 56  LEU A C     1 
ATOM   89   O O     . LEU A 1 56  ? -0.022  -4.864  -22.706 1.00 79.90  ? 56  LEU A O     1 
ATOM   90   C CB    . LEU A 1 56  ? 2.491   -4.644  -20.654 1.00 61.07  ? 56  LEU A CB    1 
ATOM   91   C CG    . LEU A 1 56  ? 1.253   -4.800  -19.776 1.00 64.67  ? 56  LEU A CG    1 
ATOM   92   C CD1   . LEU A 1 56  ? 0.671   -6.191  -19.882 1.00 66.23  ? 56  LEU A CD1   1 
ATOM   93   C CD2   . LEU A 1 56  ? 1.561   -4.489  -18.329 1.00 75.33  ? 56  LEU A CD2   1 
ATOM   94   N N     . LYS A 1 57  ? 1.247   -3.062  -23.153 1.00 80.04  ? 57  LYS A N     1 
ATOM   95   C CA    . LYS A 1 57  ? 0.131   -2.291  -23.706 1.00 82.75  ? 57  LYS A CA    1 
ATOM   96   C C     . LYS A 1 57  ? -0.267  -2.789  -25.096 1.00 81.87  ? 57  LYS A C     1 
ATOM   97   O O     . LYS A 1 57  ? -1.449  -3.022  -25.360 1.00 84.10  ? 57  LYS A O     1 
ATOM   98   C CB    . LYS A 1 57  ? 0.462   -0.785  -23.749 1.00 79.65  ? 57  LYS A CB    1 
ATOM   99   C CG    . LYS A 1 57  ? 0.879   -0.197  -22.409 1.00 74.99  ? 57  LYS A CG    1 
ATOM   100  C CD    . LYS A 1 57  ? 0.728   1.316   -22.385 1.00 71.63  ? 57  LYS A CD    1 
ATOM   101  C CE    . LYS A 1 57  ? 1.667   2.010   -23.356 1.00 73.28  ? 57  LYS A CE    1 
ATOM   102  N NZ    . LYS A 1 57  ? 1.525   3.484   -23.392 1.00 66.78  ? 57  LYS A NZ    1 
ATOM   103  N N     . ARG A 1 58  ? 0.718   -2.953  -25.977 1.00 78.65  ? 58  ARG A N     1 
ATOM   104  C CA    . ARG A 1 58  ? 0.449   -3.435  -27.326 1.00 77.48  ? 58  ARG A CA    1 
ATOM   105  C C     . ARG A 1 58  ? -0.274  -4.778  -27.254 1.00 75.61  ? 58  ARG A C     1 
ATOM   106  O O     . ARG A 1 58  ? -1.161  -5.043  -28.045 1.00 82.24  ? 58  ARG A O     1 
ATOM   107  C CB    . ARG A 1 58  ? 1.737   -3.599  -28.118 1.00 78.26  ? 58  ARG A CB    1 
ATOM   108  C CG    . ARG A 1 58  ? 2.680   -2.403  -28.120 1.00 85.33  ? 58  ARG A CG    1 
ATOM   109  C CD    . ARG A 1 58  ? 4.018   -2.785  -28.769 1.00 103.64 ? 58  ARG A CD    1 
ATOM   110  N NE    . ARG A 1 58  ? 5.212   -2.079  -28.266 1.00 125.38 ? 58  ARG A NE    1 
ATOM   111  C CZ    . ARG A 1 58  ? 6.451   -2.605  -28.172 1.00 128.04 ? 58  ARG A CZ    1 
ATOM   112  N NH1   . ARG A 1 58  ? 7.471   -1.858  -27.716 1.00 120.51 ? 58  ARG A NH1   1 
ATOM   113  N NH2   . ARG A 1 58  ? 6.678   -3.881  -28.511 1.00 117.87 ? 58  ARG A NH2   1 
ATOM   114  N N     . LEU A 1 59  ? 0.123   -5.620  -26.307 1.00 75.94  ? 59  LEU A N     1 
ATOM   115  C CA    . LEU A 1 59  ? -0.476  -6.945  -26.131 1.00 79.72  ? 59  LEU A CA    1 
ATOM   116  C C     . LEU A 1 59  ? -1.923  -6.857  -25.694 1.00 83.99  ? 59  LEU A C     1 
ATOM   117  O O     . LEU A 1 59  ? -2.807  -7.418  -26.332 1.00 92.09  ? 59  LEU A O     1 
ATOM   118  C CB    . LEU A 1 59  ? 0.305   -7.784  -25.110 1.00 72.94  ? 59  LEU A CB    1 
ATOM   119  C CG    . LEU A 1 59  ? 1.661   -8.324  -25.502 1.00 70.19  ? 59  LEU A CG    1 
ATOM   120  C CD1   . LEU A 1 59  ? 2.412   -8.732  -24.262 1.00 71.65  ? 59  LEU A CD1   1 
ATOM   121  C CD2   . LEU A 1 59  ? 1.433   -9.547  -26.343 1.00 74.32  ? 59  LEU A CD2   1 
ATOM   122  N N     . THR A 1 60  ? -2.149  -6.158  -24.588 1.00 80.31  ? 60  THR A N     1 
ATOM   123  C CA    . THR A 1 60  ? -3.490  -5.994  -24.035 1.00 85.68  ? 60  THR A CA    1 
ATOM   124  C C     . THR A 1 60  ? -4.379  -5.140  -24.950 1.00 96.79  ? 60  THR A C     1 
ATOM   125  O O     . THR A 1 60  ? -5.615  -5.135  -24.807 1.00 95.50  ? 60  THR A O     1 
ATOM   126  C CB    . THR A 1 60  ? -3.420  -5.355  -22.635 1.00 84.41  ? 60  THR A CB    1 
ATOM   127  O OG1   . THR A 1 60  ? -2.685  -4.115  -22.705 1.00 83.59  ? 60  THR A OG1   1 
ATOM   128  C CG2   . THR A 1 60  ? -2.725  -6.295  -21.667 1.00 76.48  ? 60  THR A CG2   1 
ATOM   129  N N     . ALA A 1 61  ? -3.746  -4.419  -25.888 1.00 97.93  ? 61  ALA A N     1 
ATOM   130  C CA    . ALA A 1 61  ? -4.471  -3.573  -26.847 1.00 97.36  ? 61  ALA A CA    1 
ATOM   131  C C     . ALA A 1 61  ? -5.578  -4.363  -27.542 1.00 106.16 ? 61  ALA A C     1 
ATOM   132  O O     . ALA A 1 61  ? -6.695  -3.868  -27.703 1.00 114.21 ? 61  ALA A O     1 
ATOM   133  C CB    . ALA A 1 61  ? -3.516  -2.954  -27.869 1.00 95.59  ? 61  ALA A CB    1 
ATOM   134  N N     . ALA A 1 62  ? -5.262  -5.597  -27.941 1.00 103.76 ? 62  ALA A N     1 
ATOM   135  C CA    . ALA A 1 62  ? -6.222  -6.465  -28.612 1.00 99.94  ? 62  ALA A CA    1 
ATOM   136  C C     . ALA A 1 62  ? -7.186  -7.131  -27.615 1.00 101.22 ? 62  ALA A C     1 
ATOM   137  O O     . ALA A 1 62  ? -8.376  -7.283  -27.893 1.00 109.26 ? 62  ALA A O     1 
ATOM   138  C CB    . ALA A 1 62  ? -5.497  -7.490  -29.464 1.00 84.23  ? 62  ALA A CB    1 
ATOM   139  N N     . ASP A 1 63  ? -6.676  -7.506  -26.451 1.00 102.44 ? 63  ASP A N     1 
ATOM   140  C CA    . ASP A 1 63  ? -7.488  -8.176  -25.434 1.00 111.15 ? 63  ASP A CA    1 
ATOM   141  C C     . ASP A 1 63  ? -7.301  -7.445  -24.108 1.00 113.00 ? 63  ASP A C     1 
ATOM   142  O O     . ASP A 1 63  ? -6.192  -7.384  -23.567 1.00 123.60 ? 63  ASP A O     1 
ATOM   143  C CB    . ASP A 1 63  ? -7.050  -9.635  -25.292 1.00 116.42 ? 63  ASP A CB    1 
ATOM   144  C CG    . ASP A 1 63  ? -8.144  -10.533 -24.728 1.00 119.58 ? 63  ASP A CG    1 
ATOM   145  O OD1   . ASP A 1 63  ? -8.783  -10.177 -23.707 1.00 110.13 ? 63  ASP A OD1   1 
ATOM   146  O OD2   . ASP A 1 63  ? -8.342  -11.621 -25.306 1.00 113.91 ? 63  ASP A OD2   1 
ATOM   147  N N     . ARG A 1 64  ? -8.389  -6.894  -23.580 1.00 102.83 ? 64  ARG A N     1 
ATOM   148  C CA    . ARG A 1 64  ? -8.318  -6.138  -22.350 1.00 100.90 ? 64  ARG A CA    1 
ATOM   149  C C     . ARG A 1 64  ? -8.880  -6.888  -21.146 1.00 100.68 ? 64  ARG A C     1 
ATOM   150  O O     . ARG A 1 64  ? -8.746  -6.433  -20.012 1.00 103.92 ? 64  ARG A O     1 
ATOM   151  C CB    . ARG A 1 64  ? -9.028  -4.794  -22.533 1.00 104.92 ? 64  ARG A CB    1 
ATOM   152  C CG    . ARG A 1 64  ? -8.464  -3.923  -23.660 1.00 97.34  ? 64  ARG A CG    1 
ATOM   153  C CD    . ARG A 1 64  ? -9.163  -2.586  -23.694 1.00 93.55  ? 64  ARG A CD    1 
ATOM   154  N NE    . ARG A 1 64  ? -8.992  -1.933  -24.985 1.00 103.38 ? 64  ARG A NE    1 
ATOM   155  C CZ    . ARG A 1 64  ? -7.890  -1.290  -25.372 1.00 102.37 ? 64  ARG A CZ    1 
ATOM   156  N NH1   . ARG A 1 64  ? -6.844  -1.209  -24.568 1.00 109.05 ? 64  ARG A NH1   1 
ATOM   157  N NH2   . ARG A 1 64  ? -7.838  -0.713  -26.564 1.00 95.14  ? 64  ARG A NH2   1 
ATOM   158  N N     . SER A 1 65  ? -9.495  -8.037  -21.398 1.00 100.59 ? 65  SER A N     1 
ATOM   159  C CA    . SER A 1 65  ? -10.089 -8.845  -20.327 1.00 98.99  ? 65  SER A CA    1 
ATOM   160  C C     . SER A 1 65  ? -9.063  -9.173  -19.236 1.00 93.18  ? 65  SER A C     1 
ATOM   161  O O     . SER A 1 65  ? -7.879  -9.302  -19.522 1.00 96.86  ? 65  SER A O     1 
ATOM   162  C CB    . SER A 1 65  ? -10.679 -10.129 -20.906 1.00 96.96  ? 65  SER A CB    1 
ATOM   163  O OG    . SER A 1 65  ? -9.666  -10.920 -21.494 1.00 91.43  ? 65  SER A OG    1 
ATOM   164  N N     . PRO A 1 66  ? -9.513  -9.316  -17.988 1.00 94.74  ? 66  PRO A N     1 
ATOM   165  C CA    . PRO A 1 66  ? -8.592  -9.636  -16.873 1.00 104.42 ? 66  PRO A CA    1 
ATOM   166  C C     . PRO A 1 66  ? -7.718  -10.895 -17.044 1.00 107.71 ? 66  PRO A C     1 
ATOM   167  O O     . PRO A 1 66  ? -6.583  -10.918 -16.550 1.00 103.22 ? 66  PRO A O     1 
ATOM   168  C CB    . PRO A 1 66  ? -9.536  -9.787  -15.647 1.00 108.61 ? 66  PRO A CB    1 
ATOM   169  C CG    . PRO A 1 66  ? -10.893 -10.015 -16.242 1.00 111.55 ? 66  PRO A CG    1 
ATOM   170  C CD    . PRO A 1 66  ? -10.900 -9.179  -17.508 1.00 103.68 ? 66  PRO A CD    1 
ATOM   171  N N     . PRO A 1 67  ? -8.231  -11.940 -17.728 1.00 112.75 ? 67  PRO A N     1 
ATOM   172  C CA    . PRO A 1 67  ? -7.395  -13.132 -17.892 1.00 102.66 ? 67  PRO A CA    1 
ATOM   173  C C     . PRO A 1 67  ? -6.235  -12.890 -18.864 1.00 94.13  ? 67  PRO A C     1 
ATOM   174  O O     . PRO A 1 67  ? -5.133  -13.401 -18.647 1.00 89.04  ? 67  PRO A O     1 
ATOM   175  C CB    . PRO A 1 67  ? -8.385  -14.177 -18.427 1.00 104.48 ? 67  PRO A CB    1 
ATOM   176  C CG    . PRO A 1 67  ? -9.736  -13.689 -17.971 1.00 107.73 ? 67  PRO A CG    1 
ATOM   177  C CD    . PRO A 1 67  ? -9.620  -12.205 -18.146 1.00 114.58 ? 67  PRO A CD    1 
ATOM   178  N N     . ALA A 1 68  ? -6.492  -12.106 -19.912 1.00 85.36  ? 68  ALA A N     1 
ATOM   179  C CA    . ALA A 1 68  ? -5.479  -11.786 -20.925 1.00 84.58  ? 68  ALA A CA    1 
ATOM   180  C C     . ALA A 1 68  ? -4.501  -10.732 -20.432 1.00 86.87  ? 68  ALA A C     1 
ATOM   181  O O     . ALA A 1 68  ? -3.422  -10.566 -21.005 1.00 89.50  ? 68  ALA A O     1 
ATOM   182  C CB    . ALA A 1 68  ? -6.136  -11.317 -22.218 1.00 81.41  ? 68  ALA A CB    1 
ATOM   183  N N     . ALA A 1 69  ? -4.891  -10.015 -19.382 1.00 85.72  ? 69  ALA A N     1 
ATOM   184  C CA    . ALA A 1 69  ? -4.049  -8.979  -18.807 1.00 82.18  ? 69  ALA A CA    1 
ATOM   185  C C     . ALA A 1 69  ? -2.877  -9.602  -18.048 1.00 91.29  ? 69  ALA A C     1 
ATOM   186  O O     . ALA A 1 69  ? -1.707  -9.401  -18.398 1.00 93.42  ? 69  ALA A O     1 
ATOM   187  C CB    . ALA A 1 69  ? -4.861  -8.093  -17.886 1.00 78.71  ? 69  ALA A CB    1 
ATOM   188  N N     . THR A 1 70  ? -3.192  -10.371 -17.010 1.00 91.46  ? 70  THR A N     1 
ATOM   189  C CA    . THR A 1 70  ? -2.139  -11.000 -16.209 1.00 95.62  ? 70  THR A CA    1 
ATOM   190  C C     . THR A 1 70  ? -1.270  -11.906 -17.079 1.00 87.14  ? 70  THR A C     1 
ATOM   191  O O     . THR A 1 70  ? -0.161  -12.268 -16.702 1.00 91.08  ? 70  THR A O     1 
ATOM   192  C CB    . THR A 1 70  ? -2.719  -11.807 -15.025 1.00 94.03  ? 70  THR A CB    1 
ATOM   193  O OG1   . THR A 1 70  ? -3.684  -12.740 -15.532 1.00 93.73  ? 70  THR A OG1   1 
ATOM   194  C CG2   . THR A 1 70  ? -3.381  -10.856 -13.980 1.00 88.99  ? 70  THR A CG2   1 
ATOM   195  N N     . ALA A 1 71  ? -1.779  -12.258 -18.253 1.00 87.51  ? 71  ALA A N     1 
ATOM   196  C CA    . ALA A 1 71  ? -1.058  -13.138 -19.170 1.00 79.00  ? 71  ALA A CA    1 
ATOM   197  C C     . ALA A 1 71  ? 0.005   -12.354 -19.905 1.00 71.90  ? 71  ALA A C     1 
ATOM   198  O O     . ALA A 1 71  ? 1.099   -12.852 -20.156 1.00 68.31  ? 71  ALA A O     1 
ATOM   199  C CB    . ALA A 1 71  ? -2.027  -13.766 -20.156 1.00 79.39  ? 71  ALA A CB    1 
ATOM   200  N N     . ALA A 1 72  ? -0.332  -11.118 -20.239 1.00 73.53  ? 72  ALA A N     1 
ATOM   201  C CA    . ALA A 1 72  ? 0.581   -10.223 -20.938 1.00 73.09  ? 72  ALA A CA    1 
ATOM   202  C C     . ALA A 1 72  ? 1.549   -9.571  -19.951 1.00 74.27  ? 72  ALA A C     1 
ATOM   203  O O     . ALA A 1 72  ? 2.710   -9.313  -20.280 1.00 65.70  ? 72  ALA A O     1 
ATOM   204  C CB    . ALA A 1 72  ? -0.216  -9.163  -21.695 1.00 76.61  ? 72  ALA A CB    1 
ATOM   205  N N     . ALA A 1 73  ? 1.049   -9.294  -18.739 1.00 78.29  ? 73  ALA A N     1 
ATOM   206  C CA    . ALA A 1 73  ? 1.834   -8.703  -17.655 1.00 70.31  ? 73  ALA A CA    1 
ATOM   207  C C     . ALA A 1 73  ? 2.950   -9.673  -17.274 1.00 71.84  ? 73  ALA A C     1 
ATOM   208  O O     . ALA A 1 73  ? 4.117   -9.297  -17.191 1.00 72.66  ? 73  ALA A O     1 
ATOM   209  C CB    . ALA A 1 73  ? 0.942   -8.398  -16.452 1.00 69.85  ? 73  ALA A CB    1 
ATOM   210  N N     . SER A 1 74  ? 2.594   -10.931 -17.055 1.00 68.26  ? 74  SER A N     1 
ATOM   211  C CA    . SER A 1 74  ? 3.587   -11.933 -16.696 1.00 69.90  ? 74  SER A CA    1 
ATOM   212  C C     . SER A 1 74  ? 4.574   -12.127 -17.822 1.00 66.88  ? 74  SER A C     1 
ATOM   213  O O     . SER A 1 74  ? 5.762   -12.320 -17.586 1.00 81.48  ? 74  SER A O     1 
ATOM   214  C CB    . SER A 1 74  ? 2.942   -13.270 -16.379 1.00 62.95  ? 74  SER A CB    1 
ATOM   215  O OG    . SER A 1 74  ? 2.723   -13.931 -17.600 1.00 68.90  ? 74  SER A OG    1 
ATOM   216  N N     . ALA A 1 75  ? 4.074   -12.088 -19.050 1.00 69.12  ? 75  ALA A N     1 
ATOM   217  C CA    . ALA A 1 75  ? 4.921   -12.256 -20.239 1.00 71.99  ? 75  ALA A CA    1 
ATOM   218  C C     . ALA A 1 75  ? 5.867   -11.072 -20.471 1.00 65.55  ? 75  ALA A C     1 
ATOM   219  O O     . ALA A 1 75  ? 7.038   -11.271 -20.743 1.00 68.66  ? 75  ALA A O     1 
ATOM   220  C CB    . ALA A 1 75  ? 4.061   -12.514 -21.466 1.00 64.51  ? 75  ALA A CB    1 
ATOM   221  N N     . ALA A 1 76  ? 5.340   -9.853  -20.348 1.00 67.54  ? 76  ALA A N     1 
ATOM   222  C CA    . ALA A 1 76  ? 6.099   -8.613  -20.587 1.00 65.60  ? 76  ALA A CA    1 
ATOM   223  C C     . ALA A 1 76  ? 6.988   -8.181  -19.421 1.00 67.71  ? 76  ALA A C     1 
ATOM   224  O O     . ALA A 1 76  ? 7.964   -7.473  -19.620 1.00 70.12  ? 76  ALA A O     1 
ATOM   225  C CB    . ALA A 1 76  ? 5.159   -7.467  -21.003 1.00 64.61  ? 76  ALA A CB    1 
ATOM   226  N N     . LEU A 1 77  ? 6.633   -8.594  -18.210 1.00 75.05  ? 77  LEU A N     1 
ATOM   227  C CA    . LEU A 1 77  ? 7.361   -8.214  -16.996 1.00 76.80  ? 77  LEU A CA    1 
ATOM   228  C C     . LEU A 1 77  ? 7.832   -9.454  -16.251 1.00 83.00  ? 77  LEU A C     1 
ATOM   229  O O     . LEU A 1 77  ? 8.006   -9.426  -15.040 1.00 87.58  ? 77  LEU A O     1 
ATOM   230  C CB    . LEU A 1 77  ? 6.454   -7.365  -16.085 1.00 73.70  ? 77  LEU A CB    1 
ATOM   231  C CG    . LEU A 1 77  ? 5.622   -6.231  -16.697 1.00 66.02  ? 77  LEU A CG    1 
ATOM   232  C CD1   . LEU A 1 77  ? 4.604   -5.690  -15.713 1.00 62.29  ? 77  LEU A CD1   1 
ATOM   233  C CD2   . LEU A 1 77  ? 6.560   -5.132  -17.163 1.00 76.33  ? 77  LEU A CD2   1 
ATOM   234  N N     . GLY A 1 78  ? 8.035   -10.542 -16.985 1.00 92.37  ? 78  GLY A N     1 
ATOM   235  C CA    . GLY A 1 78  ? 8.412   -11.807 -16.364 1.00 91.35  ? 78  GLY A CA    1 
ATOM   236  C C     . GLY A 1 78  ? 9.631   -12.030 -15.504 1.00 84.68  ? 78  GLY A C     1 
ATOM   237  O O     . GLY A 1 78  ? 9.558   -12.648 -14.448 1.00 89.52  ? 78  GLY A O     1 
ATOM   238  N N     . ARG A 1 79  ? 10.780  -11.580 -15.987 1.00 80.20  ? 79  ARG A N     1 
ATOM   239  C CA    . ARG A 1 79  ? 12.028  -11.784 -15.267 1.00 85.65  ? 79  ARG A CA    1 
ATOM   240  C C     . ARG A 1 79  ? 12.770  -10.466 -15.192 1.00 80.60  ? 79  ARG A C     1 
ATOM   241  O O     . ARG A 1 79  ? 13.999  -10.426 -15.223 1.00 85.65  ? 79  ARG A O     1 
ATOM   242  C CB    . ARG A 1 79  ? 12.889  -12.836 -15.969 1.00 97.88  ? 79  ARG A CB    1 
ATOM   243  C CG    . ARG A 1 79  ? 12.739  -14.239 -15.401 1.00 97.17  ? 79  ARG A CG    1 
ATOM   244  C CD    . ARG A 1 79  ? 12.500  -15.257 -16.504 1.00 101.70 ? 79  ARG A CD    1 
ATOM   245  N NE    . ARG A 1 79  ? 12.002  -16.525 -15.977 1.00 94.73  ? 79  ARG A NE    1 
ATOM   246  C CZ    . ARG A 1 79  ? 12.648  -17.270 -15.087 1.00 99.60  ? 79  ARG A CZ    1 
ATOM   247  N NH1   . ARG A 1 79  ? 13.824  -16.876 -14.618 1.00 93.45  ? 79  ARG A NH1   1 
ATOM   248  N NH2   . ARG A 1 79  ? 12.118  -18.410 -14.664 1.00 107.40 ? 79  ARG A NH2   1 
ATOM   249  N N     . LEU A 1 80  ? 12.007  -9.383  -15.100 1.00 70.94  ? 80  LEU A N     1 
ATOM   250  C CA    . LEU A 1 80  ? 12.588  -8.071  -15.105 1.00 71.41  ? 80  LEU A CA    1 
ATOM   251  C C     . LEU A 1 80  ? 13.288  -7.840  -13.779 1.00 72.15  ? 80  LEU A C     1 
ATOM   252  O O     . LEU A 1 80  ? 12.759  -8.198  -12.714 1.00 73.81  ? 80  LEU A O     1 
ATOM   253  C CB    . LEU A 1 80  ? 11.500  -7.024  -15.308 1.00 73.95  ? 80  LEU A CB    1 
ATOM   254  C CG    . LEU A 1 80  ? 11.214  -6.585  -16.737 1.00 68.11  ? 80  LEU A CG    1 
ATOM   255  C CD1   . LEU A 1 80  ? 10.151  -5.512  -16.733 1.00 63.54  ? 80  LEU A CD1   1 
ATOM   256  C CD2   . LEU A 1 80  ? 12.474  -6.070  -17.412 1.00 71.44  ? 80  LEU A CD2   1 
ATOM   257  N N     . LEU A 1 81  ? 14.466  -7.229  -13.831 1.00 74.29  ? 81  LEU A N     1 
ATOM   258  C CA    . LEU A 1 81  ? 15.201  -6.933  -12.601 1.00 78.60  ? 81  LEU A CA    1 
ATOM   259  C C     . LEU A 1 81  ? 14.301  -6.172  -11.633 1.00 83.82  ? 81  LEU A C     1 
ATOM   260  O O     . LEU A 1 81  ? 13.556  -5.273  -12.043 1.00 84.07  ? 81  LEU A O     1 
ATOM   261  C CB    . LEU A 1 81  ? 16.429  -6.067  -12.899 1.00 85.77  ? 81  LEU A CB    1 
ATOM   262  C CG    . LEU A 1 81  ? 17.579  -6.709  -13.659 1.00 80.47  ? 81  LEU A CG    1 
ATOM   263  C CD1   . LEU A 1 81  ? 18.647  -5.657  -13.979 1.00 73.89  ? 81  LEU A CD1   1 
ATOM   264  C CD2   . LEU A 1 81  ? 18.103  -7.903  -12.863 1.00 68.06  ? 81  LEU A CD2   1 
ATOM   265  N N     . ARG A 1 82  ? 14.378  -6.529  -10.352 1.00 81.78  ? 82  ARG A N     1 
ATOM   266  C CA    . ARG A 1 82  ? 13.583  -5.878  -9.309  1.00 74.67  ? 82  ARG A CA    1 
ATOM   267  C C     . ARG A 1 82  ? 13.359  -4.391  -9.609  1.00 74.59  ? 82  ARG A C     1 
ATOM   268  O O     . ARG A 1 82  ? 12.228  -3.887  -9.555  1.00 73.84  ? 82  ARG A O     1 
ATOM   269  C CB    . ARG A 1 82  ? 14.277  -6.038  -7.952  1.00 78.15  ? 82  ARG A CB    1 
ATOM   270  C CG    . ARG A 1 82  ? 13.519  -5.443  -6.791  1.00 70.79  ? 82  ARG A CG    1 
ATOM   271  C CD    . ARG A 1 82  ? 14.459  -4.708  -5.855  1.00 70.87  ? 82  ARG A CD    1 
ATOM   272  N NE    . ARG A 1 82  ? 13.740  -3.650  -5.135  1.00 71.77  ? 82  ARG A NE    1 
ATOM   273  C CZ    . ARG A 1 82  ? 12.878  -3.897  -4.149  1.00 79.43  ? 82  ARG A CZ    1 
ATOM   274  N NH1   . ARG A 1 82  ? 12.584  -5.181  -3.789  1.00 79.88  ? 82  ARG A NH1   1 
ATOM   275  N NH2   . ARG A 1 82  ? 12.278  -2.862  -3.554  1.00 67.74  ? 82  ARG A NH2   1 
ATOM   276  N N     . ALA A 1 83  ? 14.448  -3.700  -9.933  1.00 71.95  ? 83  ALA A N     1 
ATOM   277  C CA    . ALA A 1 83  ? 14.388  -2.273  -10.225 1.00 69.04  ? 83  ALA A CA    1 
ATOM   278  C C     . ALA A 1 83  ? 13.471  -1.931  -11.395 1.00 71.82  ? 83  ALA A C     1 
ATOM   279  O O     . ALA A 1 83  ? 12.619  -1.042  -11.271 1.00 71.55  ? 83  ALA A O     1 
ATOM   280  C CB    . ALA A 1 83  ? 15.778  -1.732  -10.479 1.00 73.82  ? 83  ALA A CB    1 
ATOM   281  N N     . ASP A 1 84  ? 13.654  -2.634  -12.523 1.00 70.69  ? 84  ASP A N     1 
ATOM   282  C CA    . ASP A 1 84  ? 12.872  -2.390  -13.736 1.00 72.28  ? 84  ASP A CA    1 
ATOM   283  C C     . ASP A 1 84  ? 11.397  -2.748  -13.562 1.00 68.70  ? 84  ASP A C     1 
ATOM   284  O O     . ASP A 1 84  ? 10.510  -2.040  -14.040 1.00 59.91  ? 84  ASP A O     1 
ATOM   285  C CB    . ASP A 1 84  ? 13.458  -3.152  -14.926 1.00 77.20  ? 84  ASP A CB    1 
ATOM   286  C CG    . ASP A 1 84  ? 14.735  -2.526  -15.455 1.00 84.38  ? 84  ASP A CG    1 
ATOM   287  O OD1   . ASP A 1 84  ? 14.782  -1.271  -15.494 1.00 81.32  ? 84  ASP A OD1   1 
ATOM   288  O OD2   . ASP A 1 84  ? 15.668  -3.289  -15.858 1.00 87.49  ? 84  ASP A OD2   1 
ATOM   289  N N     . LEU A 1 85  ? 11.143  -3.859  -12.887 1.00 68.25  ? 85  LEU A N     1 
ATOM   290  C CA    . LEU A 1 85  ? 9.780   -4.286  -12.666 1.00 68.67  ? 85  LEU A CA    1 
ATOM   291  C C     . LEU A 1 85  ? 9.071   -3.193  -11.870 1.00 66.59  ? 85  LEU A C     1 
ATOM   292  O O     . LEU A 1 85  ? 8.039   -2.667  -12.289 1.00 69.31  ? 85  LEU A O     1 
ATOM   293  C CB    . LEU A 1 85  ? 9.754   -5.619  -11.922 1.00 70.95  ? 85  LEU A CB    1 
ATOM   294  C CG    . LEU A 1 85  ? 8.528   -6.506  -12.124 1.00 73.16  ? 85  LEU A CG    1 
ATOM   295  C CD1   . LEU A 1 85  ? 8.797   -7.869  -11.510 1.00 88.11  ? 85  LEU A CD1   1 
ATOM   296  C CD2   . LEU A 1 85  ? 7.279   -5.910  -11.525 1.00 68.59  ? 85  LEU A CD2   1 
ATOM   297  N N     . LEU A 1 86  ? 9.645   -2.844  -10.729 1.00 61.21  ? 86  LEU A N     1 
ATOM   298  C CA    . LEU A 1 86  ? 9.081   -1.809  -9.877  1.00 60.48  ? 86  LEU A CA    1 
ATOM   299  C C     . LEU A 1 86  ? 8.800   -0.497  -10.619 1.00 61.00  ? 86  LEU A C     1 
ATOM   300  O O     . LEU A 1 86  ? 7.764   0.114   -10.412 1.00 60.34  ? 86  LEU A O     1 
ATOM   301  C CB    . LEU A 1 86  ? 10.017  -1.548  -8.713  1.00 59.46  ? 86  LEU A CB    1 
ATOM   302  C CG    . LEU A 1 86  ? 9.539   -2.037  -7.360  1.00 58.39  ? 86  LEU A CG    1 
ATOM   303  C CD1   . LEU A 1 86  ? 8.873   -3.419  -7.444  1.00 58.54  ? 86  LEU A CD1   1 
ATOM   304  C CD2   . LEU A 1 86  ? 10.753  -2.027  -6.430  1.00 58.84  ? 86  LEU A CD2   1 
ATOM   305  N N     . ALA A 1 87  ? 9.726   -0.075  -11.477 1.00 63.11  ? 87  ALA A N     1 
ATOM   306  C CA    . ALA A 1 87  ? 9.576   1.147   -12.281 1.00 60.83  ? 87  ALA A CA    1 
ATOM   307  C C     . ALA A 1 87  ? 8.393   1.038   -13.268 1.00 63.79  ? 87  ALA A C     1 
ATOM   308  O O     . ALA A 1 87  ? 7.519   1.903   -13.315 1.00 66.57  ? 87  ALA A O     1 
ATOM   309  C CB    . ALA A 1 87  ? 10.879  1.443   -13.025 1.00 55.27  ? 87  ALA A CB    1 
ATOM   310  N N     . ALA A 1 88  ? 8.381   -0.035  -14.052 1.00 64.03  ? 88  ALA A N     1 
ATOM   311  C CA    . ALA A 1 88  ? 7.310   -0.288  -15.016 1.00 65.53  ? 88  ALA A CA    1 
ATOM   312  C C     . ALA A 1 88  ? 5.959   -0.263  -14.317 1.00 63.84  ? 88  ALA A C     1 
ATOM   313  O O     . ALA A 1 88  ? 4.947   0.181   -14.876 1.00 62.76  ? 88  ALA A O     1 
ATOM   314  C CB    . ALA A 1 88  ? 7.513   -1.644  -15.701 1.00 60.82  ? 88  ALA A CB    1 
ATOM   315  N N     . MET A 1 89  ? 5.941   -0.763  -13.087 1.00 59.18  ? 89  MET A N     1 
ATOM   316  C CA    . MET A 1 89  ? 4.717   -0.797  -12.316 1.00 60.47  ? 89  MET A CA    1 
ATOM   317  C C     . MET A 1 89  ? 4.208   0.629   -12.066 1.00 62.73  ? 89  MET A C     1 
ATOM   318  O O     . MET A 1 89  ? 3.039   0.942   -12.316 1.00 66.17  ? 89  MET A O     1 
ATOM   319  C CB    . MET A 1 89  ? 4.979   -1.495  -10.995 1.00 55.62  ? 89  MET A CB    1 
ATOM   320  C CG    . MET A 1 89  ? 3.729   -1.895  -10.266 1.00 59.71  ? 89  MET A CG    1 
ATOM   321  S SD    . MET A 1 89  ? 4.153   -2.485  -8.633  1.00 66.66  ? 89  MET A SD    1 
ATOM   322  C CE    . MET A 1 89  ? 5.202   -3.909  -8.986  1.00 67.86  ? 89  MET A CE    1 
ATOM   323  N N     . ALA A 1 90  ? 5.102   1.483   -11.569 1.00 62.76  ? 90  ALA A N     1 
ATOM   324  C CA    . ALA A 1 90  ? 4.801   2.877   -11.261 1.00 55.74  ? 90  ALA A CA    1 
ATOM   325  C C     . ALA A 1 90  ? 4.555   3.682   -12.531 1.00 59.37  ? 90  ALA A C     1 
ATOM   326  O O     . ALA A 1 90  ? 3.846   4.689   -12.510 1.00 61.65  ? 90  ALA A O     1 
ATOM   327  C CB    . ALA A 1 90  ? 5.933   3.483   -10.462 1.00 47.60  ? 90  ALA A CB    1 
ATOM   328  N N     . GLU A 1 91  ? 5.132   3.234   -13.644 1.00 60.19  ? 91  GLU A N     1 
ATOM   329  C CA    . GLU A 1 91  ? 4.945   3.925   -14.917 1.00 53.46  ? 91  GLU A CA    1 
ATOM   330  C C     . GLU A 1 91  ? 3.537   3.730   -15.432 1.00 51.98  ? 91  GLU A C     1 
ATOM   331  O O     . GLU A 1 91  ? 2.942   4.635   -16.008 1.00 50.29  ? 91  GLU A O     1 
ATOM   332  C CB    . GLU A 1 91  ? 5.944   3.414   -15.939 1.00 57.97  ? 91  GLU A CB    1 
ATOM   333  C CG    . GLU A 1 91  ? 5.811   4.092   -17.312 1.00 63.69  ? 91  GLU A CG    1 
ATOM   334  C CD    . GLU A 1 91  ? 5.659   5.613   -17.260 1.00 63.65  ? 91  GLU A CD    1 
ATOM   335  O OE1   . GLU A 1 91  ? 6.034   6.253   -16.240 1.00 64.78  ? 91  GLU A OE1   1 
ATOM   336  O OE2   . GLU A 1 91  ? 5.167   6.174   -18.262 1.00 59.44  ? 91  GLU A OE2   1 
ATOM   337  N N     . LEU A 1 92  ? 3.022   2.522   -15.216 1.00 55.47  ? 92  LEU A N     1 
ATOM   338  C CA    . LEU A 1 92  ? 1.653   2.166   -15.579 1.00 53.61  ? 92  LEU A CA    1 
ATOM   339  C C     . LEU A 1 92  ? 0.719   2.958   -14.699 1.00 54.61  ? 92  LEU A C     1 
ATOM   340  O O     . LEU A 1 92  ? -0.263  3.495   -15.191 1.00 55.74  ? 92  LEU A O     1 
ATOM   341  C CB    . LEU A 1 92  ? 1.408   0.666   -15.391 1.00 52.09  ? 92  LEU A CB    1 
ATOM   342  C CG    . LEU A 1 92  ? 2.201   -0.253  -16.318 1.00 53.06  ? 92  LEU A CG    1 
ATOM   343  C CD1   . LEU A 1 92  ? 2.037   -1.680  -15.890 1.00 52.98  ? 92  LEU A CD1   1 
ATOM   344  C CD2   . LEU A 1 92  ? 1.724   -0.076  -17.743 1.00 49.64  ? 92  LEU A CD2   1 
ATOM   345  N N     . GLN A 1 93  ? 1.028   3.043   -13.405 1.00 54.38  ? 93  GLN A N     1 
ATOM   346  C CA    . GLN A 1 93  ? 0.175   3.788   -12.476 1.00 58.10  ? 93  GLN A CA    1 
ATOM   347  C C     . GLN A 1 93  ? 0.069   5.223   -12.975 1.00 59.08  ? 93  GLN A C     1 
ATOM   348  O O     . GLN A 1 93  ? -1.019  5.771   -13.077 1.00 57.39  ? 93  GLN A O     1 
ATOM   349  C CB    . GLN A 1 93  ? 0.751   3.819   -11.066 1.00 51.20  ? 93  GLN A CB    1 
ATOM   350  C CG    . GLN A 1 93  ? 0.985   2.487   -10.425 1.00 50.63  ? 93  GLN A CG    1 
ATOM   351  C CD    . GLN A 1 93  ? 1.533   2.652   -9.011  1.00 61.16  ? 93  GLN A CD    1 
ATOM   352  O OE1   . GLN A 1 93  ? 2.568   3.284   -8.791  1.00 63.09  ? 93  GLN A OE1   1 
ATOM   353  N NE2   . GLN A 1 93  ? 0.838   2.074   -8.036  1.00 66.02  ? 93  GLN A NE2   1 
ATOM   354  N N     . ARG A 1 94  ? 1.229   5.806   -13.281 1.00 57.95  ? 94  ARG A N     1 
ATOM   355  C CA    . ARG A 1 94  ? 1.354   7.184   -13.741 1.00 58.19  ? 94  ARG A CA    1 
ATOM   356  C C     . ARG A 1 94  ? 0.484   7.465   -14.965 1.00 56.97  ? 94  ARG A C     1 
ATOM   357  O O     . ARG A 1 94  ? -0.113  8.532   -15.084 1.00 53.10  ? 94  ARG A O     1 
ATOM   358  C CB    . ARG A 1 94  ? 2.820   7.474   -14.064 1.00 68.18  ? 94  ARG A CB    1 
ATOM   359  C CG    . ARG A 1 94  ? 3.122   8.881   -14.566 1.00 73.19  ? 94  ARG A CG    1 
ATOM   360  C CD    . ARG A 1 94  ? 4.508   8.948   -15.249 1.00 75.34  ? 94  ARG A CD    1 
ATOM   361  N NE    . ARG A 1 94  ? 4.457   8.647   -16.688 1.00 81.96  ? 94  ARG A NE    1 
ATOM   362  C CZ    . ARG A 1 94  ? 4.049   9.503   -17.630 1.00 88.70  ? 94  ARG A CZ    1 
ATOM   363  N NH1   . ARG A 1 94  ? 3.670   10.740  -17.295 1.00 90.29  ? 94  ARG A NH1   1 
ATOM   364  N NH2   . ARG A 1 94  ? 4.005   9.124   -18.907 1.00 81.57  ? 94  ARG A NH2   1 
ATOM   365  N N     . GLN A 1 95  ? 0.417   6.489   -15.866 1.00 59.07  ? 95  GLN A N     1 
ATOM   366  C CA    . GLN A 1 95  ? -0.360  6.606   -17.096 1.00 58.83  ? 95  GLN A CA    1 
ATOM   367  C C     . GLN A 1 95  ? -1.869  6.408   -16.898 1.00 59.29  ? 95  GLN A C     1 
ATOM   368  O O     . GLN A 1 95  ? -2.663  6.651   -17.823 1.00 60.96  ? 95  GLN A O     1 
ATOM   369  C CB    . GLN A 1 95  ? 0.160   5.606   -18.129 1.00 59.99  ? 95  GLN A CB    1 
ATOM   370  C CG    . GLN A 1 95  ? 1.543   5.955   -18.628 1.00 59.88  ? 95  GLN A CG    1 
ATOM   371  C CD    . GLN A 1 95  ? 1.976   5.107   -19.818 1.00 71.23  ? 95  GLN A CD    1 
ATOM   372  O OE1   . GLN A 1 95  ? 1.160   4.518   -20.544 1.00 77.06  ? 95  GLN A OE1   1 
ATOM   373  N NE2   . GLN A 1 95  ? 3.283   5.050   -20.034 1.00 79.50  ? 95  GLN A NE2   1 
ATOM   374  N N     . GLY A 1 96  ? -2.258  5.947   -15.712 1.00 53.44  ? 96  GLY A N     1 
ATOM   375  C CA    . GLY A 1 96  ? -3.649  5.695   -15.422 1.00 51.44  ? 96  GLY A CA    1 
ATOM   376  C C     . GLY A 1 96  ? -4.076  4.257   -15.622 1.00 53.71  ? 96  GLY A C     1 
ATOM   377  O O     . GLY A 1 96  ? -5.227  3.907   -15.347 1.00 55.30  ? 96  GLY A O     1 
ATOM   378  N N     . HIS A 1 97  ? -3.169  3.424   -16.128 1.00 54.95  ? 97  HIS A N     1 
ATOM   379  C CA    . HIS A 1 97  ? -3.438  1.993   -16.313 1.00 56.34  ? 97  HIS A CA    1 
ATOM   380  C C     . HIS A 1 97  ? -3.323  1.263   -14.985 1.00 59.56  ? 97  HIS A C     1 
ATOM   381  O O     . HIS A 1 97  ? -2.412  0.473   -14.754 1.00 58.33  ? 97  HIS A O     1 
ATOM   382  C CB    . HIS A 1 97  ? -2.508  1.385   -17.350 1.00 54.79  ? 97  HIS A CB    1 
ATOM   383  C CG    . HIS A 1 97  ? -2.734  1.878   -18.747 1.00 56.86  ? 97  HIS A CG    1 
ATOM   384  N ND1   . HIS A 1 97  ? -3.800  1.512   -19.486 1.00 58.80  ? 97  HIS A ND1   1 
ATOM   385  C CD2   . HIS A 1 97  ? -1.970  2.723   -19.546 1.00 56.63  ? 97  HIS A CD2   1 
ATOM   386  C CE1   . HIS A 1 97  ? -3.719  2.095   -20.704 1.00 58.05  ? 97  HIS A CE1   1 
ATOM   387  N NE2   . HIS A 1 97  ? -2.604  2.834   -20.736 1.00 55.00  ? 97  HIS A NE2   1 
ATOM   388  N N     . TRP A 1 98  ? -4.267  1.544   -14.092 1.00 60.69  ? 98  TRP A N     1 
ATOM   389  C CA    . TRP A 1 98  ? -4.284  0.978   -12.747 1.00 59.10  ? 98  TRP A CA    1 
ATOM   390  C C     . TRP A 1 98  ? -4.460  -0.531  -12.761 1.00 59.55  ? 98  TRP A C     1 
ATOM   391  O O     . TRP A 1 98  ? -3.781  -1.264  -12.020 1.00 60.04  ? 98  TRP A O     1 
ATOM   392  C CB    . TRP A 1 98  ? -5.369  1.677   -11.938 1.00 53.73  ? 98  TRP A CB    1 
ATOM   393  C CG    . TRP A 1 98  ? -5.161  1.629   -10.480 1.00 55.88  ? 98  TRP A CG    1 
ATOM   394  C CD1   . TRP A 1 98  ? -4.116  2.172   -9.768  1.00 60.36  ? 98  TRP A CD1   1 
ATOM   395  C CD2   . TRP A 1 98  ? -6.018  0.985   -9.504  1.00 60.57  ? 98  TRP A CD2   1 
ATOM   396  N NE1   . TRP A 1 98  ? -4.261  1.912   -8.425  1.00 66.51  ? 98  TRP A NE1   1 
ATOM   397  C CE2   . TRP A 1 98  ? -5.396  1.198   -8.213  1.00 63.86  ? 98  TRP A CE2   1 
ATOM   398  C CE3   . TRP A 1 98  ? -7.202  0.261   -9.575  1.00 63.25  ? 98  TRP A CE3   1 
ATOM   399  C CZ2   . TRP A 1 98  ? -5.957  0.715   -7.050  1.00 67.13  ? 98  TRP A CZ2   1 
ATOM   400  C CZ3   . TRP A 1 98  ? -7.764  -0.226  -8.400  1.00 64.92  ? 98  TRP A CZ3   1 
ATOM   401  C CH2   . TRP A 1 98  ? -7.158  0.000   -7.165  1.00 70.10  ? 98  TRP A CH2   1 
ATOM   402  N N     . SER A 1 99  ? -5.372  -1.030  -13.590 1.00 59.99  ? 99  SER A N     1 
ATOM   403  C CA    . SER A 1 99  ? -5.607  -2.474  -13.622 1.00 60.59  ? 99  SER A CA    1 
ATOM   404  C C     . SER A 1 99  ? -4.319  -3.181  -14.036 1.00 62.33  ? 99  SER A C     1 
ATOM   405  O O     . SER A 1 99  ? -3.980  -4.236  -13.508 1.00 64.34  ? 99  SER A O     1 
ATOM   406  C CB    . SER A 1 99  ? -6.741  -2.811  -14.573 1.00 58.49  ? 99  SER A CB    1 
ATOM   407  O OG    . SER A 1 99  ? -6.393  -2.468  -15.902 1.00 61.78  ? 99  SER A OG    1 
ATOM   408  N N     . LEU A 1 100 ? -3.600  -2.580  -14.973 1.00 61.02  ? 100 LEU A N     1 
ATOM   409  C CA    . LEU A 1 100 ? -2.359  -3.162  -15.465 1.00 62.87  ? 100 LEU A CA    1 
ATOM   410  C C     . LEU A 1 100 ? -1.264  -3.048  -14.419 1.00 62.52  ? 100 LEU A C     1 
ATOM   411  O O     . LEU A 1 100 ? -0.339  -3.862  -14.404 1.00 61.44  ? 100 LEU A O     1 
ATOM   412  C CB    . LEU A 1 100 ? -1.888  -2.466  -16.743 1.00 63.26  ? 100 LEU A CB    1 
ATOM   413  C CG    . LEU A 1 100 ? -2.923  -2.409  -17.883 1.00 56.64  ? 100 LEU A CG    1 
ATOM   414  C CD1   . LEU A 1 100 ? -2.279  -1.842  -19.141 1.00 49.87  ? 100 LEU A CD1   1 
ATOM   415  C CD2   . LEU A 1 100 ? -3.493  -3.805  -18.122 1.00 54.24  ? 100 LEU A CD2   1 
ATOM   416  N N     . ALA A 1 101 ? -1.364  -2.028  -13.558 1.00 54.59  ? 101 ALA A N     1 
ATOM   417  C CA    . ALA A 1 101 ? -0.403  -1.835  -12.482 1.00 49.57  ? 101 ALA A CA    1 
ATOM   418  C C     . ALA A 1 101 ? -0.593  -2.955  -11.444 1.00 51.98  ? 101 ALA A C     1 
ATOM   419  O O     . ALA A 1 101 ? 0.370   -3.515  -10.912 1.00 49.30  ? 101 ALA A O     1 
ATOM   420  C CB    . ALA A 1 101 ? -0.597  -0.462  -11.862 1.00 49.44  ? 101 ALA A CB    1 
ATOM   421  N N     . LEU A 1 102 ? -1.861  -3.289  -11.174 1.00 54.38  ? 102 LEU A N     1 
ATOM   422  C CA    . LEU A 1 102 ? -2.211  -4.379  -10.271 1.00 51.92  ? 102 LEU A CA    1 
ATOM   423  C C     . LEU A 1 102 ? -1.675  -5.702  -10.831 1.00 58.51  ? 102 LEU A C     1 
ATOM   424  O O     . LEU A 1 102 ? -1.265  -6.577  -10.069 1.00 58.02  ? 102 LEU A O     1 
ATOM   425  C CB    . LEU A 1 102 ? -3.718  -4.470  -10.134 1.00 47.78  ? 102 LEU A CB    1 
ATOM   426  C CG    . LEU A 1 102 ? -4.343  -3.352  -9.345  1.00 51.47  ? 102 LEU A CG    1 
ATOM   427  C CD1   . LEU A 1 102 ? -5.854  -3.472  -9.395  1.00 52.63  ? 102 LEU A CD1   1 
ATOM   428  C CD2   . LEU A 1 102 ? -3.838  -3.477  -7.915  1.00 51.03  ? 102 LEU A CD2   1 
ATOM   429  N N     . ALA A 1 103 ? -1.707  -5.858  -12.159 1.00 51.96  ? 103 ALA A N     1 
ATOM   430  C CA    . ALA A 1 103 ? -1.170  -7.041  -12.801 1.00 54.90  ? 103 ALA A CA    1 
ATOM   431  C C     . ALA A 1 103 ? 0.352   -7.133  -12.549 1.00 61.64  ? 103 ALA A C     1 
ATOM   432  O O     . ALA A 1 103 ? 0.894   -8.205  -12.237 1.00 64.96  ? 103 ALA A O     1 
ATOM   433  C CB    . ALA A 1 103 ? -1.462  -6.997  -14.288 1.00 55.77  ? 103 ALA A CB    1 
ATOM   434  N N     . ALA A 1 104 ? 1.045   -6.004  -12.679 1.00 64.53  ? 104 ALA A N     1 
ATOM   435  C CA    . ALA A 1 104 ? 2.487   -5.974  -12.436 1.00 62.22  ? 104 ALA A CA    1 
ATOM   436  C C     . ALA A 1 104 ? 2.704   -6.189  -10.949 1.00 65.24  ? 104 ALA A C     1 
ATOM   437  O O     . ALA A 1 104 ? 3.807   -6.505  -10.517 1.00 71.56  ? 104 ALA A O     1 
ATOM   438  C CB    . ALA A 1 104 ? 3.096   -4.639  -12.867 1.00 60.24  ? 104 ALA A CB    1 
ATOM   439  N N     . LEU A 1 105 ? 1.654   -6.006  -10.156 1.00 61.43  ? 105 LEU A N     1 
ATOM   440  C CA    . LEU A 1 105 ? 1.785   -6.207  -8.719  1.00 66.00  ? 105 LEU A CA    1 
ATOM   441  C C     . LEU A 1 105 ? 1.656   -7.686  -8.389  1.00 67.44  ? 105 LEU A C     1 
ATOM   442  O O     . LEU A 1 105 ? 2.266   -8.166  -7.444  1.00 75.27  ? 105 LEU A O     1 
ATOM   443  C CB    . LEU A 1 105 ? 0.756   -5.375  -7.934  1.00 63.73  ? 105 LEU A CB    1 
ATOM   444  C CG    . LEU A 1 105 ? 0.746   -5.658  -6.420  1.00 58.12  ? 105 LEU A CG    1 
ATOM   445  C CD1   . LEU A 1 105 ? 2.114   -5.414  -5.815  1.00 56.05  ? 105 LEU A CD1   1 
ATOM   446  C CD2   . LEU A 1 105 ? -0.316  -4.836  -5.699  1.00 55.79  ? 105 LEU A CD2   1 
ATOM   447  N N     . HIS A 1 106 ? 0.858   -8.409  -9.164  1.00 66.97  ? 106 HIS A N     1 
ATOM   448  C CA    . HIS A 1 106 ? 0.690   -9.842  -8.940  1.00 70.11  ? 106 HIS A CA    1 
ATOM   449  C C     . HIS A 1 106 ? 1.942   -10.546 -9.437  1.00 69.41  ? 106 HIS A C     1 
ATOM   450  O O     . HIS A 1 106 ? 2.370   -11.581 -8.900  1.00 72.89  ? 106 HIS A O     1 
ATOM   451  C CB    . HIS A 1 106 ? -0.572  -10.360 -9.622  1.00 81.69  ? 106 HIS A CB    1 
ATOM   452  C CG    . HIS A 1 106 ? -1.858  -9.806  -9.033  1.00 112.49 ? 106 HIS A CG    1 
ATOM   453  N ND1   . HIS A 1 106 ? -2.257  -10.046 -7.746  1.00 121.92 ? 106 HIS A ND1   1 
ATOM   454  C CD2   . HIS A 1 106 ? -2.857  -9.000  -9.602  1.00 105.04 ? 106 HIS A CD2   1 
ATOM   455  C CE1   . HIS A 1 106 ? -3.446  -9.416  -7.516  1.00 108.40 ? 106 HIS A CE1   1 
ATOM   456  N NE2   . HIS A 1 106 ? -3.820  -8.796  -8.654  1.00 91.05  ? 106 HIS A NE2   1 
ATOM   457  N N     . VAL A 1 107 ? 2.570   -9.975  -10.452 1.00 62.25  ? 107 VAL A N     1 
ATOM   458  C CA    . VAL A 1 107 ? 3.787   -10.557 -10.985 1.00 61.69  ? 107 VAL A CA    1 
ATOM   459  C C     . VAL A 1 107 ? 4.926   -10.332 -9.987  1.00 67.96  ? 107 VAL A C     1 
ATOM   460  O O     . VAL A 1 107 ? 5.776   -11.209 -9.749  1.00 72.63  ? 107 VAL A O     1 
ATOM   461  C CB    . VAL A 1 107 ? 4.150   -9.910  -12.337 1.00 64.51  ? 107 VAL A CB    1 
ATOM   462  C CG1   . VAL A 1 107 ? 5.627   -10.129 -12.686 1.00 59.23  ? 107 VAL A CG1   1 
ATOM   463  C CG2   . VAL A 1 107 ? 3.208   -10.390 -13.437 1.00 57.16  ? 107 VAL A CG2   1 
ATOM   464  N N     . ALA A 1 108 ? 4.944   -9.144  -9.397  1.00 65.28  ? 108 ALA A N     1 
ATOM   465  C CA    . ALA A 1 108 ? 5.978   -8.819  -8.448  1.00 63.98  ? 108 ALA A CA    1 
ATOM   466  C C     . ALA A 1 108 ? 5.911   -9.744  -7.239  1.00 66.82  ? 108 ALA A C     1 
ATOM   467  O O     . ALA A 1 108 ? 6.948   -10.155 -6.724  1.00 67.85  ? 108 ALA A O     1 
ATOM   468  C CB    . ALA A 1 108 ? 5.865   -7.370  -8.028  1.00 66.02  ? 108 ALA A CB    1 
ATOM   469  N N     . ARG A 1 109 ? 4.690   -10.075 -6.801  1.00 71.15  ? 109 ARG A N     1 
ATOM   470  C CA    . ARG A 1 109 ? 4.453   -10.961 -5.636  1.00 71.04  ? 109 ARG A CA    1 
ATOM   471  C C     . ARG A 1 109 ? 5.044   -12.352 -5.862  1.00 79.25  ? 109 ARG A C     1 
ATOM   472  O O     . ARG A 1 109 ? 5.557   -12.967 -4.932  1.00 79.45  ? 109 ARG A O     1 
ATOM   473  C CB    . ARG A 1 109 ? 2.962   -11.089 -5.341  1.00 56.07  ? 109 ARG A CB    1 
ATOM   474  C CG    . ARG A 1 109 ? 2.369   -9.895  -4.620  1.00 60.95  ? 109 ARG A CG    1 
ATOM   475  C CD    . ARG A 1 109 ? 0.835   -9.898  -4.689  1.00 60.35  ? 109 ARG A CD    1 
ATOM   476  N NE    . ARG A 1 109 ? 0.202   -8.979  -3.733  1.00 60.20  ? 109 ARG A NE    1 
ATOM   477  C CZ    . ARG A 1 109 ? -1.089  -8.634  -3.767  1.00 67.19  ? 109 ARG A CZ    1 
ATOM   478  N NH1   . ARG A 1 109 ? -1.888  -9.108  -4.721  1.00 73.50  ? 109 ARG A NH1   1 
ATOM   479  N NH2   . ARG A 1 109 ? -1.607  -7.796  -2.870  1.00 67.25  ? 109 ARG A NH2   1 
ATOM   480  N N     . ALA A 1 110 ? 4.973   -12.833 -7.103  1.00 84.06  ? 110 ALA A N     1 
ATOM   481  C CA    . ALA A 1 110 ? 5.513   -14.136 -7.461  1.00 80.61  ? 110 ALA A CA    1 
ATOM   482  C C     . ALA A 1 110 ? 7.035   -14.117 -7.598  1.00 79.01  ? 110 ALA A C     1 
ATOM   483  O O     . ALA A 1 110 ? 7.654   -15.163 -7.768  1.00 85.11  ? 110 ALA A O     1 
ATOM   484  C CB    . ALA A 1 110 ? 4.870   -14.627 -8.746  1.00 85.63  ? 110 ALA A CB    1 
ATOM   485  N N     . GLU A 1 111 ? 7.633   -12.933 -7.545  1.00 75.61  ? 111 GLU A N     1 
ATOM   486  C CA    . GLU A 1 111 ? 9.092   -12.814 -7.628  1.00 79.90  ? 111 GLU A CA    1 
ATOM   487  C C     . GLU A 1 111 ? 9.693   -13.197 -6.275  1.00 82.65  ? 111 GLU A C     1 
ATOM   488  O O     . GLU A 1 111 ? 8.978   -13.258 -5.270  1.00 72.60  ? 111 GLU A O     1 
ATOM   489  C CB    . GLU A 1 111 ? 9.507   -11.394 -7.982  1.00 82.62  ? 111 GLU A CB    1 
ATOM   490  C CG    . GLU A 1 111 ? 8.984   -10.926 -9.321  1.00 90.17  ? 111 GLU A CG    1 
ATOM   491  C CD    . GLU A 1 111 ? 9.682   -11.595 -10.489 1.00 90.16  ? 111 GLU A CD    1 
ATOM   492  O OE1   . GLU A 1 111 ? 10.913  -11.438 -10.678 1.00 85.16  ? 111 GLU A OE1   1 
ATOM   493  O OE2   . GLU A 1 111 ? 8.977   -12.275 -11.243 1.00 96.14  ? 111 GLU A OE2   1 
ATOM   494  N N     . PRO A 1 112 ? 11.010  -13.466 -6.241  1.00 83.48  ? 112 PRO A N     1 
ATOM   495  C CA    . PRO A 1 112 ? 11.687  -13.869 -5.012  1.00 82.51  ? 112 PRO A CA    1 
ATOM   496  C C     . PRO A 1 112 ? 12.050  -12.686 -4.090  1.00 86.67  ? 112 PRO A C     1 
ATOM   497  O O     . PRO A 1 112 ? 12.036  -12.826 -2.857  1.00 94.35  ? 112 PRO A O     1 
ATOM   498  C CB    . PRO A 1 112 ? 12.943  -14.565 -5.541  1.00 76.74  ? 112 PRO A CB    1 
ATOM   499  C CG    . PRO A 1 112 ? 13.273  -13.767 -6.750  1.00 79.50  ? 112 PRO A CG    1 
ATOM   500  C CD    . PRO A 1 112 ? 11.918  -13.566 -7.400  1.00 89.16  ? 112 PRO A CD    1 
ATOM   501  N N     . TRP A 1 113 ? 12.351  -11.533 -4.673  1.00 81.63  ? 113 TRP A N     1 
ATOM   502  C CA    . TRP A 1 113 ? 12.714  -10.352 -3.890  1.00 77.06  ? 113 TRP A CA    1 
ATOM   503  C C     . TRP A 1 113 ? 11.526  -9.582  -3.346  1.00 72.44  ? 113 TRP A C     1 
ATOM   504  O O     . TRP A 1 113 ? 11.686  -8.581  -2.634  1.00 69.63  ? 113 TRP A O     1 
ATOM   505  C CB    . TRP A 1 113 ? 13.600  -9.424  -4.736  1.00 83.37  ? 113 TRP A CB    1 
ATOM   506  C CG    . TRP A 1 113 ? 13.034  -9.204  -6.103  1.00 84.59  ? 113 TRP A CG    1 
ATOM   507  C CD1   . TRP A 1 113 ? 13.424  -9.798  -7.295  1.00 77.66  ? 113 TRP A CD1   1 
ATOM   508  C CD2   . TRP A 1 113 ? 11.891  -8.360  -6.434  1.00 85.42  ? 113 TRP A CD2   1 
ATOM   509  N NE1   . TRP A 1 113 ? 12.623  -9.376  -8.317  1.00 84.80  ? 113 TRP A NE1   1 
ATOM   510  C CE2   . TRP A 1 113 ? 11.676  -8.510  -7.858  1.00 88.73  ? 113 TRP A CE2   1 
ATOM   511  C CE3   . TRP A 1 113 ? 11.056  -7.521  -5.704  1.00 82.11  ? 113 TRP A CE3   1 
ATOM   512  C CZ2   . TRP A 1 113 ? 10.657  -7.832  -8.518  1.00 87.59  ? 113 TRP A CZ2   1 
ATOM   513  C CZ3   . TRP A 1 113 ? 10.036  -6.842  -6.366  1.00 85.67  ? 113 TRP A CZ3   1 
ATOM   514  C CH2   . TRP A 1 113 ? 9.836   -6.993  -7.746  1.00 91.52  ? 113 TRP A CH2   1 
ATOM   515  N N     . TYR A 1 114 ? 10.316  -10.004 -3.690  1.00 70.93  ? 114 TYR A N     1 
ATOM   516  C CA    . TYR A 1 114 ? 9.134   -9.288  -3.230  1.00 72.42  ? 114 TYR A CA    1 
ATOM   517  C C     . TYR A 1 114 ? 9.020   -9.294  -1.725  1.00 69.77  ? 114 TYR A C     1 
ATOM   518  O O     . TYR A 1 114 ? 9.200   -10.335 -1.099  1.00 69.29  ? 114 TYR A O     1 
ATOM   519  C CB    . TYR A 1 114 ? 7.849   -9.863  -3.823  1.00 67.28  ? 114 TYR A CB    1 
ATOM   520  C CG    . TYR A 1 114 ? 6.632   -9.117  -3.354  1.00 67.95  ? 114 TYR A CG    1 
ATOM   521  C CD1   . TYR A 1 114 ? 6.331   -7.849  -3.852  1.00 74.94  ? 114 TYR A CD1   1 
ATOM   522  C CD2   . TYR A 1 114 ? 5.794   -9.651  -2.371  1.00 72.38  ? 114 TYR A CD2   1 
ATOM   523  C CE1   . TYR A 1 114 ? 5.228   -7.124  -3.373  1.00 81.67  ? 114 TYR A CE1   1 
ATOM   524  C CE2   . TYR A 1 114 ? 4.683   -8.946  -1.896  1.00 75.15  ? 114 TYR A CE2   1 
ATOM   525  C CZ    . TYR A 1 114 ? 4.403   -7.682  -2.392  1.00 78.42  ? 114 TYR A CZ    1 
ATOM   526  O OH    . TYR A 1 114 ? 3.326   -6.969  -1.902  1.00 70.17  ? 114 TYR A OH    1 
ATOM   527  N N     . ARG A 1 115 ? 8.710   -8.123  -1.168  1.00 74.97  ? 115 ARG A N     1 
ATOM   528  C CA    . ARG A 1 115 ? 8.516   -7.944  0.263   1.00 74.76  ? 115 ARG A CA    1 
ATOM   529  C C     . ARG A 1 115 ? 7.342   -6.992  0.422   1.00 72.79  ? 115 ARG A C     1 
ATOM   530  O O     . ARG A 1 115 ? 7.096   -6.142  -0.442  1.00 78.12  ? 115 ARG A O     1 
ATOM   531  C CB    . ARG A 1 115 ? 9.846   -7.588  0.957   1.00 75.50  ? 115 ARG A CB    1 
ATOM   532  C CG    . ARG A 1 115 ? 10.854  -8.739  0.928   1.00 93.63  ? 115 ARG A CG    1 
ATOM   533  C CD    . ARG A 1 115 ? 11.335  -9.198  2.316   1.00 94.84  ? 115 ARG A CD    1 
ATOM   534  N NE    . ARG A 1 115 ? 12.440  -10.167 2.232   1.00 98.21  ? 115 ARG A NE    1 
ATOM   535  C CZ    . ARG A 1 115 ? 12.502  -11.197 1.375   1.00 101.55 ? 115 ARG A CZ    1 
ATOM   536  N NH1   . ARG A 1 115 ? 11.518  -11.422 0.498   1.00 95.62  ? 115 ARG A NH1   1 
ATOM   537  N NH2   . ARG A 1 115 ? 13.564  -12.009 1.389   1.00 96.47  ? 115 ARG A NH2   1 
ATOM   538  N N     . PRO A 1 116 ? 6.579   -7.135  1.509   1.00 71.67  ? 116 PRO A N     1 
ATOM   539  C CA    . PRO A 1 116 ? 5.398   -6.282  1.748   1.00 72.72  ? 116 PRO A CA    1 
ATOM   540  C C     . PRO A 1 116 ? 5.977   -4.914  2.083   1.00 70.20  ? 116 PRO A C     1 
ATOM   541  O O     . PRO A 1 116 ? 6.670   -4.742  3.099   1.00 76.67  ? 116 PRO A O     1 
ATOM   542  C CB    . PRO A 1 116 ? 4.758   -6.963  2.967   1.00 79.94  ? 116 PRO A CB    1 
ATOM   543  C CG    . PRO A 1 116 ? 4.956   -8.429  2.655   1.00 82.29  ? 116 PRO A CG    1 
ATOM   544  C CD    . PRO A 1 116 ? 6.375   -8.484  2.151   1.00 73.14  ? 116 PRO A CD    1 
ATOM   545  N N     . ASP A 1 117 ? 5.693   -3.939  1.229   1.00 68.11  ? 117 ASP A N     1 
ATOM   546  C CA    . ASP A 1 117 ? 6.216   -2.587  1.411   1.00 66.73  ? 117 ASP A CA    1 
ATOM   547  C C     . ASP A 1 117 ? 5.053   -1.603  1.569   1.00 69.28  ? 117 ASP A C     1 
ATOM   548  O O     . ASP A 1 117 ? 4.193   -1.536  0.689   1.00 69.81  ? 117 ASP A O     1 
ATOM   549  C CB    . ASP A 1 117 ? 7.095   -2.162  0.238   1.00 69.99  ? 117 ASP A CB    1 
ATOM   550  C CG    . ASP A 1 117 ? 8.050   -1.040  0.594   1.00 72.46  ? 117 ASP A CG    1 
ATOM   551  O OD1   . ASP A 1 117 ? 7.603   0.032   1.043   1.00 70.86  ? 117 ASP A OD1   1 
ATOM   552  O OD2   . ASP A 1 117 ? 9.254   -1.219  0.403   1.00 77.60  ? 117 ASP A OD2   1 
ATOM   553  N N     . PRO A 1 118 ? 5.021   -0.826  2.684   1.00 69.21  ? 118 PRO A N     1 
ATOM   554  C CA    . PRO A 1 118 ? 3.946   0.157   2.929   1.00 58.13  ? 118 PRO A CA    1 
ATOM   555  C C     . PRO A 1 118 ? 3.921   1.223   1.868   1.00 57.70  ? 118 PRO A C     1 
ATOM   556  O O     . PRO A 1 118 ? 2.848   1.699   1.509   1.00 60.14  ? 118 PRO A O     1 
ATOM   557  C CB    . PRO A 1 118 ? 4.308   0.742   4.290   1.00 54.76  ? 118 PRO A CB    1 
ATOM   558  C CG    . PRO A 1 118 ? 5.045   -0.378  4.957   1.00 65.46  ? 118 PRO A CG    1 
ATOM   559  C CD    . PRO A 1 118 ? 5.914   -0.923  3.851   1.00 68.29  ? 118 PRO A CD    1 
ATOM   560  N N     . GLU A 1 119 ? 5.089   1.591   1.353   1.00 57.01  ? 119 GLU A N     1 
ATOM   561  C CA    . GLU A 1 119 ? 5.173   2.606   0.309   1.00 60.53  ? 119 GLU A CA    1 
ATOM   562  C C     . GLU A 1 119 ? 4.660   2.087   -1.025  1.00 61.42  ? 119 GLU A C     1 
ATOM   563  O O     . GLU A 1 119 ? 3.918   2.773   -1.720  1.00 62.79  ? 119 GLU A O     1 
ATOM   564  C CB    . GLU A 1 119 ? 6.605   3.087   0.148   1.00 62.88  ? 119 GLU A CB    1 
ATOM   565  C CG    . GLU A 1 119 ? 6.751   4.259   -0.807  1.00 67.67  ? 119 GLU A CG    1 
ATOM   566  C CD    . GLU A 1 119 ? 8.092   4.965   -0.663  1.00 73.63  ? 119 GLU A CD    1 
ATOM   567  O OE1   . GLU A 1 119 ? 9.110   4.373   -1.086  1.00 73.26  ? 119 GLU A OE1   1 
ATOM   568  O OE2   . GLU A 1 119 ? 8.120   6.106   -0.119  1.00 76.59  ? 119 GLU A OE2   1 
ATOM   569  N N     . LEU A 1 120 ? 5.063   0.872   -1.374  1.00 60.64  ? 120 LEU A N     1 
ATOM   570  C CA    . LEU A 1 120 ? 4.632   0.260   -2.626  1.00 59.39  ? 120 LEU A CA    1 
ATOM   571  C C     . LEU A 1 120 ? 3.122   0.351   -2.736  1.00 64.43  ? 120 LEU A C     1 
ATOM   572  O O     . LEU A 1 120 ? 2.602   0.778   -3.758  1.00 69.59  ? 120 LEU A O     1 
ATOM   573  C CB    . LEU A 1 120 ? 5.040   -1.209  -2.659  1.00 62.51  ? 120 LEU A CB    1 
ATOM   574  C CG    . LEU A 1 120 ? 4.513   -1.987  -3.858  1.00 64.36  ? 120 LEU A CG    1 
ATOM   575  C CD1   . LEU A 1 120 ? 5.260   -1.543  -5.109  1.00 65.35  ? 120 LEU A CD1   1 
ATOM   576  C CD2   . LEU A 1 120 ? 4.667   -3.482  -3.598  1.00 72.82  ? 120 LEU A CD2   1 
ATOM   577  N N     . TYR A 1 121 ? 2.430   -0.070  -1.673  1.00 59.42  ? 121 TYR A N     1 
ATOM   578  C CA    . TYR A 1 121 ? 0.979   -0.008  -1.610  1.00 60.09  ? 121 TYR A CA    1 
ATOM   579  C C     . TYR A 1 121 ? 0.441   1.431   -1.675  1.00 62.96  ? 121 TYR A C     1 
ATOM   580  O O     . TYR A 1 121 ? -0.512  1.723   -2.410  1.00 62.14  ? 121 TYR A O     1 
ATOM   581  C CB    . TYR A 1 121 ? 0.484   -0.698  -0.336  1.00 60.46  ? 121 TYR A CB    1 
ATOM   582  C CG    . TYR A 1 121 ? 0.438   -2.208  -0.467  1.00 61.76  ? 121 TYR A CG    1 
ATOM   583  C CD1   . TYR A 1 121 ? -0.764  -2.872  -0.774  1.00 58.69  ? 121 TYR A CD1   1 
ATOM   584  C CD2   . TYR A 1 121 ? 1.597   -2.978  -0.306  1.00 63.44  ? 121 TYR A CD2   1 
ATOM   585  C CE1   . TYR A 1 121 ? -0.807  -4.258  -0.918  1.00 62.53  ? 121 TYR A CE1   1 
ATOM   586  C CE2   . TYR A 1 121 ? 1.572   -4.369  -0.442  1.00 66.52  ? 121 TYR A CE2   1 
ATOM   587  C CZ    . TYR A 1 121 ? 0.370   -5.017  -0.746  1.00 65.24  ? 121 TYR A CZ    1 
ATOM   588  O OH    . TYR A 1 121 ? 0.347   -6.402  -0.888  1.00 58.17  ? 121 TYR A OH    1 
ATOM   589  N N     . ALA A 1 122 ? 1.050   2.323   -0.897  1.00 59.99  ? 122 ALA A N     1 
ATOM   590  C CA    . ALA A 1 122 ? 0.646   3.720   -0.892  1.00 53.41  ? 122 ALA A CA    1 
ATOM   591  C C     . ALA A 1 122 ? 0.502   4.188   -2.324  1.00 55.56  ? 122 ALA A C     1 
ATOM   592  O O     . ALA A 1 122 ? -0.488  4.840   -2.650  1.00 55.77  ? 122 ALA A O     1 
ATOM   593  C CB    . ALA A 1 122 ? 1.661   4.561   -0.175  1.00 49.75  ? 122 ALA A CB    1 
ATOM   594  N N     . THR A 1 123 ? 1.459   3.827   -3.186  1.00 53.99  ? 123 THR A N     1 
ATOM   595  C CA    . THR A 1 123 ? 1.403   4.231   -4.598  1.00 54.05  ? 123 THR A CA    1 
ATOM   596  C C     . THR A 1 123 ? 0.071   3.797   -5.220  1.00 55.81  ? 123 THR A C     1 
ATOM   597  O O     . THR A 1 123 ? -0.653  4.613   -5.764  1.00 58.75  ? 123 THR A O     1 
ATOM   598  C CB    . THR A 1 123 ? 2.560   3.644   -5.437  1.00 50.64  ? 123 THR A CB    1 
ATOM   599  O OG1   . THR A 1 123 ? 2.220   2.317   -5.900  1.00 55.72  ? 123 THR A OG1   1 
ATOM   600  C CG2   . THR A 1 123 ? 3.794   3.566   -4.612  1.00 48.40  ? 123 THR A CG2   1 
ATOM   601  N N     . PHE A 1 124 ? -0.241  2.515   -5.129  1.00 52.79  ? 124 PHE A N     1 
ATOM   602  C CA    . PHE A 1 124 ? -1.486  1.995   -5.658  1.00 55.97  ? 124 PHE A CA    1 
ATOM   603  C C     . PHE A 1 124 ? -2.711  2.759   -5.151  1.00 56.85  ? 124 PHE A C     1 
ATOM   604  O O     . PHE A 1 124 ? -3.597  3.111   -5.939  1.00 58.46  ? 124 PHE A O     1 
ATOM   605  C CB    . PHE A 1 124 ? -1.636  0.518   -5.308  1.00 58.89  ? 124 PHE A CB    1 
ATOM   606  C CG    . PHE A 1 124 ? -1.007  -0.395  -6.308  1.00 60.03  ? 124 PHE A CG    1 
ATOM   607  C CD1   . PHE A 1 124 ? -1.594  -0.561  -7.574  1.00 63.30  ? 124 PHE A CD1   1 
ATOM   608  C CD2   . PHE A 1 124 ? 0.189   -1.062  -6.021  1.00 56.53  ? 124 PHE A CD2   1 
ATOM   609  C CE1   . PHE A 1 124 ? -0.993  -1.390  -8.523  1.00 67.26  ? 124 PHE A CE1   1 
ATOM   610  C CE2   . PHE A 1 124 ? 0.781   -1.891  -6.959  1.00 56.96  ? 124 PHE A CE2   1 
ATOM   611  C CZ    . PHE A 1 124 ? 0.186   -2.057  -8.213  1.00 63.80  ? 124 PHE A CZ    1 
ATOM   612  N N     . VAL A 1 125 ? -2.745  3.011   -3.843  1.00 51.48  ? 125 VAL A N     1 
ATOM   613  C CA    . VAL A 1 125 ? -3.854  3.729   -3.224  1.00 50.59  ? 125 VAL A CA    1 
ATOM   614  C C     . VAL A 1 125 ? -3.949  5.116   -3.827  1.00 53.46  ? 125 VAL A C     1 
ATOM   615  O O     . VAL A 1 125 ? -5.035  5.552   -4.201  1.00 58.25  ? 125 VAL A O     1 
ATOM   616  C CB    . VAL A 1 125 ? -3.690  3.860   -1.704  1.00 50.64  ? 125 VAL A CB    1 
ATOM   617  C CG1   . VAL A 1 125 ? -4.819  4.691   -1.101  1.00 46.46  ? 125 VAL A CG1   1 
ATOM   618  C CG2   . VAL A 1 125 ? -3.674  2.488   -1.069  1.00 49.15  ? 125 VAL A CG2   1 
ATOM   619  N N     . SER A 1 126 ? -2.816  5.793   -3.953  1.00 49.99  ? 126 SER A N     1 
ATOM   620  C CA    . SER A 1 126 ? -2.782  7.136   -4.534  1.00 51.09  ? 126 SER A CA    1 
ATOM   621  C C     . SER A 1 126 ? -3.193  7.201   -5.967  1.00 57.62  ? 126 SER A C     1 
ATOM   622  O O     . SER A 1 126 ? -3.896  8.135   -6.357  1.00 75.48  ? 126 SER A O     1 
ATOM   623  C CB    . SER A 1 126 ? -1.391  7.706   -4.470  1.00 48.58  ? 126 SER A CB    1 
ATOM   624  O OG    . SER A 1 126 ? -1.041  7.769   -3.118  1.00 70.92  ? 126 SER A OG    1 
ATOM   625  N N     . SER A 1 127 ? -2.740  6.234   -6.761  1.00 53.88  ? 127 SER A N     1 
ATOM   626  C CA    . SER A 1 127 ? -3.022  6.234   -8.175  1.00 50.18  ? 127 SER A CA    1 
ATOM   627  C C     . SER A 1 127 ? -4.330  5.569   -8.535  1.00 56.73  ? 127 SER A C     1 
ATOM   628  O O     . SER A 1 127 ? -4.549  5.260   -9.713  1.00 58.95  ? 127 SER A O     1 
ATOM   629  C CB    . SER A 1 127 ? -1.903  5.551   -8.935  1.00 52.62  ? 127 SER A CB    1 
ATOM   630  O OG    . SER A 1 127 ? -1.741  4.214   -8.539  1.00 52.63  ? 127 SER A OG    1 
ATOM   631  N N     . SER A 1 128 ? -5.192  5.332   -7.549  1.00 55.60  ? 128 SER A N     1 
ATOM   632  C CA    . SER A 1 128 ? -6.472  4.693   -7.815  1.00 59.06  ? 128 SER A CA    1 
ATOM   633  C C     . SER A 1 128 ? -7.502  5.751   -8.291  1.00 66.78  ? 128 SER A C     1 
ATOM   634  O O     . SER A 1 128 ? -7.462  6.901   -7.828  1.00 61.36  ? 128 SER A O     1 
ATOM   635  C CB    . SER A 1 128 ? -6.967  3.940   -6.577  1.00 56.21  ? 128 SER A CB    1 
ATOM   636  O OG    . SER A 1 128 ? -7.412  4.837   -5.599  1.00 64.45  ? 128 SER A OG    1 
ATOM   637  N N     . PRO A 1 129 ? -8.418  5.359   -9.228  1.00 69.98  ? 129 PRO A N     1 
ATOM   638  C CA    . PRO A 1 129 ? -9.476  6.229   -9.763  1.00 65.86  ? 129 PRO A CA    1 
ATOM   639  C C     . PRO A 1 129 ? -10.465 6.648   -8.686  1.00 65.82  ? 129 PRO A C     1 
ATOM   640  O O     . PRO A 1 129 ? -11.067 5.801   -8.014  1.00 71.53  ? 129 PRO A O     1 
ATOM   641  C CB    . PRO A 1 129 ? -10.156 5.326   -10.801 1.00 64.49  ? 129 PRO A CB    1 
ATOM   642  C CG    . PRO A 1 129 ? -9.072  4.397   -11.233 1.00 63.08  ? 129 PRO A CG    1 
ATOM   643  C CD    . PRO A 1 129 ? -8.417  4.059   -9.929  1.00 62.86  ? 129 PRO A CD    1 
ATOM   644  N N     . SER A 1 130 ? -10.636 7.950   -8.515  1.00 67.84  ? 130 SER A N     1 
ATOM   645  C CA    . SER A 1 130 ? -11.577 8.454   -7.514  1.00 72.60  ? 130 SER A CA    1 
ATOM   646  C C     . SER A 1 130 ? -13.009 8.221   -7.946  1.00 72.28  ? 130 SER A C     1 
ATOM   647  O O     . SER A 1 130 ? -13.282 8.069   -9.150  1.00 74.11  ? 130 SER A O     1 
ATOM   648  C CB    . SER A 1 130 ? -11.342 9.935   -7.264  1.00 73.49  ? 130 SER A CB    1 
ATOM   649  O OG    . SER A 1 130 ? -10.069 10.122  -6.664  1.00 85.19  ? 130 SER A OG    1 
ATOM   650  N N     . ASN A 1 131 ? -13.905 8.183   -6.963  1.00 72.50  ? 131 ASN A N     1 
ATOM   651  C CA    . ASN A 1 131 ? -15.343 7.985   -7.228  1.00 77.62  ? 131 ASN A CA    1 
ATOM   652  C C     . ASN A 1 131 ? -15.588 6.699   -7.960  1.00 74.72  ? 131 ASN A C     1 
ATOM   653  O O     . ASN A 1 131 ? -16.451 6.640   -8.834  1.00 68.86  ? 131 ASN A O     1 
ATOM   654  C CB    . ASN A 1 131 ? -15.938 9.143   -8.043  1.00 75.28  ? 131 ASN A CB    1 
ATOM   655  C CG    . ASN A 1 131 ? -15.680 10.485  -7.406  1.00 81.58  ? 131 ASN A CG    1 
ATOM   656  O OD1   . ASN A 1 131 ? -14.548 10.946  -7.338  1.00 88.65  ? 131 ASN A OD1   1 
ATOM   657  N ND2   . ASN A 1 131 ? -16.730 11.108  -6.922  1.00 88.62  ? 131 ASN A ND2   1 
ATOM   658  N N     . ASP A 1 132 ? -14.810 5.680   -7.594  1.00 79.29  ? 132 ASP A N     1 
ATOM   659  C CA    . ASP A 1 132 ? -14.904 4.351   -8.213  1.00 80.81  ? 132 ASP A CA    1 
ATOM   660  C C     . ASP A 1 132 ? -15.171 3.288   -7.171  1.00 85.79  ? 132 ASP A C     1 
ATOM   661  O O     . ASP A 1 132 ? -14.245 2.846   -6.485  1.00 86.70  ? 132 ASP A O     1 
ATOM   662  C CB    . ASP A 1 132 ? -13.608 3.997   -8.933  1.00 76.06  ? 132 ASP A CB    1 
ATOM   663  C CG    . ASP A 1 132 ? -13.708 4.153   -10.421 1.00 80.54  ? 132 ASP A CG    1 
ATOM   664  O OD1   . ASP A 1 132 ? -13.901 5.315   -10.915 1.00 72.33  ? 132 ASP A OD1   1 
ATOM   665  O OD2   . ASP A 1 132 ? -13.562 3.082   -11.065 1.00 78.81  ? 132 ASP A OD2   1 
ATOM   666  N N     . PRO A 1 133 ? -16.438 2.861   -7.038  1.00 82.74  ? 133 PRO A N     1 
ATOM   667  C CA    . PRO A 1 133 ? -16.813 1.827   -6.081  1.00 74.78  ? 133 PRO A CA    1 
ATOM   668  C C     . PRO A 1 133 ? -15.985 0.551   -6.280  1.00 75.27  ? 133 PRO A C     1 
ATOM   669  O O     . PRO A 1 133 ? -15.519 -0.063  -5.294  1.00 73.49  ? 133 PRO A O     1 
ATOM   670  C CB    . PRO A 1 133 ? -18.286 1.607   -6.405  1.00 76.35  ? 133 PRO A CB    1 
ATOM   671  C CG    . PRO A 1 133 ? -18.725 2.975   -6.803  1.00 78.30  ? 133 PRO A CG    1 
ATOM   672  C CD    . PRO A 1 133 ? -17.623 3.403   -7.714  1.00 78.62  ? 133 PRO A CD    1 
ATOM   673  N N     . ALA A 1 134 ? -15.800 0.172   -7.549  1.00 70.85  ? 134 ALA A N     1 
ATOM   674  C CA    . ALA A 1 134 ? -15.005 -1.016  -7.868  1.00 68.53  ? 134 ALA A CA    1 
ATOM   675  C C     . ALA A 1 134 ? -13.571 -0.859  -7.311  1.00 71.05  ? 134 ALA A C     1 
ATOM   676  O O     . ALA A 1 134 ? -13.044 -1.730  -6.606  1.00 65.15  ? 134 ALA A O     1 
ATOM   677  C CB    . ALA A 1 134 ? -14.999 -1.262  -9.371  1.00 59.93  ? 134 ALA A CB    1 
ATOM   678  N N     . ALA A 1 135 ? -12.966 0.281   -7.630  1.00 76.96  ? 135 ALA A N     1 
ATOM   679  C CA    . ALA A 1 135 ? -11.606 0.586   -7.211  1.00 72.14  ? 135 ALA A CA    1 
ATOM   680  C C     . ALA A 1 135 ? -11.519 0.702   -5.696  1.00 73.12  ? 135 ALA A C     1 
ATOM   681  O O     . ALA A 1 135 ? -10.558 0.221   -5.094  1.00 72.89  ? 135 ALA A O     1 
ATOM   682  C CB    . ALA A 1 135 ? -11.134 1.875   -7.864  1.00 78.80  ? 135 ALA A CB    1 
ATOM   683  N N     . ALA A 1 136 ? -12.519 1.340   -5.087  1.00 71.73  ? 136 ALA A N     1 
ATOM   684  C CA    . ALA A 1 136 ? -12.559 1.502   -3.633  1.00 69.67  ? 136 ALA A CA    1 
ATOM   685  C C     . ALA A 1 136 ? -12.400 0.150   -2.949  1.00 70.50  ? 136 ALA A C     1 
ATOM   686  O O     . ALA A 1 136 ? -11.650 0.032   -1.978  1.00 74.12  ? 136 ALA A O     1 
ATOM   687  C CB    . ALA A 1 136 ? -13.851 2.127   -3.217  1.00 62.57  ? 136 ALA A CB    1 
ATOM   688  N N     . ALA A 1 137 ? -13.105 -0.860  -3.463  1.00 59.89  ? 137 ALA A N     1 
ATOM   689  C CA    . ALA A 1 137 ? -13.022 -2.201  -2.914  1.00 63.16  ? 137 ALA A CA    1 
ATOM   690  C C     . ALA A 1 137 ? -11.585 -2.786  -3.055  1.00 67.14  ? 137 ALA A C     1 
ATOM   691  O O     . ALA A 1 137 ? -10.998 -3.330  -2.100  1.00 60.39  ? 137 ALA A O     1 
ATOM   692  C CB    . ALA A 1 137 ? -14.029 -3.082  -3.614  1.00 58.35  ? 137 ALA A CB    1 
ATOM   693  N N     . ALA A 1 138 ? -11.043 -2.669  -4.265  1.00 62.12  ? 138 ALA A N     1 
ATOM   694  C CA    . ALA A 1 138 ? -9.709  -3.150  -4.569  1.00 57.11  ? 138 ALA A CA    1 
ATOM   695  C C     . ALA A 1 138 ? -8.696  -2.547  -3.608  1.00 60.94  ? 138 ALA A C     1 
ATOM   696  O O     . ALA A 1 138 ? -7.765  -3.234  -3.174  1.00 57.96  ? 138 ALA A O     1 
ATOM   697  C CB    . ALA A 1 138 ? -9.349  -2.807  -6.009  1.00 55.73  ? 138 ALA A CB    1 
ATOM   698  N N     . VAL A 1 139 ? -8.883  -1.261  -3.283  1.00 59.31  ? 139 VAL A N     1 
ATOM   699  C CA    . VAL A 1 139 ? -7.992  -0.538  -2.372  1.00 58.93  ? 139 VAL A CA    1 
ATOM   700  C C     . VAL A 1 139 ? -8.032  -1.223  -1.013  1.00 64.06  ? 139 VAL A C     1 
ATOM   701  O O     . VAL A 1 139 ? -7.002  -1.461  -0.390  1.00 62.05  ? 139 VAL A O     1 
ATOM   702  C CB    . VAL A 1 139 ? -8.410  0.930   -2.197  1.00 53.89  ? 139 VAL A CB    1 
ATOM   703  C CG1   . VAL A 1 139 ? -7.563  1.615   -1.134  1.00 51.20  ? 139 VAL A CG1   1 
ATOM   704  C CG2   . VAL A 1 139 ? -8.267  1.670   -3.518  1.00 59.02  ? 139 VAL A CG2   1 
ATOM   705  N N     . ASP A 1 140 ? -9.235  -1.552  -0.567  1.00 60.91  ? 140 ASP A N     1 
ATOM   706  C CA    . ASP A 1 140 ? -9.392  -2.201  0.714   1.00 62.10  ? 140 ASP A CA    1 
ATOM   707  C C     . ASP A 1 140 ? -8.826  -3.602  0.669   1.00 62.28  ? 140 ASP A C     1 
ATOM   708  O O     . ASP A 1 140 ? -8.115  -4.016  1.581   1.00 66.19  ? 140 ASP A O     1 
ATOM   709  C CB    . ASP A 1 140 ? -10.866 -2.242  1.097   1.00 68.65  ? 140 ASP A CB    1 
ATOM   710  C CG    . ASP A 1 140 ? -11.473 -0.849  1.248   1.00 74.30  ? 140 ASP A CG    1 
ATOM   711  O OD1   . ASP A 1 140 ? -10.898 0.015   1.952   1.00 81.54  ? 140 ASP A OD1   1 
ATOM   712  O OD2   . ASP A 1 140 ? -12.536 -0.611  0.661   1.00 75.28  ? 140 ASP A OD2   1 
ATOM   713  N N     . ALA A 1 141 ? -9.141  -4.334  -0.394  1.00 58.74  ? 141 ALA A N     1 
ATOM   714  C CA    . ALA A 1 141 ? -8.636  -5.695  -0.540  1.00 61.95  ? 141 ALA A CA    1 
ATOM   715  C C     . ALA A 1 141 ? -7.124  -5.656  -0.574  1.00 60.62  ? 141 ALA A C     1 
ATOM   716  O O     . ALA A 1 141 ? -6.463  -6.561  -0.075  1.00 66.60  ? 141 ALA A O     1 
ATOM   717  C CB    . ALA A 1 141 ? -9.183  -6.342  -1.807  1.00 65.87  ? 141 ALA A CB    1 
ATOM   718  N N     . LEU A 1 142 ? -6.586  -4.594  -1.162  1.00 55.98  ? 142 LEU A N     1 
ATOM   719  C CA    . LEU A 1 142 ? -5.144  -4.383  -1.241  1.00 53.85  ? 142 LEU A CA    1 
ATOM   720  C C     . LEU A 1 142 ? -4.563  -4.230  0.150   1.00 52.74  ? 142 LEU A C     1 
ATOM   721  O O     . LEU A 1 142 ? -3.562  -4.842  0.479   1.00 53.80  ? 142 LEU A O     1 
ATOM   722  C CB    . LEU A 1 142 ? -4.839  -3.140  -2.072  1.00 53.84  ? 142 LEU A CB    1 
ATOM   723  C CG    . LEU A 1 142 ? -4.032  -3.318  -3.355  1.00 58.90  ? 142 LEU A CG    1 
ATOM   724  C CD1   . LEU A 1 142 ? -4.529  -4.468  -4.214  1.00 64.42  ? 142 LEU A CD1   1 
ATOM   725  C CD2   . LEU A 1 142 ? -4.070  -2.034  -4.154  1.00 61.06  ? 142 LEU A CD2   1 
ATOM   726  N N     . VAL A 1 143 ? -5.205  -3.411  0.972   1.00 57.01  ? 143 VAL A N     1 
ATOM   727  C CA    . VAL A 1 143 ? -4.754  -3.178  2.344   1.00 58.99  ? 143 VAL A CA    1 
ATOM   728  C C     . VAL A 1 143 ? -4.827  -4.442  3.160   1.00 60.52  ? 143 VAL A C     1 
ATOM   729  O O     . VAL A 1 143 ? -4.038  -4.641  4.071   1.00 59.29  ? 143 VAL A O     1 
ATOM   730  C CB    . VAL A 1 143 ? -5.616  -2.123  3.037   1.00 58.44  ? 143 VAL A CB    1 
ATOM   731  C CG1   . VAL A 1 143 ? -5.087  -1.846  4.413   1.00 57.53  ? 143 VAL A CG1   1 
ATOM   732  C CG2   . VAL A 1 143 ? -5.601  -0.854  2.216   1.00 69.97  ? 143 VAL A CG2   1 
ATOM   733  N N     . GLU A 1 144 ? -5.793  -5.290  2.838   1.00 68.97  ? 144 GLU A N     1 
ATOM   734  C CA    . GLU A 1 144 ? -5.924  -6.579  3.503   1.00 69.26  ? 144 GLU A CA    1 
ATOM   735  C C     . GLU A 1 144 ? -4.723  -7.446  3.121   1.00 70.12  ? 144 GLU A C     1 
ATOM   736  O O     . GLU A 1 144 ? -4.055  -8.014  3.988   1.00 70.77  ? 144 GLU A O     1 
ATOM   737  C CB    . GLU A 1 144 ? -7.201  -7.269  3.052   1.00 75.93  ? 144 GLU A CB    1 
ATOM   738  C CG    . GLU A 1 144 ? -8.452  -6.471  3.358   1.00 91.56  ? 144 GLU A CG    1 
ATOM   739  C CD    . GLU A 1 144 ? -8.512  -6.007  4.808   1.00 91.23  ? 144 GLU A CD    1 
ATOM   740  O OE1   . GLU A 1 144 ? -8.359  -6.839  5.736   1.00 78.51  ? 144 GLU A OE1   1 
ATOM   741  O OE2   . GLU A 1 144 ? -8.729  -4.793  5.005   1.00 95.00  ? 144 GLU A OE2   1 
ATOM   742  N N     . ALA A 1 145 ? -4.459  -7.544  1.818   1.00 66.24  ? 145 ALA A N     1 
ATOM   743  C CA    . ALA A 1 145 ? -3.334  -8.315  1.303   1.00 64.34  ? 145 ALA A CA    1 
ATOM   744  C C     . ALA A 1 145 ? -2.039  -7.921  2.013   1.00 66.74  ? 145 ALA A C     1 
ATOM   745  O O     . ALA A 1 145 ? -1.269  -8.773  2.449   1.00 67.53  ? 145 ALA A O     1 
ATOM   746  C CB    . ALA A 1 145 ? -3.202  -8.109  -0.197  1.00 61.85  ? 145 ALA A CB    1 
ATOM   747  N N     . PHE A 1 146 ? -1.808  -6.615  2.116   1.00 67.53  ? 146 PHE A N     1 
ATOM   748  C CA    . PHE A 1 146 ? -0.603  -6.080  2.741   1.00 62.92  ? 146 PHE A CA    1 
ATOM   749  C C     . PHE A 1 146 ? -0.393  -6.586  4.162   1.00 62.61  ? 146 PHE A C     1 
ATOM   750  O O     . PHE A 1 146 ? 0.691   -7.064  4.504   1.00 67.35  ? 146 PHE A O     1 
ATOM   751  C CB    . PHE A 1 146 ? -0.630  -4.545  2.719   1.00 62.48  ? 146 PHE A CB    1 
ATOM   752  C CG    . PHE A 1 146 ? 0.472   -3.913  3.518   1.00 59.96  ? 146 PHE A CG    1 
ATOM   753  C CD1   . PHE A 1 146 ? 1.794   -4.081  3.152   1.00 61.54  ? 146 PHE A CD1   1 
ATOM   754  C CD2   . PHE A 1 146 ? 0.183   -3.181  4.667   1.00 59.39  ? 146 PHE A CD2   1 
ATOM   755  C CE1   . PHE A 1 146 ? 2.821   -3.531  3.902   1.00 61.78  ? 146 PHE A CE1   1 
ATOM   756  C CE2   . PHE A 1 146 ? 1.199   -2.646  5.432   1.00 63.04  ? 146 PHE A CE2   1 
ATOM   757  C CZ    . PHE A 1 146 ? 2.523   -2.812  5.046   1.00 63.22  ? 146 PHE A CZ    1 
ATOM   758  N N     . ILE A 1 147 ? -1.427  -6.478  4.985   1.00 63.25  ? 147 ILE A N     1 
ATOM   759  C CA    . ILE A 1 147 ? -1.333  -6.899  6.378   1.00 67.39  ? 147 ILE A CA    1 
ATOM   760  C C     . ILE A 1 147 ? -1.146  -8.402  6.466   1.00 70.12  ? 147 ILE A C     1 
ATOM   761  O O     . ILE A 1 147 ? -0.340  -8.890  7.256   1.00 73.42  ? 147 ILE A O     1 
ATOM   762  C CB    . ILE A 1 147 ? -2.581  -6.501  7.161   1.00 65.53  ? 147 ILE A CB    1 
ATOM   763  C CG1   . ILE A 1 147 ? -2.861  -5.009  6.942   1.00 66.77  ? 147 ILE A CG1   1 
ATOM   764  C CG2   . ILE A 1 147 ? -2.355  -6.776  8.628   1.00 68.56  ? 147 ILE A CG2   1 
ATOM   765  C CD1   . ILE A 1 147 ? -4.180  -4.501  7.468   1.00 64.34  ? 147 ILE A CD1   1 
ATOM   766  N N     . GLU A 1 148 ? -1.887  -9.133  5.646   1.00 73.46  ? 148 GLU A N     1 
ATOM   767  C CA    . GLU A 1 148 ? -1.754  -10.582 5.601   1.00 78.62  ? 148 GLU A CA    1 
ATOM   768  C C     . GLU A 1 148 ? -0.298  -10.950 5.266   1.00 75.10  ? 148 GLU A C     1 
ATOM   769  O O     . GLU A 1 148 ? 0.356   -11.667 6.012   1.00 80.83  ? 148 GLU A O     1 
ATOM   770  C CB    . GLU A 1 148 ? -2.721  -11.154 4.557   1.00 83.43  ? 148 GLU A CB    1 
ATOM   771  C CG    . GLU A 1 148 ? -2.916  -12.669 4.589   1.00 94.87  ? 148 GLU A CG    1 
ATOM   772  C CD    . GLU A 1 148 ? -1.670  -13.472 4.168   1.00 106.82 ? 148 GLU A CD    1 
ATOM   773  O OE1   . GLU A 1 148 ? -1.069  -13.146 3.111   1.00 98.75  ? 148 GLU A OE1   1 
ATOM   774  O OE2   . GLU A 1 148 ? -1.295  -14.440 4.891   1.00 104.21 ? 148 GLU A OE2   1 
ATOM   775  N N     . GLU A 1 149 ? 0.191   -10.441 4.143   1.00 72.66  ? 149 GLU A N     1 
ATOM   776  C CA    . GLU A 1 149 ? 1.554   -10.706 3.681   1.00 73.54  ? 149 GLU A CA    1 
ATOM   777  C C     . GLU A 1 149 ? 2.560   -10.384 4.761   1.00 70.61  ? 149 GLU A C     1 
ATOM   778  O O     . GLU A 1 149 ? 3.496   -11.138 5.000   1.00 69.22  ? 149 GLU A O     1 
ATOM   779  C CB    . GLU A 1 149 ? 1.886   -9.852  2.456   1.00 75.25  ? 149 GLU A CB    1 
ATOM   780  C CG    . GLU A 1 149 ? 1.157   -10.202 1.168   1.00 77.54  ? 149 GLU A CG    1 
ATOM   781  C CD    . GLU A 1 149 ? 1.548   -9.275  0.037   1.00 78.03  ? 149 GLU A CD    1 
ATOM   782  O OE1   . GLU A 1 149 ? 1.121   -9.512  -1.107  1.00 75.22  ? 149 GLU A OE1   1 
ATOM   783  O OE2   . GLU A 1 149 ? 2.277   -8.294  0.285   1.00 76.01  ? 149 GLU A OE2   1 
ATOM   784  N N     . LYS A 1 150 ? 2.361   -9.238  5.398   1.00 74.76  ? 150 LYS A N     1 
ATOM   785  C CA    . LYS A 1 150 ? 3.263   -8.767  6.433   1.00 77.97  ? 150 LYS A CA    1 
ATOM   786  C C     . LYS A 1 150 ? 3.328   -9.744  7.604   1.00 82.18  ? 150 LYS A C     1 
ATOM   787  O O     . LYS A 1 150 ? 4.410   -10.073 8.093   1.00 80.16  ? 150 LYS A O     1 
ATOM   788  C CB    . LYS A 1 150 ? 2.816   -7.388  6.924   1.00 71.12  ? 150 LYS A CB    1 
ATOM   789  C CG    . LYS A 1 150 ? 3.842   -6.685  7.801   1.00 73.56  ? 150 LYS A CG    1 
ATOM   790  C CD    . LYS A 1 150 ? 5.065   -6.238  7.005   1.00 70.05  ? 150 LYS A CD    1 
ATOM   791  C CE    . LYS A 1 150 ? 6.175   -5.757  7.925   1.00 64.04  ? 150 LYS A CE    1 
ATOM   792  N NZ    . LYS A 1 150 ? 7.259   -5.215  7.066   1.00 71.88  ? 150 LYS A NZ    1 
ATOM   793  N N     . GLU A 1 151 ? 2.158   -10.199 8.043   1.00 78.07  ? 151 GLU A N     1 
ATOM   794  C CA    . GLU A 1 151 ? 2.052   -11.123 9.154   1.00 83.31  ? 151 GLU A CA    1 
ATOM   795  C C     . GLU A 1 151 ? 2.171   -12.589 8.740   1.00 92.54  ? 151 GLU A C     1 
ATOM   796  O O     . GLU A 1 151 ? 2.027   -13.485 9.557   1.00 106.30 ? 151 GLU A O     1 
ATOM   797  C CB    . GLU A 1 151 ? 0.717   -10.907 9.868   1.00 87.31  ? 151 GLU A CB    1 
ATOM   798  C CG    . GLU A 1 151 ? 0.476   -9.466  10.278  1.00 91.37  ? 151 GLU A CG    1 
ATOM   799  C CD    . GLU A 1 151 ? -0.877  -9.246  10.942  1.00 90.11  ? 151 GLU A CD    1 
ATOM   800  O OE1   . GLU A 1 151 ? -1.897  -9.798  10.431  1.00 83.99  ? 151 GLU A OE1   1 
ATOM   801  O OE2   . GLU A 1 151 ? -0.908  -8.508  11.963  1.00 83.43  ? 151 GLU A OE2   1 
ATOM   802  N N     . ARG A 1 152 ? 2.420   -12.846 7.468   1.00 98.60  ? 152 ARG A N     1 
ATOM   803  C CA    . ARG A 1 152 ? 2.575   -14.220 7.003   1.00 99.29  ? 152 ARG A CA    1 
ATOM   804  C C     . ARG A 1 152 ? 4.052   -14.593 6.947   1.00 111.42 ? 152 ARG A C     1 
ATOM   805  O O     . ARG A 1 152 ? 4.401   -15.759 6.890   1.00 129.93 ? 152 ARG A O     1 
ATOM   806  C CB    . ARG A 1 152 ? 1.931   -14.397 5.623   1.00 99.91  ? 152 ARG A CB    1 
ATOM   807  C CG    . ARG A 1 152 ? 1.843   -15.845 5.189   1.00 100.99 ? 152 ARG A CG    1 
ATOM   808  C CD    . ARG A 1 152 ? 2.325   -16.068 3.757   1.00 102.77 ? 152 ARG A CD    1 
ATOM   809  N NE    . ARG A 1 152 ? 1.365   -15.636 2.736   1.00 100.01 ? 152 ARG A NE    1 
ATOM   810  C CZ    . ARG A 1 152 ? 1.382   -14.443 2.156   1.00 100.10 ? 152 ARG A CZ    1 
ATOM   811  N NH1   . ARG A 1 152 ? 2.306   -13.550 2.500   1.00 119.98 ? 152 ARG A NH1   1 
ATOM   812  N NH2   . ARG A 1 152 ? 0.476   -14.136 1.236   1.00 99.24  ? 152 ARG A NH2   1 
ATOM   813  N N     . GLY A 1 153 ? 4.912   -13.584 6.946   1.00 116.41 ? 153 GLY A N     1 
ATOM   814  C CA    . GLY A 1 153 ? 6.351   -13.766 6.842   1.00 131.24 ? 153 GLY A CA    1 
ATOM   815  C C     . GLY A 1 153 ? 6.911   -14.522 8.028   1.00 157.89 ? 153 GLY A C     1 
ATOM   816  O O     . GLY A 1 153 ? 6.514   -15.668 8.269   1.00 163.37 ? 153 GLY A O     1 
ATOM   817  N N     . ALA A 1 154 ? 7.837   -13.902 8.771   1.00 158.72 ? 154 ALA A N     1 
ATOM   818  C CA    . ALA A 1 154 ? 8.398   -14.536 9.978   1.00 156.13 ? 154 ALA A CA    1 
ATOM   819  C C     . ALA A 1 154 ? 7.492   -14.261 11.189  1.00 169.55 ? 154 ALA A C     1 
ATOM   820  O O     . ALA A 1 154 ? 7.954   -14.225 12.338  1.00 172.39 ? 154 ALA A O     1 
ATOM   821  C CB    . ALA A 1 154 ? 9.834   -14.083 10.246  1.00 129.83 ? 154 ALA A CB    1 
ATOM   822  N N     . ALA A 1 155 ? 6.203   -14.065 10.921  1.00 169.00 ? 155 ALA A N     1 
ATOM   823  C CA    . ALA A 1 155 ? 5.230   -13.741 11.965  1.00 158.90 ? 155 ALA A CA    1 
ATOM   824  C C     . ALA A 1 155 ? 4.312   -14.941 12.192  1.00 157.14 ? 155 ALA A C     1 
ATOM   825  O O     . ALA A 1 155 ? 4.615   -16.053 11.759  1.00 160.05 ? 155 ALA A O     1 
ATOM   826  C CB    . ALA A 1 155 ? 4.273   -12.661 11.479  1.00 157.60 ? 155 ALA A CB    1 
ATOM   827  N N     . GLY A 1 156 ? 3.257   -14.749 12.976  1.00 145.69 ? 156 GLY A N     1 
ATOM   828  C CA    . GLY A 1 156 ? 2.390   -15.847 13.371  1.00 138.61 ? 156 GLY A CA    1 
ATOM   829  C C     . GLY A 1 156 ? 2.866   -16.227 14.761  1.00 152.13 ? 156 GLY A C     1 
ATOM   830  O O     . GLY A 1 156 ? 2.287   -17.096 15.400  1.00 146.12 ? 156 GLY A O     1 
ATOM   831  N N     . GLY A 1 157 ? 3.938   -15.576 15.217  1.00 164.78 ? 157 GLY A N     1 
ATOM   832  C CA    . GLY A 1 157 ? 4.487   -15.789 16.549  1.00 164.42 ? 157 GLY A CA    1 
ATOM   833  C C     . GLY A 1 157 ? 5.933   -15.316 16.621  1.00 174.91 ? 157 GLY A C     1 
ATOM   834  O O     . GLY A 1 157 ? 6.754   -15.936 17.311  1.00 170.09 ? 157 GLY A O     1 
ATOM   835  N N     . SER A 1 158 ? 6.242   -14.258 15.878  1.00 174.49 ? 158 SER A N     1 
ATOM   836  C CA    . SER A 1 158 ? 7.615   -13.806 15.701  1.00 173.36 ? 158 SER A CA    1 
ATOM   837  C C     . SER A 1 158 ? 8.194   -13.124 16.934  1.00 173.00 ? 158 SER A C     1 
ATOM   838  O O     . SER A 1 158 ? 7.590   -12.213 17.498  1.00 173.57 ? 158 SER A O     1 
ATOM   839  C CB    . SER A 1 158 ? 7.715   -12.870 14.494  1.00 164.86 ? 158 SER A CB    1 
ATOM   840  O OG    . SER A 1 158 ? 8.763   -11.931 14.662  1.00 136.01 ? 158 SER A OG    1 
ATOM   841  N N     . SER A 1 159 ? 9.384   -13.569 17.327  1.00 171.17 ? 159 SER A N     1 
ATOM   842  C CA    . SER A 1 159 ? 10.124  -12.949 18.416  1.00 144.70 ? 159 SER A CA    1 
ATOM   843  C C     . SER A 1 159 ? 11.127  -11.960 17.834  1.00 146.99 ? 159 SER A C     1 
ATOM   844  O O     . SER A 1 159 ? 12.287  -12.299 17.598  1.00 138.61 ? 159 SER A O     1 
ATOM   845  C CB    . SER A 1 159 ? 10.847  -14.008 19.248  1.00 125.71 ? 159 SER A CB    1 
ATOM   846  O OG    . SER A 1 159 ? 10.594  -13.827 20.631  1.00 131.63 ? 159 SER A OG    1 
ATOM   847  N N     . GLU A 1 160 ? 10.663  -10.739 17.593  1.00 148.57 ? 160 GLU A N     1 
ATOM   848  C CA    . GLU A 1 160 ? 9.292   -10.372 17.932  1.00 133.97 ? 160 GLU A CA    1 
ATOM   849  C C     . GLU A 1 160 ? 8.741   -9.201  17.116  1.00 122.46 ? 160 GLU A C     1 
ATOM   850  O O     . GLU A 1 160 ? 9.282   -8.096  17.146  1.00 119.15 ? 160 GLU A O     1 
ATOM   851  C CB    . GLU A 1 160 ? 9.179   -10.063 19.427  1.00 135.81 ? 160 GLU A CB    1 
ATOM   852  C CG    . GLU A 1 160 ? 9.108   -8.579  19.751  1.00 127.81 ? 160 GLU A CG    1 
ATOM   853  C CD    . GLU A 1 160 ? 10.443  -8.015  20.193  1.00 128.60 ? 160 GLU A CD    1 
ATOM   854  O OE1   . GLU A 1 160 ? 10.553  -6.779  20.330  1.00 121.73 ? 160 GLU A OE1   1 
ATOM   855  O OE2   . GLU A 1 160 ? 11.386  -8.809  20.404  1.00 132.05 ? 160 GLU A OE2   1 
ATOM   856  N N     . GLY A 1 161 ? 7.651   -9.460  16.399  1.00 111.32 ? 161 GLY A N     1 
ATOM   857  C CA    . GLY A 1 161 ? 6.915   -8.430  15.691  1.00 99.47  ? 161 GLY A CA    1 
ATOM   858  C C     . GLY A 1 161 ? 7.318   -8.218  14.248  1.00 93.93  ? 161 GLY A C     1 
ATOM   859  O O     . GLY A 1 161 ? 8.480   -7.943  13.947  1.00 90.98  ? 161 GLY A O     1 
ATOM   860  N N     . VAL A 1 162 ? 6.346   -8.293  13.373  1.00 92.65  ? 162 VAL A N     1 
ATOM   861  C CA    . VAL A 1 162 ? 6.605   -8.038  11.996  1.00 93.63  ? 162 VAL A CA    1 
ATOM   862  C C     . VAL A 1 162 ? 6.537   -6.555  11.838  1.00 96.25  ? 162 VAL A C     1 
ATOM   863  O O     . VAL A 1 162 ? 7.200   -5.980  10.995  1.00 97.34  ? 162 VAL A O     1 
ATOM   864  C CB    . VAL A 1 162 ? 5.530   -8.656  11.160  1.00 91.69  ? 162 VAL A CB    1 
ATOM   865  C CG1   . VAL A 1 162 ? 6.126   -9.668  10.244  1.00 98.87  ? 162 VAL A CG1   1 
ATOM   866  C CG2   . VAL A 1 162 ? 4.530   -9.306  12.047  1.00 79.12  ? 162 VAL A CG2   1 
ATOM   867  N N     . TRP A 1 163 ? 5.722   -5.940  12.679  1.00 90.64  ? 163 TRP A N     1 
ATOM   868  C CA    . TRP A 1 163 ? 5.376   -4.547  12.537  1.00 82.93  ? 163 TRP A CA    1 
ATOM   869  C C     . TRP A 1 163 ? 6.347   -3.669  13.248  1.00 79.00  ? 163 TRP A C     1 
ATOM   870  O O     . TRP A 1 163 ? 6.595   -2.556  12.855  1.00 76.89  ? 163 TRP A O     1 
ATOM   871  C CB    . TRP A 1 163 ? 3.998   -4.317  13.105  1.00 78.78  ? 163 TRP A CB    1 
ATOM   872  C CG    . TRP A 1 163 ? 2.958   -4.911  12.282  1.00 81.71  ? 163 TRP A CG    1 
ATOM   873  C CD1   . TRP A 1 163 ? 2.175   -5.949  12.604  1.00 86.30  ? 163 TRP A CD1   1 
ATOM   874  C CD2   . TRP A 1 163 ? 2.575   -4.507  10.982  1.00 82.27  ? 163 TRP A CD2   1 
ATOM   875  N NE1   . TRP A 1 163 ? 1.321   -6.230  11.587  1.00 90.20  ? 163 TRP A NE1   1 
ATOM   876  C CE2   . TRP A 1 163 ? 1.555   -5.351  10.571  1.00 87.37  ? 163 TRP A CE2   1 
ATOM   877  C CE3   . TRP A 1 163 ? 3.002   -3.509  10.122  1.00 75.38  ? 163 TRP A CE3   1 
ATOM   878  C CZ2   . TRP A 1 163 ? 0.950   -5.228  9.353   1.00 81.54  ? 163 TRP A CZ2   1 
ATOM   879  C CZ3   . TRP A 1 163 ? 2.407   -3.396  8.922   1.00 73.54  ? 163 TRP A CZ3   1 
ATOM   880  C CH2   . TRP A 1 163 ? 1.392   -4.245  8.542   1.00 75.80  ? 163 TRP A CH2   1 
ATOM   881  N N     . VAL A 1 164 ? 6.897   -4.164  14.325  1.00 79.44  ? 164 VAL A N     1 
ATOM   882  C CA    . VAL A 1 164 ? 7.889   -3.354  15.017  1.00 81.90  ? 164 VAL A CA    1 
ATOM   883  C C     . VAL A 1 164 ? 9.106   -3.242  14.099  1.00 81.30  ? 164 VAL A C     1 
ATOM   884  O O     . VAL A 1 164 ? 9.535   -4.240  13.513  1.00 89.68  ? 164 VAL A O     1 
ATOM   885  C CB    . VAL A 1 164 ? 8.276   -3.976  16.377  1.00 76.48  ? 164 VAL A CB    1 
ATOM   886  C CG1   . VAL A 1 164 ? 9.145   -5.213  16.182  1.00 79.16  ? 164 VAL A CG1   1 
ATOM   887  C CG2   . VAL A 1 164 ? 8.993   -2.948  17.222  1.00 72.58  ? 164 VAL A CG2   1 
ATOM   888  N N     . GLY A 1 165 ? 9.649   -2.038  13.949  1.00 74.51  ? 165 GLY A N     1 
ATOM   889  C CA    . GLY A 1 165 ? 10.800  -1.861  13.083  1.00 73.62  ? 165 GLY A CA    1 
ATOM   890  C C     . GLY A 1 165 ? 10.393  -1.439  11.674  1.00 81.19  ? 165 GLY A C     1 
ATOM   891  O O     . GLY A 1 165 ? 11.238  -1.103  10.841  1.00 81.91  ? 165 GLY A O     1 
ATOM   892  N N     . GLU A 1 166 ? 9.087   -1.444  11.413  1.00 80.49  ? 166 GLU A N     1 
ATOM   893  C CA    . GLU A 1 166 ? 8.531   -0.954  10.164  1.00 75.26  ? 166 GLU A CA    1 
ATOM   894  C C     . GLU A 1 166 ? 8.875   0.526   9.965   1.00 70.32  ? 166 GLU A C     1 
ATOM   895  O O     . GLU A 1 166 ? 9.040   1.261   10.936  1.00 70.09  ? 166 GLU A O     1 
ATOM   896  C CB    . GLU A 1 166 ? 7.002   -1.119  10.150  1.00 72.59  ? 166 GLU A CB    1 
ATOM   897  C CG    . GLU A 1 166 ? 6.361   -0.717  8.828   1.00 71.79  ? 166 GLU A CG    1 
ATOM   898  C CD    . GLU A 1 166 ? 6.801   -1.616  7.676   1.00 76.73  ? 166 GLU A CD    1 
ATOM   899  O OE1   . GLU A 1 166 ? 6.325   -2.764  7.580   1.00 82.27  ? 166 GLU A OE1   1 
ATOM   900  O OE2   . GLU A 1 166 ? 7.636   -1.185  6.854   1.00 77.57  ? 166 GLU A OE2   1 
ATOM   901  N N     . ASP A 1 167 ? 8.960   0.955   8.713   1.00 66.48  ? 167 ASP A N     1 
ATOM   902  C CA    . ASP A 1 167 ? 9.284   2.346   8.407   1.00 67.97  ? 167 ASP A CA    1 
ATOM   903  C C     . ASP A 1 167 ? 8.091   3.265   8.665   1.00 72.32  ? 167 ASP A C     1 
ATOM   904  O O     . ASP A 1 167 ? 7.045   3.179   7.983   1.00 64.04  ? 167 ASP A O     1 
ATOM   905  C CB    . ASP A 1 167 ? 9.747   2.487   6.970   1.00 64.36  ? 167 ASP A CB    1 
ATOM   906  C CG    . ASP A 1 167 ? 10.255  3.868   6.676   1.00 69.14  ? 167 ASP A CG    1 
ATOM   907  O OD1   . ASP A 1 167 ? 9.454   4.837   6.717   1.00 80.63  ? 167 ASP A OD1   1 
ATOM   908  O OD2   . ASP A 1 167 ? 11.463  3.990   6.411   1.00 75.31  ? 167 ASP A OD2   1 
ATOM   909  N N     . VAL A 1 168 ? 8.276   4.143   9.657   1.00 70.69  ? 168 VAL A N     1 
ATOM   910  C CA    . VAL A 1 168 ? 7.216   5.067   10.065  1.00 67.30  ? 168 VAL A CA    1 
ATOM   911  C C     . VAL A 1 168 ? 6.759   5.937   8.907   1.00 60.02  ? 168 VAL A C     1 
ATOM   912  O O     . VAL A 1 168 ? 5.573   6.020   8.617   1.00 58.30  ? 168 VAL A O     1 
ATOM   913  C CB    . VAL A 1 168 ? 7.657   5.957   11.249  1.00 69.63  ? 168 VAL A CB    1 
ATOM   914  C CG1   . VAL A 1 168 ? 6.500   6.847   11.737  1.00 63.82  ? 168 VAL A CG1   1 
ATOM   915  C CG2   . VAL A 1 168 ? 8.221   5.085   12.371  1.00 70.89  ? 168 VAL A CG2   1 
ATOM   916  N N     . TYR A 1 169 ? 7.721   6.579   8.244   1.00 59.52  ? 169 TYR A N     1 
ATOM   917  C CA    . TYR A 1 169 ? 7.403   7.467   7.135   1.00 59.36  ? 169 TYR A CA    1 
ATOM   918  C C     . TYR A 1 169 ? 6.579   6.760   6.066   1.00 58.60  ? 169 TYR A C     1 
ATOM   919  O O     . TYR A 1 169 ? 5.513   7.244   5.675   1.00 59.66  ? 169 TYR A O     1 
ATOM   920  C CB    . TYR A 1 169 ? 8.682   8.028   6.539   1.00 65.51  ? 169 TYR A CB    1 
ATOM   921  C CG    . TYR A 1 169 ? 9.320   9.178   7.312   1.00 64.85  ? 169 TYR A CG    1 
ATOM   922  C CD1   . TYR A 1 169 ? 9.714   10.334  6.657   1.00 65.42  ? 169 TYR A CD1   1 
ATOM   923  C CD2   . TYR A 1 169 ? 9.559   9.092   8.676   1.00 68.38  ? 169 TYR A CD2   1 
ATOM   924  C CE1   . TYR A 1 169 ? 10.337  11.383  7.332   1.00 70.35  ? 169 TYR A CE1   1 
ATOM   925  C CE2   . TYR A 1 169 ? 10.164  10.139  9.374   1.00 68.90  ? 169 TYR A CE2   1 
ATOM   926  C CZ    . TYR A 1 169 ? 10.554  11.286  8.695   1.00 74.68  ? 169 TYR A CZ    1 
ATOM   927  O OH    . TYR A 1 169 ? 11.183  12.336  9.357   1.00 75.56  ? 169 TYR A OH    1 
ATOM   928  N N     . LYS A 1 170 ? 7.064   5.615   5.601   1.00 61.34  ? 170 LYS A N     1 
ATOM   929  C CA    . LYS A 1 170 ? 6.372   4.846   4.572   1.00 61.75  ? 170 LYS A CA    1 
ATOM   930  C C     . LYS A 1 170 ? 4.990   4.373   5.024   1.00 60.30  ? 170 LYS A C     1 
ATOM   931  O O     . LYS A 1 170 ? 4.030   4.405   4.254   1.00 59.64  ? 170 LYS A O     1 
ATOM   932  C CB    . LYS A 1 170 ? 7.224   3.652   4.119   1.00 63.16  ? 170 LYS A CB    1 
ATOM   933  C CG    . LYS A 1 170 ? 8.296   4.031   3.114   1.00 67.90  ? 170 LYS A CG    1 
ATOM   934  C CD    . LYS A 1 170 ? 9.017   2.830   2.525   1.00 74.07  ? 170 LYS A CD    1 
ATOM   935  C CE    . LYS A 1 170 ? 10.150  2.405   3.425   1.00 85.83  ? 170 LYS A CE    1 
ATOM   936  N NZ    . LYS A 1 170 ? 11.042  3.585   3.587   1.00 93.51  ? 170 LYS A NZ    1 
ATOM   937  N N     . LEU A 1 171 ? 4.902   3.935   6.275   1.00 58.66  ? 171 LEU A N     1 
ATOM   938  C CA    . LEU A 1 171 ? 3.634   3.485   6.821   1.00 58.22  ? 171 LEU A CA    1 
ATOM   939  C C     . LEU A 1 171 ? 2.656   4.667   6.916   1.00 57.39  ? 171 LEU A C     1 
ATOM   940  O O     . LEU A 1 171 ? 1.462   4.534   6.646   1.00 59.10  ? 171 LEU A O     1 
ATOM   941  C CB    . LEU A 1 171 ? 3.859   2.843   8.191   1.00 61.42  ? 171 LEU A CB    1 
ATOM   942  C CG    . LEU A 1 171 ? 2.655   2.150   8.836   1.00 60.44  ? 171 LEU A CG    1 
ATOM   943  C CD1   . LEU A 1 171 ? 2.245   0.946   7.989   1.00 61.69  ? 171 LEU A CD1   1 
ATOM   944  C CD2   . LEU A 1 171 ? 3.009   1.721   10.251  1.00 64.22  ? 171 LEU A CD2   1 
ATOM   945  N N     . THR A 1 172 ? 3.176   5.833   7.286   1.00 56.23  ? 172 THR A N     1 
ATOM   946  C CA    . THR A 1 172 ? 2.357   7.037   7.420   1.00 57.70  ? 172 THR A CA    1 
ATOM   947  C C     . THR A 1 172 ? 1.838   7.490   6.057   1.00 58.09  ? 172 THR A C     1 
ATOM   948  O O     . THR A 1 172 ? 0.754   8.087   5.953   1.00 56.01  ? 172 THR A O     1 
ATOM   949  C CB    . THR A 1 172 ? 3.156   8.182   8.068   1.00 53.52  ? 172 THR A CB    1 
ATOM   950  O OG1   . THR A 1 172 ? 3.499   7.804   9.407   1.00 56.23  ? 172 THR A OG1   1 
ATOM   951  C CG2   . THR A 1 172 ? 2.356   9.468   8.107   1.00 53.49  ? 172 THR A CG2   1 
ATOM   952  N N     . ARG A 1 173 ? 2.618   7.199   5.020   1.00 56.55  ? 173 ARG A N     1 
ATOM   953  C CA    . ARG A 1 173 ? 2.231   7.576   3.675   1.00 61.78  ? 173 ARG A CA    1 
ATOM   954  C C     . ARG A 1 173 ? 1.045   6.754   3.191   1.00 63.47  ? 173 ARG A C     1 
ATOM   955  O O     . ARG A 1 173 ? 0.135   7.289   2.555   1.00 70.26  ? 173 ARG A O     1 
ATOM   956  C CB    . ARG A 1 173 ? 3.395   7.406   2.723   1.00 60.05  ? 173 ARG A CB    1 
ATOM   957  C CG    . ARG A 1 173 ? 3.130   7.961   1.335   1.00 70.03  ? 173 ARG A CG    1 
ATOM   958  C CD    . ARG A 1 173 ? 4.410   8.552   0.777   1.00 86.72  ? 173 ARG A CD    1 
ATOM   959  N NE    . ARG A 1 173 ? 4.577   8.366   -0.661  1.00 90.24  ? 173 ARG A NE    1 
ATOM   960  C CZ    . ARG A 1 173 ? 5.635   8.802   -1.339  1.00 100.20 ? 173 ARG A CZ    1 
ATOM   961  N NH1   . ARG A 1 173 ? 6.620   9.467   -0.716  1.00 101.00 ? 173 ARG A NH1   1 
ATOM   962  N NH2   . ARG A 1 173 ? 5.707   8.572   -2.647  1.00 102.37 ? 173 ARG A NH2   1 
ATOM   963  N N     . LEU A 1 174 ? 1.067   5.456   3.485   1.00 57.97  ? 174 LEU A N     1 
ATOM   964  C CA    . LEU A 1 174 ? -0.011  4.574   3.088   1.00 55.49  ? 174 LEU A CA    1 
ATOM   965  C C     . LEU A 1 174 ? -1.297  4.994   3.787   1.00 58.02  ? 174 LEU A C     1 
ATOM   966  O O     . LEU A 1 174 ? -2.354  5.096   3.169   1.00 56.23  ? 174 LEU A O     1 
ATOM   967  C CB    . LEU A 1 174 ? 0.308   3.126   3.442   1.00 51.51  ? 174 LEU A CB    1 
ATOM   968  C CG    . LEU A 1 174 ? -0.856  2.145   3.379   1.00 52.80  ? 174 LEU A CG    1 
ATOM   969  C CD1   . LEU A 1 174 ? -1.344  1.984   1.951   1.00 56.95  ? 174 LEU A CD1   1 
ATOM   970  C CD2   . LEU A 1 174 ? -0.396  0.829   3.947   1.00 56.09  ? 174 LEU A CD2   1 
ATOM   971  N N     . VAL A 1 175 ? -1.191  5.226   5.087   1.00 59.03  ? 175 VAL A N     1 
ATOM   972  C CA    . VAL A 1 175 ? -2.341  5.631   5.893   1.00 60.89  ? 175 VAL A CA    1 
ATOM   973  C C     . VAL A 1 175 ? -2.924  6.950   5.363   1.00 59.34  ? 175 VAL A C     1 
ATOM   974  O O     . VAL A 1 175 ? -4.104  7.009   5.001   1.00 57.42  ? 175 VAL A O     1 
ATOM   975  C CB    . VAL A 1 175 ? -1.937  5.753   7.375   1.00 62.89  ? 175 VAL A CB    1 
ATOM   976  C CG1   . VAL A 1 175 ? -2.923  6.606   8.170   1.00 64.80  ? 175 VAL A CG1   1 
ATOM   977  C CG2   . VAL A 1 175 ? -1.837  4.353   7.958   1.00 61.46  ? 175 VAL A CG2   1 
ATOM   978  N N     . ARG A 1 176 ? -2.068  7.974   5.305   1.00 55.04  ? 176 ARG A N     1 
ATOM   979  C CA    . ARG A 1 176 ? -2.446  9.280   4.801   1.00 56.53  ? 176 ARG A CA    1 
ATOM   980  C C     . ARG A 1 176 ? -3.058  9.195   3.410   1.00 56.91  ? 176 ARG A C     1 
ATOM   981  O O     . ARG A 1 176 ? -4.009  9.913   3.109   1.00 64.13  ? 176 ARG A O     1 
ATOM   982  C CB    . ARG A 1 176 ? -1.240  10.207  4.747   1.00 62.84  ? 176 ARG A CB    1 
ATOM   983  C CG    . ARG A 1 176 ? -1.563  11.571  4.153   1.00 65.80  ? 176 ARG A CG    1 
ATOM   984  C CD    . ARG A 1 176 ? -0.261  12.278  3.725   1.00 87.15  ? 176 ARG A CD    1 
ATOM   985  N NE    . ARG A 1 176 ? 0.325   13.129  4.767   1.00 87.12  ? 176 ARG A NE    1 
ATOM   986  C CZ    . ARG A 1 176 ? -0.114  14.352  5.072   1.00 84.56  ? 176 ARG A CZ    1 
ATOM   987  N NH1   . ARG A 1 176 ? -1.143  14.861  4.439   1.00 90.15  ? 176 ARG A NH1   1 
ATOM   988  N NH2   . ARG A 1 176 ? 0.453   15.076  6.021   1.00 81.47  ? 176 ARG A NH2   1 
ATOM   989  N N     . ALA A 1 177 ? -2.490  8.344   2.561   1.00 51.49  ? 177 ALA A N     1 
ATOM   990  C CA    . ALA A 1 177 ? -3.002  8.107   1.207   1.00 50.36  ? 177 ALA A CA    1 
ATOM   991  C C     . ALA A 1 177 ? -4.432  7.539   1.248   1.00 54.31  ? 177 ALA A C     1 
ATOM   992  O O     . ALA A 1 177 ? -5.314  7.996   0.502   1.00 55.44  ? 177 ALA A O     1 
ATOM   993  C CB    . ALA A 1 177 ? -2.073  7.181   0.428   1.00 41.62  ? 177 ALA A CB    1 
ATOM   994  N N     . LEU A 1 178 ? -4.656  6.548   2.118   1.00 54.07  ? 178 LEU A N     1 
ATOM   995  C CA    . LEU A 1 178 ? -5.970  5.918   2.299   1.00 50.84  ? 178 LEU A CA    1 
ATOM   996  C C     . LEU A 1 178 ? -6.980  6.927   2.826   1.00 55.16  ? 178 LEU A C     1 
ATOM   997  O O     . LEU A 1 178 ? -8.119  6.993   2.360   1.00 57.34  ? 178 LEU A O     1 
ATOM   998  C CB    . LEU A 1 178 ? -5.884  4.739   3.280   1.00 49.81  ? 178 LEU A CB    1 
ATOM   999  C CG    . LEU A 1 178 ? -5.158  3.517   2.721   1.00 53.81  ? 178 LEU A CG    1 
ATOM   1000 C CD1   . LEU A 1 178 ? -4.827  2.526   3.846   1.00 50.75  ? 178 LEU A CD1   1 
ATOM   1001 C CD2   . LEU A 1 178 ? -6.016  2.901   1.605   1.00 52.78  ? 178 LEU A CD2   1 
ATOM   1002 N N     . VAL A 1 179 ? -6.573  7.700   3.824   1.00 56.24  ? 179 VAL A N     1 
ATOM   1003 C CA    . VAL A 1 179 ? -7.451  8.725   4.379   1.00 60.40  ? 179 VAL A CA    1 
ATOM   1004 C C     . VAL A 1 179 ? -7.809  9.758   3.288   1.00 62.80  ? 179 VAL A C     1 
ATOM   1005 O O     . VAL A 1 179 ? -8.872  10.387  3.324   1.00 63.15  ? 179 VAL A O     1 
ATOM   1006 C CB    . VAL A 1 179 ? -6.781  9.421   5.584   1.00 56.29  ? 179 VAL A CB    1 
ATOM   1007 C CG1   . VAL A 1 179 ? -7.620  10.580  6.077   1.00 56.50  ? 179 VAL A CG1   1 
ATOM   1008 C CG2   . VAL A 1 179 ? -6.610  8.422   6.709   1.00 57.40  ? 179 VAL A CG2   1 
ATOM   1009 N N     . ALA A 1 180 ? -6.918  9.935   2.322   1.00 61.60  ? 180 ALA A N     1 
ATOM   1010 C CA    . ALA A 1 180 ? -7.152  10.880  1.226   1.00 61.12  ? 180 ALA A CA    1 
ATOM   1011 C C     . ALA A 1 180 ? -8.249  10.339  0.282   1.00 65.00  ? 180 ALA A C     1 
ATOM   1012 O O     . ALA A 1 180 ? -9.212  11.027  -0.047  1.00 61.70  ? 180 ALA A O     1 
ATOM   1013 C CB    . ALA A 1 180 ? -5.851  11.110  0.468   1.00 56.71  ? 180 ALA A CB    1 
ATOM   1014 N N     . LYS A 1 181 ? -8.087  9.095   -0.147  1.00 65.51  ? 181 LYS A N     1 
ATOM   1015 C CA    . LYS A 1 181 ? -9.086  8.444   -0.976  1.00 61.48  ? 181 LYS A CA    1 
ATOM   1016 C C     . LYS A 1 181 ? -10.351 8.174   -0.158  1.00 64.69  ? 181 LYS A C     1 
ATOM   1017 O O     . LYS A 1 181 ? -11.340 7.678   -0.677  1.00 68.97  ? 181 LYS A O     1 
ATOM   1018 C CB    . LYS A 1 181 ? -8.525  7.137   -1.525  1.00 63.18  ? 181 LYS A CB    1 
ATOM   1019 C CG    . LYS A 1 181 ? -7.348  7.344   -2.456  1.00 65.34  ? 181 LYS A CG    1 
ATOM   1020 C CD    . LYS A 1 181 ? -7.764  8.195   -3.654  1.00 62.97  ? 181 LYS A CD    1 
ATOM   1021 C CE    . LYS A 1 181 ? -6.662  8.295   -4.687  1.00 57.57  ? 181 LYS A CE    1 
ATOM   1022 N NZ    . LYS A 1 181 ? -7.228  8.826   -5.954  1.00 57.88  ? 181 LYS A NZ    1 
ATOM   1023 N N     . GLY A 1 182 ? -10.312 8.485   1.133   1.00 67.04  ? 182 GLY A N     1 
ATOM   1024 C CA    . GLY A 1 182 ? -11.471 8.270   1.984   1.00 66.51  ? 182 GLY A CA    1 
ATOM   1025 C C     . GLY A 1 182 ? -11.730 6.812   2.390   1.00 69.25  ? 182 GLY A C     1 
ATOM   1026 O O     . GLY A 1 182 ? -12.871 6.428   2.601   1.00 68.59  ? 182 GLY A O     1 
ATOM   1027 N N     . ARG A 1 183 ? -10.693 5.996   2.504   1.00 68.37  ? 183 ARG A N     1 
ATOM   1028 C CA    . ARG A 1 183 ? -10.887 4.618   2.938   1.00 69.03  ? 183 ARG A CA    1 
ATOM   1029 C C     . ARG A 1 183 ? -10.660 4.511   4.451   1.00 71.39  ? 183 ARG A C     1 
ATOM   1030 O O     . ARG A 1 183 ? -9.756  3.808   4.915   1.00 74.56  ? 183 ARG A O     1 
ATOM   1031 C CB    . ARG A 1 183 ? -9.952  3.671   2.180   1.00 72.23  ? 183 ARG A CB    1 
ATOM   1032 C CG    . ARG A 1 183 ? -9.940  3.869   0.671   1.00 69.12  ? 183 ARG A CG    1 
ATOM   1033 C CD    . ARG A 1 183 ? -11.334 4.012   0.131   1.00 67.45  ? 183 ARG A CD    1 
ATOM   1034 N NE    . ARG A 1 183 ? -12.161 2.890   0.568   1.00 74.82  ? 183 ARG A NE    1 
ATOM   1035 C CZ    . ARG A 1 183 ? -13.491 2.909   0.561   1.00 69.17  ? 183 ARG A CZ    1 
ATOM   1036 N NH1   . ARG A 1 183 ? -14.131 3.987   0.156   1.00 68.05  ? 183 ARG A NH1   1 
ATOM   1037 N NH2   . ARG A 1 183 ? -14.180 1.868   0.965   1.00 62.88  ? 183 ARG A NH2   1 
ATOM   1038 N N     . ALA A 1 184 ? -11.490 5.225   5.207   1.00 72.13  ? 184 ALA A N     1 
ATOM   1039 C CA    . ALA A 1 184 ? -11.404 5.274   6.662   1.00 72.75  ? 184 ALA A CA    1 
ATOM   1040 C C     . ALA A 1 184 ? -11.148 3.907   7.291   1.00 74.94  ? 184 ALA A C     1 
ATOM   1041 O O     . ALA A 1 184 ? -10.084 3.665   7.867   1.00 79.09  ? 184 ALA A O     1 
ATOM   1042 C CB    . ALA A 1 184 ? -12.658 5.904   7.241   1.00 68.57  ? 184 ALA A CB    1 
ATOM   1043 N N     . ARG A 1 185 ? -12.129 3.022   7.173   1.00 76.42  ? 185 ARG A N     1 
ATOM   1044 C CA    . ARG A 1 185 ? -11.999 1.686   7.736   1.00 78.23  ? 185 ARG A CA    1 
ATOM   1045 C C     . ARG A 1 185 ? -10.657 1.045   7.372   1.00 73.76  ? 185 ARG A C     1 
ATOM   1046 O O     . ARG A 1 185 ? -10.000 0.411   8.202   1.00 72.72  ? 185 ARG A O     1 
ATOM   1047 C CB    . ARG A 1 185 ? -13.154 0.786   7.277   1.00 84.05  ? 185 ARG A CB    1 
ATOM   1048 C CG    . ARG A 1 185 ? -14.536 1.183   7.837   1.00 91.66  ? 185 ARG A CG    1 
ATOM   1049 C CD    . ARG A 1 185 ? -15.120 0.184   8.829   1.00 98.81  ? 185 ARG A CD    1 
ATOM   1050 N NE    . ARG A 1 185 ? -14.314 0.063   10.058  1.00 113.62 ? 185 ARG A NE    1 
ATOM   1051 C CZ    . ARG A 1 185 ? -14.347 0.933   11.069  1.00 109.23 ? 185 ARG A CZ    1 
ATOM   1052 N NH1   . ARG A 1 185 ? -15.163 1.992   10.995  1.00 107.71 ? 185 ARG A NH1   1 
ATOM   1053 N NH2   . ARG A 1 185 ? -13.554 0.757   12.137  1.00 90.01  ? 185 ARG A NH2   1 
ATOM   1054 N N     . ALA A 1 186 ? -10.258 1.226   6.117   1.00 70.59  ? 186 ALA A N     1 
ATOM   1055 C CA    . ALA A 1 186 ? -9.015  0.644   5.621   1.00 68.27  ? 186 ALA A CA    1 
ATOM   1056 C C     . ALA A 1 186 ? -7.802  1.299   6.278   1.00 67.42  ? 186 ALA A C     1 
ATOM   1057 O O     . ALA A 1 186 ? -6.823  0.638   6.589   1.00 64.74  ? 186 ALA A O     1 
ATOM   1058 C CB    . ALA A 1 186 ? -8.946  0.774   4.106   1.00 68.55  ? 186 ALA A CB    1 
ATOM   1059 N N     . ALA A 1 187 ? -7.881  2.603   6.501   1.00 66.97  ? 187 ALA A N     1 
ATOM   1060 C CA    . ALA A 1 187 ? -6.786  3.313   7.128   1.00 64.89  ? 187 ALA A CA    1 
ATOM   1061 C C     . ALA A 1 187 ? -6.697  2.917   8.583   1.00 65.83  ? 187 ALA A C     1 
ATOM   1062 O O     . ALA A 1 187 ? -5.608  2.793   9.142   1.00 66.75  ? 187 ALA A O     1 
ATOM   1063 C CB    . ALA A 1 187 ? -7.001  4.803   7.016   1.00 63.74  ? 187 ALA A CB    1 
ATOM   1064 N N     . TRP A 1 188 ? -7.856  2.719   9.197   1.00 69.55  ? 188 TRP A N     1 
ATOM   1065 C CA    . TRP A 1 188 ? -7.903  2.328   10.587  1.00 73.42  ? 188 TRP A CA    1 
ATOM   1066 C C     . TRP A 1 188 ? -7.301  0.940   10.807  1.00 74.67  ? 188 TRP A C     1 
ATOM   1067 O O     . TRP A 1 188 ? -6.671  0.655   11.834  1.00 74.62  ? 188 TRP A O     1 
ATOM   1068 C CB    . TRP A 1 188 ? -9.339  2.406   11.103  1.00 73.18  ? 188 TRP A CB    1 
ATOM   1069 C CG    . TRP A 1 188 ? -9.444  1.945   12.534  1.00 83.11  ? 188 TRP A CG    1 
ATOM   1070 C CD1   . TRP A 1 188 ? -9.946  0.736   13.013  1.00 83.97  ? 188 TRP A CD1   1 
ATOM   1071 C CD2   . TRP A 1 188 ? -8.962  2.651   13.699  1.00 74.95  ? 188 TRP A CD2   1 
ATOM   1072 N NE1   . TRP A 1 188 ? -9.810  0.665   14.371  1.00 74.49  ? 188 TRP A NE1   1 
ATOM   1073 C CE2   . TRP A 1 188 ? -9.230  1.786   14.844  1.00 73.25  ? 188 TRP A CE2   1 
ATOM   1074 C CE3   . TRP A 1 188 ? -8.366  3.878   13.903  1.00 74.56  ? 188 TRP A CE3   1 
ATOM   1075 C CZ2   . TRP A 1 188 ? -8.897  2.152   16.135  1.00 77.66  ? 188 TRP A CZ2   1 
ATOM   1076 C CZ3   . TRP A 1 188 ? -8.027  4.241   15.200  1.00 77.45  ? 188 TRP A CZ3   1 
ATOM   1077 C CH2   . TRP A 1 188 ? -8.296  3.398   16.295  1.00 83.19  ? 188 TRP A CH2   1 
ATOM   1078 N N     . ARG A 1 189 ? -7.490  0.052   9.846   1.00 73.95  ? 189 ARG A N     1 
ATOM   1079 C CA    . ARG A 1 189 ? -6.970  -1.298  9.996   1.00 75.26  ? 189 ARG A CA    1 
ATOM   1080 C C     . ARG A 1 189 ? -5.460  -1.361  10.018  1.00 77.95  ? 189 ARG A C     1 
ATOM   1081 O O     . ARG A 1 189 ? -4.878  -2.162  10.751  1.00 83.46  ? 189 ARG A O     1 
ATOM   1082 C CB    . ARG A 1 189 ? -7.487  -2.192  8.885   1.00 74.96  ? 189 ARG A CB    1 
ATOM   1083 C CG    . ARG A 1 189 ? -8.970  -2.490  9.005   1.00 82.20  ? 189 ARG A CG    1 
ATOM   1084 C CD    . ARG A 1 189 ? -9.277  -3.831  8.365   1.00 88.67  ? 189 ARG A CD    1 
ATOM   1085 N NE    . ARG A 1 189 ? -8.145  -4.752  8.520   1.00 84.50  ? 189 ARG A NE    1 
ATOM   1086 C CZ    . ARG A 1 189 ? -8.249  -6.073  8.492   1.00 92.74  ? 189 ARG A CZ    1 
ATOM   1087 N NH1   . ARG A 1 189 ? -9.445  -6.647  8.317   1.00 98.99  ? 189 ARG A NH1   1 
ATOM   1088 N NH2   . ARG A 1 189 ? -7.152  -6.808  8.631   1.00 82.03  ? 189 ARG A NH2   1 
ATOM   1089 N N     . VAL A 1 190 ? -4.823  -0.521  9.210   1.00 79.95  ? 190 VAL A N     1 
ATOM   1090 C CA    . VAL A 1 190 ? -3.374  -0.493  9.157   1.00 72.62  ? 190 VAL A CA    1 
ATOM   1091 C C     . VAL A 1 190 ? -2.837  0.036   10.483  1.00 75.58  ? 190 VAL A C     1 
ATOM   1092 O O     . VAL A 1 190 ? -1.849  -0.471  11.007  1.00 79.01  ? 190 VAL A O     1 
ATOM   1093 C CB    . VAL A 1 190 ? -2.880  0.407   8.030   1.00 66.40  ? 190 VAL A CB    1 
ATOM   1094 C CG1   . VAL A 1 190 ? -1.377  0.339   7.955   1.00 70.65  ? 190 VAL A CG1   1 
ATOM   1095 C CG2   . VAL A 1 190 ? -3.464  -0.047  6.725   1.00 62.60  ? 190 VAL A CG2   1 
ATOM   1096 N N     . TYR A 1 191 ? -3.496  1.059   11.025  1.00 75.13  ? 191 TYR A N     1 
ATOM   1097 C CA    . TYR A 1 191 ? -3.093  1.637   12.302  1.00 72.84  ? 191 TYR A CA    1 
ATOM   1098 C C     . TYR A 1 191 ? -3.248  0.632   13.439  1.00 71.07  ? 191 TYR A C     1 
ATOM   1099 O O     . TYR A 1 191 ? -2.298  0.315   14.161  1.00 67.27  ? 191 TYR A O     1 
ATOM   1100 C CB    . TYR A 1 191 ? -3.932  2.879   12.601  1.00 70.32  ? 191 TYR A CB    1 
ATOM   1101 C CG    . TYR A 1 191 ? -3.576  3.562   13.909  1.00 75.40  ? 191 TYR A CG    1 
ATOM   1102 C CD1   . TYR A 1 191 ? -2.410  4.334   14.036  1.00 73.43  ? 191 TYR A CD1   1 
ATOM   1103 C CD2   . TYR A 1 191 ? -4.389  3.428   15.031  1.00 74.51  ? 191 TYR A CD2   1 
ATOM   1104 C CE1   . TYR A 1 191 ? -2.078  4.956   15.236  1.00 67.36  ? 191 TYR A CE1   1 
ATOM   1105 C CE2   . TYR A 1 191 ? -4.063  4.050   16.231  1.00 73.60  ? 191 TYR A CE2   1 
ATOM   1106 C CZ    . TYR A 1 191 ? -2.910  4.817   16.322  1.00 71.00  ? 191 TYR A CZ    1 
ATOM   1107 O OH    . TYR A 1 191 ? -2.596  5.420   17.515  1.00 76.70  ? 191 TYR A OH    1 
ATOM   1108 N N     . GLU A 1 192 ? -4.474  0.143   13.574  1.00 71.44  ? 192 GLU A N     1 
ATOM   1109 C CA    . GLU A 1 192 ? -4.844  -0.806  14.613  1.00 69.49  ? 192 GLU A CA    1 
ATOM   1110 C C     . GLU A 1 192 ? -3.954  -2.032  14.608  1.00 65.58  ? 192 GLU A C     1 
ATOM   1111 O O     . GLU A 1 192 ? -3.677  -2.601  15.647  1.00 68.27  ? 192 GLU A O     1 
ATOM   1112 C CB    . GLU A 1 192 ? -6.291  -1.224  14.415  1.00 76.55  ? 192 GLU A CB    1 
ATOM   1113 C CG    . GLU A 1 192 ? -6.890  -2.034  15.558  1.00 84.44  ? 192 GLU A CG    1 
ATOM   1114 C CD    . GLU A 1 192 ? -8.260  -2.587  15.182  1.00 104.25 ? 192 GLU A CD    1 
ATOM   1115 O OE1   . GLU A 1 192 ? -9.115  -1.806  14.715  1.00 109.89 ? 192 GLU A OE1   1 
ATOM   1116 O OE2   . GLU A 1 192 ? -8.501  -3.805  15.324  1.00 113.24 ? 192 GLU A OE2   1 
ATOM   1117 N N     . ALA A 1 193 ? -3.505  -2.430  13.429  1.00 68.56  ? 193 ALA A N     1 
ATOM   1118 C CA    . ALA A 1 193 ? -2.666  -3.613  13.285  1.00 64.76  ? 193 ALA A CA    1 
ATOM   1119 C C     . ALA A 1 193 ? -1.181  -3.357  13.493  1.00 61.03  ? 193 ALA A C     1 
ATOM   1120 O O     . ALA A 1 193 ? -0.510  -4.140  14.140  1.00 64.71  ? 193 ALA A O     1 
ATOM   1121 C CB    . ALA A 1 193 ? -2.900  -4.247  11.926  1.00 61.31  ? 193 ALA A CB    1 
ATOM   1122 N N     . ALA A 1 194 ? -0.675  -2.268  12.925  1.00 60.55  ? 194 ALA A N     1 
ATOM   1123 C CA    . ALA A 1 194 ? 0.755   -1.935  12.984  1.00 60.11  ? 194 ALA A CA    1 
ATOM   1124 C C     . ALA A 1 194 ? 1.147   -1.139  14.224  1.00 64.58  ? 194 ALA A C     1 
ATOM   1125 O O     . ALA A 1 194 ? 2.148   -1.443  14.870  1.00 65.96  ? 194 ALA A O     1 
ATOM   1126 C CB    . ALA A 1 194 ? 1.172   -1.177  11.740  1.00 53.13  ? 194 ALA A CB    1 
ATOM   1127 N N     . VAL A 1 195 ? 0.345   -0.139  14.574  1.00 66.38  ? 195 VAL A N     1 
ATOM   1128 C CA    . VAL A 1 195 ? 0.655   0.697   15.771  1.00 70.60  ? 195 VAL A CA    1 
ATOM   1129 C C     . VAL A 1 195 ? 0.062   0.186   17.070  1.00 71.59  ? 195 VAL A C     1 
ATOM   1130 O O     . VAL A 1 195 ? 0.794   0.028   18.063  1.00 70.82  ? 195 VAL A O     1 
ATOM   1131 C CB    . VAL A 1 195 ? 0.148   2.127   15.563  1.00 68.11  ? 195 VAL A CB    1 
ATOM   1132 C CG1   . VAL A 1 195 ? 0.621   2.995   16.710  1.00 68.55  ? 195 VAL A CG1   1 
ATOM   1133 C CG2   . VAL A 1 195 ? 0.664   2.690   14.263  1.00 71.78  ? 195 VAL A CG2   1 
ATOM   1134 N N     . ARG A 1 196 ? -1.256  -0.045  17.086  1.00 69.98  ? 196 ARG A N     1 
ATOM   1135 C CA    . ARG A 1 196 ? -1.947  -0.441  18.323  1.00 68.14  ? 196 ARG A CA    1 
ATOM   1136 C C     . ARG A 1 196 ? -1.588  -1.895  18.684  1.00 71.81  ? 196 ARG A C     1 
ATOM   1137 O O     . ARG A 1 196 ? -1.069  -2.106  19.768  1.00 72.26  ? 196 ARG A O     1 
ATOM   1138 C CB    . ARG A 1 196 ? -3.457  -0.296  18.147  1.00 61.48  ? 196 ARG A CB    1 
ATOM   1139 C CG    . ARG A 1 196 ? -3.903  1.152   18.308  1.00 68.73  ? 196 ARG A CG    1 
ATOM   1140 C CD    . ARG A 1 196 ? -5.368  1.363   17.945  1.00 79.61  ? 196 ARG A CD    1 
ATOM   1141 N NE    . ARG A 1 196 ? -6.314  1.042   19.025  1.00 83.15  ? 196 ARG A NE    1 
ATOM   1142 C CZ    . ARG A 1 196 ? -6.603  1.844   20.052  1.00 81.85  ? 196 ARG A CZ    1 
ATOM   1143 N NH1   . ARG A 1 196 ? -6.015  3.017   20.167  1.00 83.66  ? 196 ARG A NH1   1 
ATOM   1144 N NH2   . ARG A 1 196 ? -7.490  1.492   20.961  1.00 83.46  ? 196 ARG A NH2   1 
ATOM   1145 N N     . LYS A 1 197 ? -1.824  -2.861  17.800  1.00 73.48  ? 197 LYS A N     1 
ATOM   1146 C CA    . LYS A 1 197 ? -1.486  -4.262  18.082  1.00 72.91  ? 197 LYS A CA    1 
ATOM   1147 C C     . LYS A 1 197 ? -0.050  -4.628  17.700  1.00 70.72  ? 197 LYS A C     1 
ATOM   1148 O O     . LYS A 1 197 ? 0.635   -5.319  18.439  1.00 68.14  ? 197 LYS A O     1 
ATOM   1149 C CB    . LYS A 1 197 ? -2.441  -5.218  17.355  1.00 77.77  ? 197 LYS A CB    1 
ATOM   1150 C CG    . LYS A 1 197 ? -3.922  -5.030  17.635  1.00 78.65  ? 197 LYS A CG    1 
ATOM   1151 C CD    . LYS A 1 197 ? -4.726  -5.910  16.668  1.00 85.32  ? 197 LYS A CD    1 
ATOM   1152 C CE    . LYS A 1 197 ? -6.190  -5.489  16.574  1.00 88.90  ? 197 LYS A CE    1 
ATOM   1153 N NZ    . LYS A 1 197 ? -6.889  -5.684  17.877  1.00 93.98  ? 197 LYS A NZ    1 
ATOM   1154 N N     . GLY A 1 198 ? 0.395   -4.183  16.533  1.00 76.52  ? 198 GLY A N     1 
ATOM   1155 C CA    . GLY A 1 198 ? 1.734   -4.522  16.053  1.00 73.92  ? 198 GLY A CA    1 
ATOM   1156 C C     . GLY A 1 198 ? 2.884   -3.977  16.873  1.00 72.74  ? 198 GLY A C     1 
ATOM   1157 O O     . GLY A 1 198 ? 4.030   -4.411  16.719  1.00 71.46  ? 198 GLY A O     1 
ATOM   1158 N N     . GLY A 1 199 ? 2.582   -3.015  17.740  1.00 72.03  ? 199 GLY A N     1 
ATOM   1159 C CA    . GLY A 1 199 ? 3.599   -2.424  18.595  1.00 81.27  ? 199 GLY A CA    1 
ATOM   1160 C C     . GLY A 1 199 ? 4.661   -1.614  17.868  1.00 75.96  ? 199 GLY A C     1 
ATOM   1161 O O     . GLY A 1 199 ? 5.781   -1.470  18.357  1.00 73.33  ? 199 GLY A O     1 
ATOM   1162 N N     . CYS A 1 200 ? 4.310   -1.083  16.701  1.00 78.55  ? 200 CYS A N     1 
ATOM   1163 C CA    . CYS A 1 200 ? 5.223   -0.249  15.939  1.00 77.22  ? 200 CYS A CA    1 
ATOM   1164 C C     . CYS A 1 200 ? 5.147   1.168   16.509  1.00 79.72  ? 200 CYS A C     1 
ATOM   1165 O O     . CYS A 1 200 ? 4.056   1.761   16.538  1.00 79.49  ? 200 CYS A O     1 
ATOM   1166 C CB    . CYS A 1 200 ? 4.804   -0.228  14.472  1.00 71.54  ? 200 CYS A CB    1 
ATOM   1167 S SG    . CYS A 1 200 ? 5.733   0.948   13.458  1.00 71.20  ? 200 CYS A SG    1 
ATOM   1168 N N     . GLU A 1 201 ? 6.287   1.696   16.965  1.00 79.36  ? 201 GLU A N     1 
ATOM   1169 C CA    . GLU A 1 201 ? 6.348   3.048   17.544  1.00 78.98  ? 201 GLU A CA    1 
ATOM   1170 C C     . GLU A 1 201 ? 6.418   4.140   16.491  1.00 77.41  ? 201 GLU A C     1 
ATOM   1171 O O     . GLU A 1 201 ? 7.412   4.263   15.762  1.00 80.74  ? 201 GLU A O     1 
ATOM   1172 C CB    . GLU A 1 201 ? 7.544   3.193   18.469  1.00 82.33  ? 201 GLU A CB    1 
ATOM   1173 C CG    . GLU A 1 201 ? 7.422   2.397   19.751  1.00 95.67  ? 201 GLU A CG    1 
ATOM   1174 C CD    . GLU A 1 201 ? 8.645   2.562   20.636  1.00 111.40 ? 201 GLU A CD    1 
ATOM   1175 O OE1   . GLU A 1 201 ? 8.931   3.728   21.020  1.00 123.98 ? 201 GLU A OE1   1 
ATOM   1176 O OE2   . GLU A 1 201 ? 9.314   1.537   20.938  1.00 108.99 ? 201 GLU A OE2   1 
ATOM   1177 N N     . VAL A 1 202 ? 5.343   4.917   16.401  1.00 70.38  ? 202 VAL A N     1 
ATOM   1178 C CA    . VAL A 1 202 ? 5.268   6.032   15.476  1.00 64.02  ? 202 VAL A CA    1 
ATOM   1179 C C     . VAL A 1 202 ? 5.434   7.367   16.208  1.00 66.97  ? 202 VAL A C     1 
ATOM   1180 O O     . VAL A 1 202 ? 5.775   7.374   17.397  1.00 74.98  ? 202 VAL A O     1 
ATOM   1181 C CB    . VAL A 1 202 ? 3.889   6.063   14.829  1.00 57.56  ? 202 VAL A CB    1 
ATOM   1182 C CG1   . VAL A 1 202 ? 3.702   4.864   13.929  1.00 50.33  ? 202 VAL A CG1   1 
ATOM   1183 C CG2   . VAL A 1 202 ? 2.828   6.114   15.918  1.00 57.69  ? 202 VAL A CG2   1 
ATOM   1184 N N     . ASP A 1 203 ? 5.199   8.484   15.514  1.00 64.85  ? 203 ASP A N     1 
ATOM   1185 C CA    . ASP A 1 203 ? 5.351   9.815   16.109  1.00 64.25  ? 203 ASP A CA    1 
ATOM   1186 C C     . ASP A 1 203 ? 4.142   10.713  16.050  1.00 70.73  ? 203 ASP A C     1 
ATOM   1187 O O     . ASP A 1 203 ? 3.057   10.293  15.619  1.00 69.92  ? 203 ASP A O     1 
ATOM   1188 C CB    . ASP A 1 203 ? 6.453   10.548  15.352  1.00 66.12  ? 203 ASP A CB    1 
ATOM   1189 C CG    . ASP A 1 203 ? 6.215   10.601  13.848  1.00 65.26  ? 203 ASP A CG    1 
ATOM   1190 O OD1   . ASP A 1 203 ? 5.119   10.203  13.384  1.00 67.21  ? 203 ASP A OD1   1 
ATOM   1191 O OD2   . ASP A 1 203 ? 7.142   11.052  13.129  1.00 62.38  ? 203 ASP A OD2   1 
ATOM   1192 N N     . GLU A 1 204 ? 4.334   11.951  16.513  1.00 72.56  ? 204 GLU A N     1 
ATOM   1193 C CA    . GLU A 1 204 ? 3.256   12.935  16.526  1.00 72.60  ? 204 GLU A CA    1 
ATOM   1194 C C     . GLU A 1 204 ? 2.601   13.137  15.155  1.00 68.50  ? 204 GLU A C     1 
ATOM   1195 O O     . GLU A 1 204 ? 1.390   13.253  15.033  1.00 72.12  ? 204 GLU A O     1 
ATOM   1196 C CB    . GLU A 1 204 ? 3.771   14.254  17.087  1.00 70.65  ? 204 GLU A CB    1 
ATOM   1197 C CG    . GLU A 1 204 ? 4.244   14.183  18.539  1.00 70.77  ? 204 GLU A CG    1 
ATOM   1198 C CD    . GLU A 1 204 ? 4.972   15.458  18.973  1.00 71.17  ? 204 GLU A CD    1 
ATOM   1199 O OE1   . GLU A 1 204 ? 6.017   15.758  18.378  1.00 77.84  ? 204 GLU A OE1   1 
ATOM   1200 O OE2   . GLU A 1 204 ? 4.521   16.165  19.894  1.00 60.08  ? 204 GLU A OE2   1 
ATOM   1201 N N     . TYR A 1 205 ? 3.425   13.163  14.123  1.00 65.66  ? 205 TYR A N     1 
ATOM   1202 C CA    . TYR A 1 205 ? 2.959   13.342  12.758  1.00 60.43  ? 205 TYR A CA    1 
ATOM   1203 C C     . TYR A 1 205 ? 2.006   12.212  12.393  1.00 60.04  ? 205 TYR A C     1 
ATOM   1204 O O     . TYR A 1 205 ? 0.967   12.446  11.795  1.00 67.10  ? 205 TYR A O     1 
ATOM   1205 C CB    . TYR A 1 205 ? 4.167   13.332  11.851  1.00 66.13  ? 205 TYR A CB    1 
ATOM   1206 C CG    . TYR A 1 205 ? 3.959   13.754  10.425  1.00 67.59  ? 205 TYR A CG    1 
ATOM   1207 C CD1   . TYR A 1 205 ? 4.748   14.745  9.864   1.00 70.53  ? 205 TYR A CD1   1 
ATOM   1208 C CD2   . TYR A 1 205 ? 3.047   13.105  9.606   1.00 69.91  ? 205 TYR A CD2   1 
ATOM   1209 C CE1   . TYR A 1 205 ? 4.611   15.102  8.532   1.00 70.10  ? 205 TYR A CE1   1 
ATOM   1210 C CE2   . TYR A 1 205 ? 2.880   13.467  8.291   1.00 64.51  ? 205 TYR A CE2   1 
ATOM   1211 C CZ    . TYR A 1 205 ? 3.654   14.456  7.761   1.00 69.01  ? 205 TYR A CZ    1 
ATOM   1212 O OH    . TYR A 1 205 ? 3.459   14.782  6.451   1.00 74.46  ? 205 TYR A OH    1 
ATOM   1213 N N     . MET A 1 206 ? 2.343   10.982  12.749  1.00 59.01  ? 206 MET A N     1 
ATOM   1214 C CA    . MET A 1 206 ? 1.454   9.868   12.438  1.00 63.46  ? 206 MET A CA    1 
ATOM   1215 C C     . MET A 1 206 ? 0.080   10.021  13.110  1.00 63.45  ? 206 MET A C     1 
ATOM   1216 O O     . MET A 1 206 ? -0.969  9.891   12.462  1.00 56.48  ? 206 MET A O     1 
ATOM   1217 C CB    . MET A 1 206 ? 2.078   8.540   12.848  1.00 60.18  ? 206 MET A CB    1 
ATOM   1218 C CG    . MET A 1 206 ? 1.115   7.345   12.758  1.00 61.05  ? 206 MET A CG    1 
ATOM   1219 S SD    . MET A 1 206 ? 0.461   6.927   11.131  1.00 66.24  ? 206 MET A SD    1 
ATOM   1220 C CE    . MET A 1 206 ? 1.571   5.609   10.620  1.00 61.31  ? 206 MET A CE    1 
ATOM   1221 N N     . TYR A 1 207 ? 0.103   10.299  14.411  1.00 62.50  ? 207 TYR A N     1 
ATOM   1222 C CA    . TYR A 1 207 ? -1.130  10.429  15.173  1.00 60.84  ? 207 TYR A CA    1 
ATOM   1223 C C     . TYR A 1 207 ? -1.982  11.531  14.597  1.00 61.30  ? 207 TYR A C     1 
ATOM   1224 O O     . TYR A 1 207 ? -3.177  11.351  14.360  1.00 59.92  ? 207 TYR A O     1 
ATOM   1225 C CB    . TYR A 1 207 ? -0.829  10.705  16.653  1.00 59.22  ? 207 TYR A CB    1 
ATOM   1226 C CG    . TYR A 1 207 ? -0.164  9.540   17.355  1.00 62.15  ? 207 TYR A CG    1 
ATOM   1227 C CD1   . TYR A 1 207 ? -0.783  8.290   17.429  1.00 59.39  ? 207 TYR A CD1   1 
ATOM   1228 C CD2   . TYR A 1 207 ? 1.098   9.686   17.937  1.00 67.37  ? 207 TYR A CD2   1 
ATOM   1229 C CE1   . TYR A 1 207 ? -0.156  7.208   18.048  1.00 61.58  ? 207 TYR A CE1   1 
ATOM   1230 C CE2   . TYR A 1 207 ? 1.743   8.622   18.576  1.00 67.76  ? 207 TYR A CE2   1 
ATOM   1231 C CZ    . TYR A 1 207 ? 1.112   7.385   18.638  1.00 66.40  ? 207 TYR A CZ    1 
ATOM   1232 O OH    . TYR A 1 207 ? 1.780   6.344   19.259  1.00 65.34  ? 207 TYR A OH    1 
ATOM   1233 N N     . ARG A 1 208 ? -1.343  12.674  14.361  1.00 63.65  ? 208 ARG A N     1 
ATOM   1234 C CA    . ARG A 1 208 ? -2.030  13.845  13.844  1.00 66.92  ? 208 ARG A CA    1 
ATOM   1235 C C     . ARG A 1 208 ? -2.759  13.486  12.551  1.00 65.47  ? 208 ARG A C     1 
ATOM   1236 O O     . ARG A 1 208 ? -3.902  13.892  12.338  1.00 64.34  ? 208 ARG A O     1 
ATOM   1237 C CB    . ARG A 1 208 ? -1.040  14.986  13.637  1.00 68.95  ? 208 ARG A CB    1 
ATOM   1238 C CG    . ARG A 1 208 ? -1.503  16.331  14.192  1.00 77.82  ? 208 ARG A CG    1 
ATOM   1239 C CD    . ARG A 1 208 ? -1.073  17.512  13.305  1.00 93.70  ? 208 ARG A CD    1 
ATOM   1240 N NE    . ARG A 1 208 ? -1.654  17.510  11.945  1.00 109.17 ? 208 ARG A NE    1 
ATOM   1241 C CZ    . ARG A 1 208 ? -1.147  16.878  10.870  1.00 110.92 ? 208 ARG A CZ    1 
ATOM   1242 N NH1   . ARG A 1 208 ? -0.019  16.164  10.936  1.00 92.32  ? 208 ARG A NH1   1 
ATOM   1243 N NH2   . ARG A 1 208 ? -1.776  16.973  9.701   1.00 108.33 ? 208 ARG A NH2   1 
ATOM   1244 N N     . VAL A 1 209 ? -2.105  12.686  11.715  1.00 64.09  ? 209 VAL A N     1 
ATOM   1245 C CA    . VAL A 1 209 ? -2.694  12.246  10.442  1.00 60.36  ? 209 VAL A CA    1 
ATOM   1246 C C     . VAL A 1 209 ? -3.943  11.398  10.682  1.00 61.19  ? 209 VAL A C     1 
ATOM   1247 O O     . VAL A 1 209 ? -4.985  11.647  10.082  1.00 65.46  ? 209 VAL A O     1 
ATOM   1248 C CB    . VAL A 1 209 ? -1.666  11.472  9.577   1.00 54.08  ? 209 VAL A CB    1 
ATOM   1249 C CG1   . VAL A 1 209 ? -2.336  10.799  8.391   1.00 49.26  ? 209 VAL A CG1   1 
ATOM   1250 C CG2   . VAL A 1 209 ? -0.594  12.410  9.082   1.00 49.61  ? 209 VAL A CG2   1 
ATOM   1251 N N     . MET A 1 210 ? -3.820  10.400  11.555  1.00 58.89  ? 210 MET A N     1 
ATOM   1252 C CA    . MET A 1 210 ? -4.922  9.501   11.854  1.00 56.13  ? 210 MET A CA    1 
ATOM   1253 C C     . MET A 1 210 ? -6.035  10.212  12.611  1.00 58.86  ? 210 MET A C     1 
ATOM   1254 O O     . MET A 1 210 ? -7.203  10.078  12.263  1.00 58.30  ? 210 MET A O     1 
ATOM   1255 C CB    . MET A 1 210 ? -4.440  8.320   12.683  1.00 59.19  ? 210 MET A CB    1 
ATOM   1256 C CG    . MET A 1 210 ? -3.813  7.182   11.907  1.00 61.07  ? 210 MET A CG    1 
ATOM   1257 S SD    . MET A 1 210 ? -4.904  6.383   10.736  1.00 63.00  ? 210 MET A SD    1 
ATOM   1258 C CE    . MET A 1 210 ? -6.045  5.530   11.834  1.00 65.10  ? 210 MET A CE    1 
ATOM   1259 N N     . ALA A 1 211 ? -5.669  10.970  13.641  1.00 59.10  ? 211 ALA A N     1 
ATOM   1260 C CA    . ALA A 1 211 ? -6.651  11.701  14.428  1.00 54.63  ? 211 ALA A CA    1 
ATOM   1261 C C     . ALA A 1 211 ? -7.523  12.552  13.513  1.00 58.71  ? 211 ALA A C     1 
ATOM   1262 O O     . ALA A 1 211 ? -8.734  12.400  13.534  1.00 66.81  ? 211 ALA A O     1 
ATOM   1263 C CB    . ALA A 1 211 ? -5.960  12.584  15.443  1.00 61.76  ? 211 ALA A CB    1 
ATOM   1264 N N     . LYS A 1 212 ? -6.914  13.429  12.711  1.00 59.38  ? 212 LYS A N     1 
ATOM   1265 C CA    . LYS A 1 212 ? -7.650  14.265  11.758  1.00 64.93  ? 212 LYS A CA    1 
ATOM   1266 C C     . LYS A 1 212 ? -8.384  13.413  10.723  1.00 66.57  ? 212 LYS A C     1 
ATOM   1267 O O     . LYS A 1 212 ? -9.526  13.684  10.372  1.00 72.95  ? 212 LYS A O     1 
ATOM   1268 C CB    . LYS A 1 212 ? -6.704  15.239  11.024  1.00 66.89  ? 212 LYS A CB    1 
ATOM   1269 C CG    . LYS A 1 212 ? -5.915  16.167  11.929  1.00 80.69  ? 212 LYS A CG    1 
ATOM   1270 C CD    . LYS A 1 212 ? -6.843  17.048  12.777  1.00 85.69  ? 212 LYS A CD    1 
ATOM   1271 C CE    . LYS A 1 212 ? -6.224  17.452  14.124  1.00 82.58  ? 212 LYS A CE    1 
ATOM   1272 N NZ    . LYS A 1 212 ? -5.992  16.294  15.058  1.00 82.78  ? 212 LYS A NZ    1 
ATOM   1273 N N     . GLY A 1 213 ? -7.720  12.382  10.229  1.00 63.21  ? 213 GLY A N     1 
ATOM   1274 C CA    . GLY A 1 213 ? -8.326  11.544  9.228   1.00 60.46  ? 213 GLY A CA    1 
ATOM   1275 C C     . GLY A 1 213 ? -9.639  10.939  9.696   1.00 66.16  ? 213 GLY A C     1 
ATOM   1276 O O     . GLY A 1 213 ? -10.681 11.178  9.097   1.00 65.52  ? 213 GLY A O     1 
ATOM   1277 N N     . MET A 1 214 ? -9.591  10.165  10.777  1.00 63.92  ? 214 MET A N     1 
ATOM   1278 C CA    . MET A 1 214 ? -10.782 9.514   11.310  1.00 60.97  ? 214 MET A CA    1 
ATOM   1279 C C     . MET A 1 214 ? -11.875 10.498  11.652  1.00 67.03  ? 214 MET A C     1 
ATOM   1280 O O     . MET A 1 214 ? -13.044 10.274  11.344  1.00 68.20  ? 214 MET A O     1 
ATOM   1281 C CB    . MET A 1 214 ? -10.444 8.717   12.555  1.00 62.66  ? 214 MET A CB    1 
ATOM   1282 C CG    . MET A 1 214 ? -9.411  7.633   12.321  1.00 65.97  ? 214 MET A CG    1 
ATOM   1283 S SD    . MET A 1 214 ? -9.941  6.438   11.096  1.00 71.80  ? 214 MET A SD    1 
ATOM   1284 C CE    . MET A 1 214 ? -9.336  7.157   9.547   1.00 72.54  ? 214 MET A CE    1 
ATOM   1285 N N     . LYS A 1 215 ? -11.501 11.595  12.292  1.00 68.91  ? 215 LYS A N     1 
ATOM   1286 C CA    . LYS A 1 215 ? -12.486 12.595  12.671  1.00 72.87  ? 215 LYS A CA    1 
ATOM   1287 C C     . LYS A 1 215 ? -13.103 13.225  11.425  1.00 71.56  ? 215 LYS A C     1 
ATOM   1288 O O     . LYS A 1 215 ? -14.271 13.608  11.442  1.00 82.49  ? 215 LYS A O     1 
ATOM   1289 C CB    . LYS A 1 215 ? -11.861 13.662  13.569  1.00 73.49  ? 215 LYS A CB    1 
ATOM   1290 C CG    . LYS A 1 215 ? -12.899 14.611  14.138  1.00 89.32  ? 215 LYS A CG    1 
ATOM   1291 C CD    . LYS A 1 215 ? -12.306 15.951  14.623  1.00 103.79 ? 215 LYS A CD    1 
ATOM   1292 C CE    . LYS A 1 215 ? -13.384 16.952  15.121  1.00 100.31 ? 215 LYS A CE    1 
ATOM   1293 N NZ    . LYS A 1 215 ? -13.053 18.424  15.116  1.00 91.69  ? 215 LYS A NZ    1 
ATOM   1294 N N     . ARG A 1 216 ? -12.336 13.312  10.345  1.00 66.31  ? 216 ARG A N     1 
ATOM   1295 C CA    . ARG A 1 216 ? -12.819 13.945  9.119   1.00 66.00  ? 216 ARG A CA    1 
ATOM   1296 C C     . ARG A 1 216 ? -13.558 12.986  8.212   1.00 69.12  ? 216 ARG A C     1 
ATOM   1297 O O     . ARG A 1 216 ? -14.065 13.397  7.193   1.00 68.78  ? 216 ARG A O     1 
ATOM   1298 C CB    . ARG A 1 216 ? -11.657 14.570  8.359   1.00 70.71  ? 216 ARG A CB    1 
ATOM   1299 C CG    . ARG A 1 216 ? -12.005 15.357  7.097   1.00 83.17  ? 216 ARG A CG    1 
ATOM   1300 C CD    . ARG A 1 216 ? -10.808 16.120  6.503   1.00 101.11 ? 216 ARG A CD    1 
ATOM   1301 N NE    . ARG A 1 216 ? -10.066 16.923  7.503   1.00 125.06 ? 216 ARG A NE    1 
ATOM   1302 C CZ    . ARG A 1 216 ? -9.040  17.745  7.240   1.00 123.61 ? 216 ARG A CZ    1 
ATOM   1303 N NH1   . ARG A 1 216 ? -8.619  17.908  5.992   1.00 120.34 ? 216 ARG A NH1   1 
ATOM   1304 N NH2   . ARG A 1 216 ? -8.429  18.407  8.225   1.00 109.25 ? 216 ARG A NH2   1 
ATOM   1305 N N     . LEU A 1 217 ? -13.611 11.709  8.573   1.00 76.68  ? 217 LEU A N     1 
ATOM   1306 C CA    . LEU A 1 217 ? -14.269 10.704  7.729   1.00 75.70  ? 217 LEU A CA    1 
ATOM   1307 C C     . LEU A 1 217 ? -15.416 9.984   8.437   1.00 73.52  ? 217 LEU A C     1 
ATOM   1308 O O     . LEU A 1 217 ? -15.880 8.932   7.968   1.00 68.00  ? 217 LEU A O     1 
ATOM   1309 C CB    . LEU A 1 217 ? -13.256 9.664   7.240   1.00 77.58  ? 217 LEU A CB    1 
ATOM   1310 C CG    . LEU A 1 217 ? -12.251 10.083  6.165   1.00 75.02  ? 217 LEU A CG    1 
ATOM   1311 C CD1   . LEU A 1 217 ? -11.328 8.905   5.783   1.00 81.26  ? 217 LEU A CD1   1 
ATOM   1312 C CD2   . LEU A 1 217 ? -12.963 10.599  4.937   1.00 67.31  ? 217 LEU A CD2   1 
ATOM   1313 N N     . GLY A 1 218 ? -15.837 10.523  9.578   1.00 69.98  ? 218 GLY A N     1 
ATOM   1314 C CA    . GLY A 1 218 ? -16.975 9.983   10.290  1.00 70.78  ? 218 GLY A CA    1 
ATOM   1315 C C     . GLY A 1 218 ? -16.666 9.071   11.463  1.00 78.39  ? 218 GLY A C     1 
ATOM   1316 O O     . GLY A 1 218 ? -17.447 8.988   12.399  1.00 91.40  ? 218 GLY A O     1 
ATOM   1317 N N     . LEU A 1 219 ? -15.546 8.361   11.406  1.00 72.88  ? 219 LEU A N     1 
ATOM   1318 C CA    . LEU A 1 219 ? -15.160 7.451   12.462  1.00 70.77  ? 219 LEU A CA    1 
ATOM   1319 C C     . LEU A 1 219 ? -14.658 8.246   13.670  1.00 73.41  ? 219 LEU A C     1 
ATOM   1320 O O     . LEU A 1 219 ? -13.461 8.426   13.837  1.00 81.47  ? 219 LEU A O     1 
ATOM   1321 C CB    . LEU A 1 219 ? -14.079 6.495   11.966  1.00 72.31  ? 219 LEU A CB    1 
ATOM   1322 C CG    . LEU A 1 219 ? -14.298 5.883   10.577  1.00 73.94  ? 219 LEU A CG    1 
ATOM   1323 C CD1   . LEU A 1 219 ? -13.266 4.784   10.296  1.00 72.91  ? 219 LEU A CD1   1 
ATOM   1324 C CD2   . LEU A 1 219 ? -15.722 5.341   10.471  1.00 75.02  ? 219 LEU A CD2   1 
ATOM   1325 N N     . ASP A 1 220 ? -15.580 8.708   14.505  1.00 70.68  ? 220 ASP A N     1 
ATOM   1326 C CA    . ASP A 1 220 ? -15.239 9.468   15.697  1.00 71.51  ? 220 ASP A CA    1 
ATOM   1327 C C     . ASP A 1 220 ? -14.723 8.640   16.860  1.00 73.64  ? 220 ASP A C     1 
ATOM   1328 O O     . ASP A 1 220 ? -13.791 9.049   17.556  1.00 73.60  ? 220 ASP A O     1 
ATOM   1329 C CB    . ASP A 1 220 ? -16.428 10.304  16.127  1.00 73.62  ? 220 ASP A CB    1 
ATOM   1330 C CG    . ASP A 1 220 ? -16.656 11.471  15.186  1.00 92.74  ? 220 ASP A CG    1 
ATOM   1331 O OD1   . ASP A 1 220 ? -15.850 12.447  15.210  1.00 104.44 ? 220 ASP A OD1   1 
ATOM   1332 O OD2   . ASP A 1 220 ? -17.612 11.404  14.385  1.00 99.68  ? 220 ASP A OD2   1 
ATOM   1333 N N     . GLU A 1 221 ? -15.324 7.482   17.087  1.00 75.91  ? 221 GLU A N     1 
ATOM   1334 C CA    . GLU A 1 221 ? -14.857 6.629   18.186  1.00 77.02  ? 221 GLU A CA    1 
ATOM   1335 C C     . GLU A 1 221 ? -13.403 6.315   17.922  1.00 75.41  ? 221 GLU A C     1 
ATOM   1336 O O     . GLU A 1 221 ? -12.605 6.233   18.854  1.00 71.76  ? 221 GLU A O     1 
ATOM   1337 C CB    . GLU A 1 221 ? -15.658 5.320   18.271  1.00 92.35  ? 221 GLU A CB    1 
ATOM   1338 C CG    . GLU A 1 221 ? -17.168 5.463   18.514  1.00 111.33 ? 221 GLU A CG    1 
ATOM   1339 C CD    . GLU A 1 221 ? -17.951 5.940   17.275  1.00 124.93 ? 221 GLU A CD    1 
ATOM   1340 O OE1   . GLU A 1 221 ? -17.888 5.266   16.218  1.00 119.46 ? 221 GLU A OE1   1 
ATOM   1341 O OE2   . GLU A 1 221 ? -18.639 6.998   17.346  1.00 125.93 ? 221 GLU A OE2   1 
ATOM   1342 N N     . GLU A 1 222 ? -13.066 6.139   16.643  1.00 75.43  ? 222 GLU A N     1 
ATOM   1343 C CA    . GLU A 1 222 ? -11.704 5.829   16.235  1.00 73.74  ? 222 GLU A CA    1 
ATOM   1344 C C     . GLU A 1 222 ? -10.787 7.015   16.524  1.00 73.83  ? 222 GLU A C     1 
ATOM   1345 O O     . GLU A 1 222 ? -9.712  6.864   17.111  1.00 74.80  ? 222 GLU A O     1 
ATOM   1346 C CB    . GLU A 1 222 ? -11.662 5.501   14.744  1.00 72.67  ? 222 GLU A CB    1 
ATOM   1347 C CG    . GLU A 1 222 ? -12.205 4.120   14.374  1.00 80.46  ? 222 GLU A CG    1 
ATOM   1348 C CD    . GLU A 1 222 ? -13.695 3.962   14.644  1.00 86.41  ? 222 GLU A CD    1 
ATOM   1349 O OE1   . GLU A 1 222 ? -14.474 4.928   14.461  1.00 77.93  ? 222 GLU A OE1   1 
ATOM   1350 O OE2   . GLU A 1 222 ? -14.107 2.858   15.036  1.00 86.55  ? 222 GLU A OE2   1 
ATOM   1351 N N     . ALA A 1 223 ? -11.230 8.195   16.101  1.00 72.34  ? 223 ALA A N     1 
ATOM   1352 C CA    . ALA A 1 223 ? -10.491 9.435   16.306  1.00 70.15  ? 223 ALA A CA    1 
ATOM   1353 C C     . ALA A 1 223 ? -10.181 9.666   17.784  1.00 75.30  ? 223 ALA A C     1 
ATOM   1354 O O     . ALA A 1 223 ? -9.078  10.085  18.136  1.00 85.61  ? 223 ALA A O     1 
ATOM   1355 C CB    . ALA A 1 223 ? -11.263 10.623  15.712  1.00 57.40  ? 223 ALA A CB    1 
ATOM   1356 N N     . ALA A 1 224 ? -11.156 9.383   18.641  1.00 77.64  ? 224 ALA A N     1 
ATOM   1357 C CA    . ALA A 1 224 ? -10.993 9.571   20.078  1.00 73.47  ? 224 ALA A CA    1 
ATOM   1358 C C     . ALA A 1 224 ? -9.907  8.654   20.603  1.00 71.82  ? 224 ALA A C     1 
ATOM   1359 O O     . ALA A 1 224 ? -9.181  9.017   21.521  1.00 71.64  ? 224 ALA A O     1 
ATOM   1360 C CB    . ALA A 1 224 ? -12.303 9.304   20.792  1.00 74.83  ? 224 ALA A CB    1 
ATOM   1361 N N     . GLU A 1 225 ? -9.804  7.464   20.014  1.00 69.05  ? 225 GLU A N     1 
ATOM   1362 C CA    . GLU A 1 225 ? -8.799  6.493   20.420  1.00 72.83  ? 225 GLU A CA    1 
ATOM   1363 C C     . GLU A 1 225 ? -7.400  6.940   20.046  1.00 71.77  ? 225 GLU A C     1 
ATOM   1364 O O     . GLU A 1 225 ? -6.464  6.830   20.845  1.00 69.90  ? 225 GLU A O     1 
ATOM   1365 C CB    . GLU A 1 225 ? -9.092  5.138   19.806  1.00 70.89  ? 225 GLU A CB    1 
ATOM   1366 C CG    . GLU A 1 225 ? -10.422 4.563   20.256  1.00 85.22  ? 225 GLU A CG    1 
ATOM   1367 C CD    . GLU A 1 225 ? -10.706 3.210   19.632  1.00 105.84 ? 225 GLU A CD    1 
ATOM   1368 O OE1   . GLU A 1 225 ? -9.851  2.297   19.783  1.00 101.56 ? 225 GLU A OE1   1 
ATOM   1369 O OE2   . GLU A 1 225 ? -11.783 3.070   18.984  1.00 111.02 ? 225 GLU A OE2   1 
ATOM   1370 N N     . VAL A 1 226 ? -7.268  7.451   18.825  1.00 76.87  ? 226 VAL A N     1 
ATOM   1371 C CA    . VAL A 1 226 ? -5.985  7.941   18.317  1.00 70.80  ? 226 VAL A CA    1 
ATOM   1372 C C     . VAL A 1 226 ? -5.496  9.082   19.198  1.00 68.70  ? 226 VAL A C     1 
ATOM   1373 O O     . VAL A 1 226 ? -4.311  9.152   19.525  1.00 68.09  ? 226 VAL A O     1 
ATOM   1374 C CB    . VAL A 1 226 ? -6.100  8.431   16.860  1.00 69.26  ? 226 VAL A CB    1 
ATOM   1375 C CG1   . VAL A 1 226 ? -4.820  9.113   16.434  1.00 71.23  ? 226 VAL A CG1   1 
ATOM   1376 C CG2   . VAL A 1 226 ? -6.406  7.274   15.932  1.00 67.57  ? 226 VAL A CG2   1 
ATOM   1377 N N     . GLU A 1 227 ? -6.413  9.966   19.589  1.00 69.29  ? 227 GLU A N     1 
ATOM   1378 C CA    . GLU A 1 227 ? -6.064  11.082  20.461  1.00 67.38  ? 227 GLU A CA    1 
ATOM   1379 C C     . GLU A 1 227 ? -5.594  10.541  21.805  1.00 72.42  ? 227 GLU A C     1 
ATOM   1380 O O     . GLU A 1 227 ? -4.756  11.155  22.457  1.00 76.20  ? 227 GLU A O     1 
ATOM   1381 C CB    . GLU A 1 227 ? -7.253  12.014  20.674  1.00 65.58  ? 227 GLU A CB    1 
ATOM   1382 C CG    . GLU A 1 227 ? -7.734  12.685  19.410  1.00 69.14  ? 227 GLU A CG    1 
ATOM   1383 C CD    . GLU A 1 227 ? -8.736  13.787  19.654  1.00 74.70  ? 227 GLU A CD    1 
ATOM   1384 O OE1   . GLU A 1 227 ? -9.736  13.559  20.352  1.00 79.16  ? 227 GLU A OE1   1 
ATOM   1385 O OE2   . GLU A 1 227 ? -8.527  14.873  19.111  1.00 78.50  ? 227 GLU A OE2   1 
ATOM   1386 N N     . ALA A 1 228 ? -6.152  9.397   22.213  1.00 67.85  ? 228 ALA A N     1 
ATOM   1387 C CA    . ALA A 1 228 ? -5.803  8.750   23.466  1.00 61.21  ? 228 ALA A CA    1 
ATOM   1388 C C     . ALA A 1 228 ? -4.385  8.174   23.373  1.00 70.54  ? 228 ALA A C     1 
ATOM   1389 O O     . ALA A 1 228 ? -3.570  8.363   24.278  1.00 71.86  ? 228 ALA A O     1 
ATOM   1390 C CB    . ALA A 1 228 ? -6.779  7.655   23.745  1.00 57.49  ? 228 ALA A CB    1 
ATOM   1391 N N     . ASP A 1 229 ? -4.093  7.479   22.274  1.00 69.46  ? 229 ASP A N     1 
ATOM   1392 C CA    . ASP A 1 229 ? -2.754  6.919   22.044  1.00 65.15  ? 229 ASP A CA    1 
ATOM   1393 C C     . ASP A 1 229 ? -1.702  8.005   22.044  1.00 70.58  ? 229 ASP A C     1 
ATOM   1394 O O     . ASP A 1 229 ? -0.595  7.818   22.563  1.00 70.57  ? 229 ASP A O     1 
ATOM   1395 C CB    . ASP A 1 229 ? -2.683  6.192   20.708  1.00 60.61  ? 229 ASP A CB    1 
ATOM   1396 C CG    . ASP A 1 229 ? -3.817  5.264   20.508  1.00 70.52  ? 229 ASP A CG    1 
ATOM   1397 O OD1   . ASP A 1 229 ? -4.108  4.505   21.443  1.00 76.49  ? 229 ASP A OD1   1 
ATOM   1398 O OD2   . ASP A 1 229 ? -4.419  5.286   19.423  1.00 81.59  ? 229 ASP A OD2   1 
ATOM   1399 N N     . LEU A 1 230 ? -2.053  9.141   21.432  1.00 70.49  ? 230 LEU A N     1 
ATOM   1400 C CA    . LEU A 1 230 ? -1.159  10.290  21.367  1.00 67.34  ? 230 LEU A CA    1 
ATOM   1401 C C     . LEU A 1 230 ? -0.970  10.835  22.778  1.00 69.03  ? 230 LEU A C     1 
ATOM   1402 O O     . LEU A 1 230 ? 0.150   11.167  23.171  1.00 70.60  ? 230 LEU A O     1 
ATOM   1403 C CB    . LEU A 1 230 ? -1.742  11.389  20.474  1.00 62.11  ? 230 LEU A CB    1 
ATOM   1404 C CG    . LEU A 1 230 ? -0.945  12.693  20.420  1.00 60.27  ? 230 LEU A CG    1 
ATOM   1405 C CD1   . LEU A 1 230 ? 0.450   12.487  19.829  1.00 56.60  ? 230 LEU A CD1   1 
ATOM   1406 C CD2   . LEU A 1 230 ? -1.749  13.647  19.536  1.00 54.43  ? 230 LEU A CD2   1 
ATOM   1407 N N     . ALA A 1 231 ? -2.067  10.916  23.534  1.00 63.66  ? 231 ALA A N     1 
ATOM   1408 C CA    . ALA A 1 231 ? -2.029  11.428  24.900  1.00 69.42  ? 231 ALA A CA    1 
ATOM   1409 C C     . ALA A 1 231 ? -1.031  10.629  25.697  1.00 72.76  ? 231 ALA A C     1 
ATOM   1410 O O     . ALA A 1 231 ? -0.246  11.175  26.487  1.00 71.01  ? 231 ALA A O     1 
ATOM   1411 C CB    . ALA A 1 231 ? -3.388  11.333  25.538  1.00 65.93  ? 231 ALA A CB    1 
ATOM   1412 N N     . ASP A 1 232 ? -1.089  9.322   25.481  1.00 74.66  ? 232 ASP A N     1 
ATOM   1413 C CA    . ASP A 1 232 ? -0.201  8.390   26.140  1.00 77.17  ? 232 ASP A CA    1 
ATOM   1414 C C     . ASP A 1 232 ? 1.225   8.585   25.593  1.00 74.33  ? 232 ASP A C     1 
ATOM   1415 O O     . ASP A 1 232 ? 2.208   8.438   26.317  1.00 69.43  ? 232 ASP A O     1 
ATOM   1416 C CB    . ASP A 1 232 ? -0.696  6.967   25.919  1.00 78.88  ? 232 ASP A CB    1 
ATOM   1417 C CG    . ASP A 1 232 ? 0.349   5.929   26.323  1.00 93.30  ? 232 ASP A CG    1 
ATOM   1418 O OD1   . ASP A 1 232 ? 0.730   5.897   27.525  1.00 94.04  ? 232 ASP A OD1   1 
ATOM   1419 O OD2   . ASP A 1 232 ? 0.791   5.154   25.432  1.00 97.88  ? 232 ASP A OD2   1 
ATOM   1420 N N     . TRP A 1 233 ? 1.319   8.933   24.314  1.00 70.17  ? 233 TRP A N     1 
ATOM   1421 C CA    . TRP A 1 233 ? 2.616   9.163   23.682  1.00 68.28  ? 233 TRP A CA    1 
ATOM   1422 C C     . TRP A 1 233 ? 3.252   10.410  24.288  1.00 68.60  ? 233 TRP A C     1 
ATOM   1423 O O     . TRP A 1 233 ? 4.413   10.395  24.716  1.00 69.59  ? 233 TRP A O     1 
ATOM   1424 C CB    . TRP A 1 233 ? 2.429   9.345   22.159  1.00 66.79  ? 233 TRP A CB    1 
ATOM   1425 C CG    . TRP A 1 233 ? 3.729   9.393   21.404  1.00 64.17  ? 233 TRP A CG    1 
ATOM   1426 C CD1   . TRP A 1 233 ? 4.374   8.347   20.777  1.00 59.22  ? 233 TRP A CD1   1 
ATOM   1427 C CD2   . TRP A 1 233 ? 4.592   10.555  21.226  1.00 63.77  ? 233 TRP A CD2   1 
ATOM   1428 N NE1   . TRP A 1 233 ? 5.561   8.764   20.247  1.00 60.12  ? 233 TRP A NE1   1 
ATOM   1429 C CE2   . TRP A 1 233 ? 5.751   10.089  20.480  1.00 61.04  ? 233 TRP A CE2   1 
ATOM   1430 C CE3   . TRP A 1 233 ? 4.525   11.884  21.611  1.00 61.91  ? 233 TRP A CE3   1 
ATOM   1431 C CZ2   . TRP A 1 233 ? 6.787   10.937  20.132  1.00 57.15  ? 233 TRP A CZ2   1 
ATOM   1432 C CZ3   . TRP A 1 233 ? 5.573   12.732  21.257  1.00 61.43  ? 233 TRP A CZ3   1 
ATOM   1433 C CH2   . TRP A 1 233 ? 6.684   12.262  20.535  1.00 59.60  ? 233 TRP A CH2   1 
ATOM   1434 N N     . GLU A 1 234 ? 2.477   11.474  24.329  1.00 67.29  ? 234 GLU A N     1 
ATOM   1435 C CA    . GLU A 1 234 ? 2.948   12.741  24.814  1.00 69.69  ? 234 GLU A CA    1 
ATOM   1436 C C     . GLU A 1 234 ? 3.244   12.657  26.275  1.00 72.89  ? 234 GLU A C     1 
ATOM   1437 O O     . GLU A 1 234 ? 3.889   13.511  26.823  1.00 72.92  ? 234 GLU A O     1 
ATOM   1438 C CB    . GLU A 1 234 ? 1.894   13.808  24.586  1.00 73.03  ? 234 GLU A CB    1 
ATOM   1439 C CG    . GLU A 1 234 ? 1.689   14.197  23.156  1.00 77.55  ? 234 GLU A CG    1 
ATOM   1440 C CD    . GLU A 1 234 ? 2.799   15.041  22.627  1.00 79.59  ? 234 GLU A CD    1 
ATOM   1441 O OE1   . GLU A 1 234 ? 3.606   15.518  23.422  1.00 71.60  ? 234 GLU A OE1   1 
ATOM   1442 O OE2   . GLU A 1 234 ? 2.871   15.236  21.411  1.00 79.44  ? 234 GLU A OE2   1 
ATOM   1443 N N     . ALA A 1 235 ? 2.749   11.635  26.931  1.00 71.11  ? 235 ALA A N     1 
ATOM   1444 C CA    . ALA A 1 235 ? 2.964   11.538  28.348  1.00 66.36  ? 235 ALA A CA    1 
ATOM   1445 C C     . ALA A 1 235 ? 4.322   10.975  28.554  1.00 67.79  ? 235 ALA A C     1 
ATOM   1446 O O     . ALA A 1 235 ? 5.011   11.346  29.470  1.00 73.61  ? 235 ALA A O     1 
ATOM   1447 C CB    . ALA A 1 235 ? 1.965   10.661  28.949  1.00 62.79  ? 235 ALA A CB    1 
ATOM   1448 N N     . ARG A 1 236 ? 4.720   10.098  27.660  1.00 75.65  ? 236 ARG A N     1 
ATOM   1449 C CA    . ARG A 1 236 ? 5.996   9.441   27.764  1.00 76.00  ? 236 ARG A CA    1 
ATOM   1450 C C     . ARG A 1 236 ? 7.135   10.292  27.250  1.00 77.57  ? 236 ARG A C     1 
ATOM   1451 O O     . ARG A 1 236 ? 8.269   10.069  27.613  1.00 81.28  ? 236 ARG A O     1 
ATOM   1452 C CB    . ARG A 1 236 ? 5.950   8.116   27.012  1.00 81.73  ? 236 ARG A CB    1 
ATOM   1453 C CG    . ARG A 1 236 ? 4.635   7.360   27.172  1.00 95.42  ? 236 ARG A CG    1 
ATOM   1454 C CD    . ARG A 1 236 ? 4.776   5.863   26.931  1.00 93.55  ? 236 ARG A CD    1 
ATOM   1455 N NE    . ARG A 1 236 ? 3.855   5.391   25.906  1.00 98.21  ? 236 ARG A NE    1 
ATOM   1456 C CZ    . ARG A 1 236 ? 4.098   5.458   24.604  1.00 105.58 ? 236 ARG A CZ    1 
ATOM   1457 N NH1   . ARG A 1 236 ? 5.240   5.961   24.180  1.00 101.62 ? 236 ARG A NH1   1 
ATOM   1458 N NH2   . ARG A 1 236 ? 3.211   5.018   23.727  1.00 89.77  ? 236 ARG A NH2   1 
ATOM   1459 N N     . HIS A 1 237 ? 6.849   11.239  26.371  1.00 79.05  ? 237 HIS A N     1 
ATOM   1460 C CA    . HIS A 1 237 ? 7.916   11.998  25.742  1.00 79.55  ? 237 HIS A CA    1 
ATOM   1461 C C     . HIS A 1 237 ? 7.978   13.451  26.144  1.00 83.77  ? 237 HIS A C     1 
ATOM   1462 O O     . HIS A 1 237 ? 8.994   14.099  25.985  1.00 79.89  ? 237 HIS A O     1 
ATOM   1463 C CB    . HIS A 1 237 ? 7.797   11.921  24.238  1.00 75.70  ? 237 HIS A CB    1 
ATOM   1464 C CG    . HIS A 1 237 ? 8.034   10.560  23.681  1.00 82.64  ? 237 HIS A CG    1 
ATOM   1465 N ND1   . HIS A 1 237 ? 7.089   9.565   23.736  1.00 90.54  ? 237 HIS A ND1   1 
ATOM   1466 C CD2   . HIS A 1 237 ? 9.098   10.032  23.040  1.00 80.23  ? 237 HIS A CD2   1 
ATOM   1467 C CE1   . HIS A 1 237 ? 7.563   8.481   23.157  1.00 88.48  ? 237 HIS A CE1   1 
ATOM   1468 N NE2   . HIS A 1 237 ? 8.783   8.736   22.732  1.00 86.04  ? 237 HIS A NE2   1 
ATOM   1469 N N     . LEU A 1 238 ? 6.893   13.989  26.647  1.00 81.64  ? 238 LEU A N     1 
ATOM   1470 C CA    . LEU A 1 238 ? 6.943   15.370  27.034  1.00 88.43  ? 238 LEU A CA    1 
ATOM   1471 C C     . LEU A 1 238 ? 7.865   15.519  28.229  1.00 102.97 ? 238 LEU A C     1 
ATOM   1472 O O     . LEU A 1 238 ? 8.294   14.540  28.812  1.00 109.89 ? 238 LEU A O     1 
ATOM   1473 C CB    . LEU A 1 238 ? 5.559   15.872  27.357  1.00 81.03  ? 238 LEU A CB    1 
ATOM   1474 C CG    . LEU A 1 238 ? 5.084   16.985  26.445  1.00 77.63  ? 238 LEU A CG    1 
ATOM   1475 C CD1   . LEU A 1 238 ? 5.460   16.700  25.037  1.00 74.47  ? 238 LEU A CD1   1 
ATOM   1476 C CD2   . LEU A 1 238 ? 3.621   17.094  26.553  1.00 76.52  ? 238 LEU A CD2   1 
ATOM   1477 N N     . PRO A 1 239 ? 8.189   16.759  28.573  1.00 102.30 ? 239 PRO A N     1 
ATOM   1478 C CA    . PRO A 1 239 ? 9.124   17.018  29.670  1.00 105.35 ? 239 PRO A CA    1 
ATOM   1479 C C     . PRO A 1 239 ? 8.421   17.520  30.921  1.00 114.79 ? 239 PRO A C     1 
ATOM   1480 O O     . PRO A 1 239 ? 7.574   16.826  31.485  1.00 113.48 ? 239 PRO A O     1 
ATOM   1481 C CB    . PRO A 1 239 ? 10.028  18.114  29.100  1.00 96.92  ? 239 PRO A CB    1 
ATOM   1482 C CG    . PRO A 1 239 ? 9.170   18.825  28.115  1.00 91.54  ? 239 PRO A CG    1 
ATOM   1483 C CD    . PRO A 1 239 ? 8.285   17.774  27.510  1.00 94.99  ? 239 PRO A CD    1 
ATOM   1484 N N     . ASP A 1 240 ? 8.778   18.725  31.346  1.00 115.99 ? 240 ASP A N     1 
ATOM   1485 C CA    . ASP A 1 240 ? 8.209   19.324  32.545  1.00 121.84 ? 240 ASP A CA    1 
ATOM   1486 C C     . ASP A 1 240 ? 8.794   20.697  32.825  1.00 126.20 ? 240 ASP A C     1 
ATOM   1487 O O     . ASP A 1 240 ? 9.395   21.313  31.956  1.00 107.72 ? 240 ASP A O     1 
ATOM   1488 C CB    . ASP A 1 240 ? 8.428   18.416  33.751  1.00 113.20 ? 240 ASP A CB    1 
ATOM   1489 C CG    . ASP A 1 240 ? 7.183   17.646  34.137  1.00 119.21 ? 240 ASP A CG    1 
ATOM   1490 O OD1   . ASP A 1 240 ? 7.061   16.477  33.721  1.00 105.79 ? 240 ASP A OD1   1 
ATOM   1491 O OD2   . ASP A 1 240 ? 6.328   18.203  34.858  1.00 118.02 ? 240 ASP A OD2   1 
ATOM   1492 P P     . G   B 2 3   ? 7.216   18.716  -0.167  1.00 190.50 ? 3   G   B P     1 
ATOM   1493 O OP1   . G   B 2 3   ? 8.394   19.619  -0.387  1.00 195.77 ? 3   G   B OP1   1 
ATOM   1494 O OP2   . G   B 2 3   ? 5.957   19.306  0.389   1.00 169.21 ? 3   G   B OP2   1 
ATOM   1495 O "O5'" . G   B 2 3   ? 7.688   17.533  0.802   1.00 186.93 ? 3   G   B "O5'" 1 
ATOM   1496 C "C5'" . G   B 2 3   ? 9.071   17.074  0.831   1.00 178.55 ? 3   G   B "C5'" 1 
ATOM   1497 C "C4'" . G   B 2 3   ? 9.423   16.425  2.160   1.00 188.84 ? 3   G   B "C4'" 1 
ATOM   1498 O "O4'" . G   B 2 3   ? 8.998   17.267  3.266   1.00 188.54 ? 3   G   B "O4'" 1 
ATOM   1499 C "C3'" . G   B 2 3   ? 8.779   15.074  2.443   1.00 186.99 ? 3   G   B "C3'" 1 
ATOM   1500 O "O3'" . G   B 2 3   ? 9.512   14.049  1.782   1.00 184.22 ? 3   G   B "O3'" 1 
ATOM   1501 C "C2'" . G   B 2 3   ? 8.834   14.986  3.973   1.00 180.82 ? 3   G   B "C2'" 1 
ATOM   1502 O "O2'" . G   B 2 3   ? 10.064  14.510  4.480   1.00 172.16 ? 3   G   B "O2'" 1 
ATOM   1503 C "C1'" . G   B 2 3   ? 8.680   16.454  4.386   1.00 172.30 ? 3   G   B "C1'" 1 
ATOM   1504 N N9    . G   B 2 3   ? 7.365   16.845  4.898   1.00 150.55 ? 3   G   B N9    1 
ATOM   1505 C C8    . G   B 2 3   ? 7.074   17.149  6.204   1.00 141.86 ? 3   G   B C8    1 
ATOM   1506 N N7    . G   B 2 3   ? 5.828   17.494  6.386   1.00 143.82 ? 3   G   B N7    1 
ATOM   1507 C C5    . G   B 2 3   ? 5.255   17.405  5.125   1.00 151.37 ? 3   G   B C5    1 
ATOM   1508 C C6    . G   B 2 3   ? 3.917   17.656  4.696   1.00 148.60 ? 3   G   B C6    1 
ATOM   1509 O O6    . G   B 2 3   ? 2.947   18.035  5.370   1.00 128.56 ? 3   G   B O6    1 
ATOM   1510 N N1    . G   B 2 3   ? 3.770   17.440  3.327   1.00 148.50 ? 3   G   B N1    1 
ATOM   1511 C C2    . G   B 2 3   ? 4.771   17.031  2.479   1.00 147.58 ? 3   G   B C2    1 
ATOM   1512 N N2    . G   B 2 3   ? 4.430   16.887  1.189   1.00 123.42 ? 3   G   B N2    1 
ATOM   1513 N N3    . G   B 2 3   ? 6.019   16.791  2.864   1.00 165.99 ? 3   G   B N3    1 
ATOM   1514 C C4    . G   B 2 3   ? 6.190   17.006  4.190   1.00 159.64 ? 3   G   B C4    1 
ATOM   1515 P P     . G   B 2 4   ? 9.190   12.491  2.033   1.00 182.16 ? 4   G   B P     1 
ATOM   1516 O OP1   . G   B 2 4   ? 9.968   12.092  3.247   1.00 182.02 ? 4   G   B OP1   1 
ATOM   1517 O OP2   . G   B 2 4   ? 9.426   11.776  0.743   1.00 177.57 ? 4   G   B OP2   1 
ATOM   1518 O "O5'" . G   B 2 4   ? 7.638   12.387  2.396   1.00 159.64 ? 4   G   B "O5'" 1 
ATOM   1519 C "C5'" . G   B 2 4   ? 6.884   11.210  2.032   1.00 115.97 ? 4   G   B "C5'" 1 
ATOM   1520 C "C4'" . G   B 2 4   ? 5.877   10.866  3.101   1.00 93.78  ? 4   G   B "C4'" 1 
ATOM   1521 O "O4'" . G   B 2 4   ? 6.549   10.659  4.359   1.00 86.11  ? 4   G   B "O4'" 1 
ATOM   1522 C "C3'" . G   B 2 4   ? 4.874   11.950  3.427   1.00 92.79  ? 4   G   B "C3'" 1 
ATOM   1523 O "O3'" . G   B 2 4   ? 3.798   11.902  2.506   1.00 94.45  ? 4   G   B "O3'" 1 
ATOM   1524 C "C2'" . G   B 2 4   ? 4.398   11.559  4.819   1.00 85.70  ? 4   G   B "C2'" 1 
ATOM   1525 O "O2'" . G   B 2 4   ? 3.354   10.616  4.754   1.00 90.03  ? 4   G   B "O2'" 1 
ATOM   1526 C "C1'" . G   B 2 4   ? 5.661   10.940  5.418   1.00 81.92  ? 4   G   B "C1'" 1 
ATOM   1527 N N9    . G   B 2 4   ? 6.345   11.804  6.370   1.00 79.19  ? 4   G   B N9    1 
ATOM   1528 C C8    . G   B 2 4   ? 7.042   12.959  6.102   1.00 82.45  ? 4   G   B C8    1 
ATOM   1529 N N7    . G   B 2 4   ? 7.537   13.517  7.173   1.00 86.20  ? 4   G   B N7    1 
ATOM   1530 C C5    . G   B 2 4   ? 7.152   12.676  8.207   1.00 79.17  ? 4   G   B C5    1 
ATOM   1531 C C6    . G   B 2 4   ? 7.402   12.762  9.594   1.00 71.98  ? 4   G   B C6    1 
ATOM   1532 O O6    . G   B 2 4   ? 8.026   13.628  10.209  1.00 75.56  ? 4   G   B O6    1 
ATOM   1533 N N1    . G   B 2 4   ? 6.831   11.701  10.282  1.00 70.59  ? 4   G   B N1    1 
ATOM   1534 C C2    . G   B 2 4   ? 6.107   10.688  9.710   1.00 73.82  ? 4   G   B C2    1 
ATOM   1535 N N2    . G   B 2 4   ? 5.620   9.764   10.547  1.00 77.47  ? 4   G   B N2    1 
ATOM   1536 N N3    . G   B 2 4   ? 5.864   10.596  8.414   1.00 74.52  ? 4   G   B N3    1 
ATOM   1537 C C4    . G   B 2 4   ? 6.419   11.613  7.727   1.00 79.60  ? 4   G   B C4    1 
ATOM   1538 P P     . A   B 2 5   ? 3.206   13.287  1.987   1.00 110.47 ? 5   A   B P     1 
ATOM   1539 O OP1   . A   B 2 5   ? 2.927   14.187  3.130   1.00 102.99 ? 5   A   B OP1   1 
ATOM   1540 O OP2   . A   B 2 5   ? 2.098   12.871  1.100   1.00 132.05 ? 5   A   B OP2   1 
ATOM   1541 O "O5'" . A   B 2 5   ? 4.372   13.929  1.107   1.00 114.01 ? 5   A   B "O5'" 1 
ATOM   1542 C "C5'" . A   B 2 5   ? 4.422   13.746  -0.325  1.00 123.00 ? 5   A   B "C5'" 1 
ATOM   1543 C "C4'" . A   B 2 5   ? 5.282   14.822  -0.959  1.00 135.53 ? 5   A   B "C4'" 1 
ATOM   1544 O "O4'" . A   B 2 5   ? 6.671   14.616  -0.599  1.00 136.07 ? 5   A   B "O4'" 1 
ATOM   1545 C "C3'" . A   B 2 5   ? 5.319   14.860  -2.483  1.00 151.72 ? 5   A   B "C3'" 1 
ATOM   1546 O "O3'" . A   B 2 5   ? 4.200   15.525  -3.067  1.00 171.92 ? 5   A   B "O3'" 1 
ATOM   1547 C "C2'" . A   B 2 5   ? 6.605   15.638  -2.748  1.00 149.58 ? 5   A   B "C2'" 1 
ATOM   1548 O "O2'" . A   B 2 5   ? 6.429   17.030  -2.697  1.00 146.89 ? 5   A   B "O2'" 1 
ATOM   1549 C "C1'" . A   B 2 5   ? 7.505   15.156  -1.606  1.00 142.74 ? 5   A   B "C1'" 1 
ATOM   1550 N N9    . A   B 2 5   ? 8.490   14.152  -2.017  1.00 148.41 ? 5   A   B N9    1 
ATOM   1551 C C8    . A   B 2 5   ? 9.816   14.110  -1.661  1.00 144.22 ? 5   A   B C8    1 
ATOM   1552 N N7    . A   B 2 5   ? 10.484  13.133  -2.223  1.00 148.94 ? 5   A   B N7    1 
ATOM   1553 C C5    . A   B 2 5   ? 9.536   12.487  -3.005  1.00 150.30 ? 5   A   B C5    1 
ATOM   1554 C C6    . A   B 2 5   ? 9.609   11.357  -3.838  1.00 153.64 ? 5   A   B C6    1 
ATOM   1555 N N6    . A   B 2 5   ? 10.730  10.661  -4.047  1.00 159.70 ? 5   A   B N6    1 
ATOM   1556 N N1    . A   B 2 5   ? 8.479   10.968  -4.468  1.00 151.07 ? 5   A   B N1    1 
ATOM   1557 C C2    . A   B 2 5   ? 7.357   11.667  -4.261  1.00 134.01 ? 5   A   B C2    1 
ATOM   1558 N N3    . A   B 2 5   ? 7.160   12.735  -3.494  1.00 144.27 ? 5   A   B N3    1 
ATOM   1559 C C4    . A   B 2 5   ? 8.305   13.104  -2.891  1.00 148.29 ? 5   A   B C4    1 
ATOM   1560 P P     . A   B 2 6   ? 3.532   14.933  -4.411  1.00 184.58 ? 6   A   B P     1 
ATOM   1561 O OP1   . A   B 2 6   ? 2.240   14.290  -4.034  1.00 184.74 ? 6   A   B OP1   1 
ATOM   1562 O OP2   . A   B 2 6   ? 4.576   14.146  -5.127  1.00 184.95 ? 6   A   B OP2   1 
ATOM   1563 O "O5'" . A   B 2 6   ? 3.217   16.199  -5.327  1.00 184.69 ? 6   A   B "O5'" 1 
ATOM   1564 C "C5'" . A   B 2 6   ? 2.806   16.052  -6.703  1.00 167.08 ? 6   A   B "C5'" 1 
ATOM   1565 C "C4'" . A   B 2 6   ? 3.027   17.354  -7.434  1.00 165.47 ? 6   A   B "C4'" 1 
ATOM   1566 O "O4'" . A   B 2 6   ? 2.647   17.209  -8.825  1.00 162.67 ? 6   A   B "O4'" 1 
ATOM   1567 C "C3'" . A   B 2 6   ? 2.183   18.537  -6.960  1.00 167.53 ? 6   A   B "C3'" 1 
ATOM   1568 O "O3'" . A   B 2 6   ? 2.641   19.132  -5.738  1.00 154.31 ? 6   A   B "O3'" 1 
ATOM   1569 C "C2'" . A   B 2 6   ? 2.268   19.473  -8.159  1.00 171.38 ? 6   A   B "C2'" 1 
ATOM   1570 O "O2'" . A   B 2 6   ? 3.448   20.256  -8.155  1.00 167.21 ? 6   A   B "O2'" 1 
ATOM   1571 C "C1'" . A   B 2 6   ? 2.259   18.481  -9.335  1.00 175.92 ? 6   A   B "C1'" 1 
ATOM   1572 N N9    . A   B 2 6   ? 0.956   18.353  -10.004 1.00 176.48 ? 6   A   B N9    1 
ATOM   1573 C C8    . A   B 2 6   ? 0.134   17.254  -10.075 1.00 158.51 ? 6   A   B C8    1 
ATOM   1574 N N7    . A   B 2 6   ? -0.968  17.460  -10.758 1.00 149.10 ? 6   A   B N7    1 
ATOM   1575 C C5    . A   B 2 6   ? -0.869  18.787  -11.161 1.00 162.77 ? 6   A   B C5    1 
ATOM   1576 C C6    . A   B 2 6   ? -1.721  19.622  -11.921 1.00 156.52 ? 6   A   B C6    1 
ATOM   1577 N N6    . A   B 2 6   ? -2.894  19.226  -12.429 1.00 141.12 ? 6   A   B N6    1 
ATOM   1578 N N1    . A   B 2 6   ? -1.320  20.894  -12.144 1.00 150.45 ? 6   A   B N1    1 
ATOM   1579 C C2    . A   B 2 6   ? -0.146  21.296  -11.633 1.00 154.73 ? 6   A   B C2    1 
ATOM   1580 N N3    . A   B 2 6   ? 0.738   20.611  -10.908 1.00 163.61 ? 6   A   B N3    1 
ATOM   1581 C C4    . A   B 2 6   ? 0.313   19.348  -10.705 1.00 170.66 ? 6   A   B C4    1 
HETATM 1582 O O     . HOH C 3 .   ? 9.370   -3.834  -2.346  1.00 38.67  ? 301 HOH A O     1 
HETATM 1583 O O     . HOH C 3 .   ? 10.268  11.316  12.945  1.00 42.68  ? 302 HOH A O     1 
HETATM 1584 O O     . HOH C 3 .   ? -10.205 18.328  14.329  1.00 65.80  ? 303 HOH A O     1 
HETATM 1585 O O     . HOH C 3 .   ? 4.967   19.853  33.912  1.00 71.75  ? 304 HOH A O     1 
HETATM 1586 O O     . HOH C 3 .   ? 11.280  6.385   8.825   1.00 63.07  ? 305 HOH A O     1 
HETATM 1587 O O     . HOH C 3 .   ? 16.787  -7.702  -9.190  1.00 56.26  ? 306 HOH A O     1 
HETATM 1588 O O     . HOH C 3 .   ? 5.076   1.810   -7.175  1.00 47.01  ? 307 HOH A O     1 
HETATM 1589 O O     . HOH C 3 .   ? -7.032  20.338  6.824   1.00 76.80  ? 308 HOH A O     1 
HETATM 1590 O O     . HOH C 3 .   ? -12.673 0.263   16.159  1.00 68.63  ? 309 HOH A O     1 
HETATM 1591 O O     . HOH C 3 .   ? 13.403  8.749   8.182   1.00 56.20  ? 310 HOH A O     1 
HETATM 1592 O O     . HOH C 3 .   ? -6.901  -13.290 -14.997 1.00 79.39  ? 311 HOH A O     1 
HETATM 1593 O O     . HOH C 3 .   ? 12.679  -3.991  -25.673 1.00 70.39  ? 312 HOH A O     1 
HETATM 1594 O O     . HOH D 3 .   ? 1.582   21.519  -5.269  1.00 61.59  ? 101 HOH B O     1 
HETATM 1595 O O     . HOH D 3 .   ? 3.953   20.077  1.971   1.00 61.24  ? 102 HOH B O     1 
HETATM 1596 O O     . HOH D 3 .   ? 5.620   20.822  -2.543  1.00 82.96  ? 103 HOH B O     1 
# 
